data_4OEF
# 
_entry.id   4OEF 
# 
_audit_conform.dict_name       mmcif_pdbx.dic 
_audit_conform.dict_version    5.379 
_audit_conform.dict_location   http://mmcif.pdb.org/dictionaries/ascii/mmcif_pdbx.dic 
# 
loop_
_database_2.database_id 
_database_2.database_code 
_database_2.pdbx_database_accession 
_database_2.pdbx_DOI 
PDB   4OEF         pdb_00004oef 10.2210/pdb4oef/pdb 
RCSB  RCSB084388   ?            ?                   
WWPDB D_1000084388 ?            ?                   
# 
loop_
_pdbx_database_related.db_name 
_pdbx_database_related.db_id 
_pdbx_database_related.details 
_pdbx_database_related.content_type 
PDB 4OEE . unspecified 
PDB 4OEG . unspecified 
# 
_pdbx_database_status.status_code                     REL 
_pdbx_database_status.entry_id                        4OEF 
_pdbx_database_status.recvd_initial_deposition_date   2014-01-13 
_pdbx_database_status.deposit_site                    RCSB 
_pdbx_database_status.process_site                    RCSB 
_pdbx_database_status.status_code_sf                  REL 
_pdbx_database_status.status_code_mr                  ? 
_pdbx_database_status.SG_entry                        ? 
_pdbx_database_status.status_code_cs                  ? 
_pdbx_database_status.methods_development_category    ? 
_pdbx_database_status.pdb_format_compatible           Y 
_pdbx_database_status.status_code_nmr_data            ? 
# 
loop_
_audit_author.name 
_audit_author.pdbx_ordinal 
'Li, Y.C.'    1 
'Hsiao, C.D.' 2 
# 
_citation.id                        primary 
_citation.title                     
'Interactions that influence the binding of synthetic heparan sulfate based disaccharides to fibroblast growth factor-2.' 
_citation.journal_abbrev            'Acs Chem.Biol.' 
_citation.journal_volume            9 
_citation.page_first                1712 
_citation.page_last                 1717 
_citation.year                      2014 
_citation.journal_id_ASTM           ? 
_citation.country                   US 
_citation.journal_id_ISSN           1554-8929 
_citation.journal_id_CSD            ? 
_citation.book_publisher            ? 
_citation.pdbx_database_id_PubMed   24959968 
_citation.pdbx_database_id_DOI      10.1021/cb500298q 
# 
loop_
_citation_author.citation_id 
_citation_author.name 
_citation_author.ordinal 
_citation_author.identifier_ORCID 
primary 'Li, Y.C.'      1  ? 
primary 'Ho, I.H.'      2  ? 
primary 'Ku, C.C.'      3  ? 
primary 'Zhong, Y.Q.'   4  ? 
primary 'Hu, Y.P.'      5  ? 
primary 'Chen, Z.G.'    6  ? 
primary 'Chen, C.Y.'    7  ? 
primary 'Lin, W.C.'     8  ? 
primary 'Zulueta, M.M.' 9  ? 
primary 'Hung, S.C.'    10 ? 
primary 'Lin, M.G.'     11 ? 
primary 'Wang, C.C.'    12 ? 
primary 'Hsiao, C.D.'   13 ? 
# 
_cell.entry_id           4OEF 
_cell.length_a           30.417 
_cell.length_b           33.083 
_cell.length_c           35.608 
_cell.angle_alpha        65.52 
_cell.angle_beta         72.60 
_cell.angle_gamma        77.35 
_cell.Z_PDB              1 
_cell.pdbx_unique_axis   ? 
_cell.length_a_esd       ? 
_cell.length_b_esd       ? 
_cell.length_c_esd       ? 
_cell.angle_alpha_esd    ? 
_cell.angle_beta_esd     ? 
_cell.angle_gamma_esd    ? 
# 
_symmetry.entry_id                         4OEF 
_symmetry.space_group_name_H-M             'P 1' 
_symmetry.pdbx_full_space_group_name_H-M   ? 
_symmetry.cell_setting                     ? 
_symmetry.Int_Tables_number                1 
_symmetry.space_group_name_Hall            ? 
# 
loop_
_entity.id 
_entity.type 
_entity.src_method 
_entity.pdbx_description 
_entity.formula_weight 
_entity.pdbx_number_of_molecules 
_entity.pdbx_ec 
_entity.pdbx_mutation 
_entity.pdbx_fragment 
_entity.details 
1 polymer  man 'Fibroblast growth factor 2'                                                                                    
17249.732 1  ? 'C69S, C87S' ? ? 
2 branched man '2-deoxy-6-O-sulfo-2-(sulfoamino)-alpha-D-glucopyranose-(1-4)-1-O-methyl-2-O-sulfo-alpha-L-idopyranuronic acid' 
609.512   1  ? ?            ? ? 
3 water    nat water                                                                                                           
18.015    95 ? ?            ? ? 
# 
_entity_name_com.entity_id   1 
_entity_name_com.name        'FGF-2, Basic fibroblast growth factor, bFGF, Heparin-binding growth factor 2, HBGF-2' 
# 
_entity_poly.entity_id                      1 
_entity_poly.type                           'polypeptide(L)' 
_entity_poly.nstd_linkage                   no 
_entity_poly.nstd_monomer                   no 
_entity_poly.pdbx_seq_one_letter_code       
;MAAGSITTLPALPEDGGSGAFPPGHFKDPKRLYCKNGGFFLRIHPDGRVDGVREKSDPHIKLQLQAEERGVVSIKGVSAN
RYLAMKEDGRLLASKSVTDECFFFERLESNNYNTYRSRKYTSWYVALKRTGQYKLGSKTGPGQKAILFLPMSAKS
;
_entity_poly.pdbx_seq_one_letter_code_can   
;MAAGSITTLPALPEDGGSGAFPPGHFKDPKRLYCKNGGFFLRIHPDGRVDGVREKSDPHIKLQLQAEERGVVSIKGVSAN
RYLAMKEDGRLLASKSVTDECFFFERLESNNYNTYRSRKYTSWYVALKRTGQYKLGSKTGPGQKAILFLPMSAKS
;
_entity_poly.pdbx_strand_id                 A 
_entity_poly.pdbx_target_identifier         ? 
# 
loop_
_entity_poly_seq.entity_id 
_entity_poly_seq.num 
_entity_poly_seq.mon_id 
_entity_poly_seq.hetero 
1 1   MET n 
1 2   ALA n 
1 3   ALA n 
1 4   GLY n 
1 5   SER n 
1 6   ILE n 
1 7   THR n 
1 8   THR n 
1 9   LEU n 
1 10  PRO n 
1 11  ALA n 
1 12  LEU n 
1 13  PRO n 
1 14  GLU n 
1 15  ASP n 
1 16  GLY n 
1 17  GLY n 
1 18  SER n 
1 19  GLY n 
1 20  ALA n 
1 21  PHE n 
1 22  PRO n 
1 23  PRO n 
1 24  GLY n 
1 25  HIS n 
1 26  PHE n 
1 27  LYS n 
1 28  ASP n 
1 29  PRO n 
1 30  LYS n 
1 31  ARG n 
1 32  LEU n 
1 33  TYR n 
1 34  CYS n 
1 35  LYS n 
1 36  ASN n 
1 37  GLY n 
1 38  GLY n 
1 39  PHE n 
1 40  PHE n 
1 41  LEU n 
1 42  ARG n 
1 43  ILE n 
1 44  HIS n 
1 45  PRO n 
1 46  ASP n 
1 47  GLY n 
1 48  ARG n 
1 49  VAL n 
1 50  ASP n 
1 51  GLY n 
1 52  VAL n 
1 53  ARG n 
1 54  GLU n 
1 55  LYS n 
1 56  SER n 
1 57  ASP n 
1 58  PRO n 
1 59  HIS n 
1 60  ILE n 
1 61  LYS n 
1 62  LEU n 
1 63  GLN n 
1 64  LEU n 
1 65  GLN n 
1 66  ALA n 
1 67  GLU n 
1 68  GLU n 
1 69  ARG n 
1 70  GLY n 
1 71  VAL n 
1 72  VAL n 
1 73  SER n 
1 74  ILE n 
1 75  LYS n 
1 76  GLY n 
1 77  VAL n 
1 78  SER n 
1 79  ALA n 
1 80  ASN n 
1 81  ARG n 
1 82  TYR n 
1 83  LEU n 
1 84  ALA n 
1 85  MET n 
1 86  LYS n 
1 87  GLU n 
1 88  ASP n 
1 89  GLY n 
1 90  ARG n 
1 91  LEU n 
1 92  LEU n 
1 93  ALA n 
1 94  SER n 
1 95  LYS n 
1 96  SER n 
1 97  VAL n 
1 98  THR n 
1 99  ASP n 
1 100 GLU n 
1 101 CYS n 
1 102 PHE n 
1 103 PHE n 
1 104 PHE n 
1 105 GLU n 
1 106 ARG n 
1 107 LEU n 
1 108 GLU n 
1 109 SER n 
1 110 ASN n 
1 111 ASN n 
1 112 TYR n 
1 113 ASN n 
1 114 THR n 
1 115 TYR n 
1 116 ARG n 
1 117 SER n 
1 118 ARG n 
1 119 LYS n 
1 120 TYR n 
1 121 THR n 
1 122 SER n 
1 123 TRP n 
1 124 TYR n 
1 125 VAL n 
1 126 ALA n 
1 127 LEU n 
1 128 LYS n 
1 129 ARG n 
1 130 THR n 
1 131 GLY n 
1 132 GLN n 
1 133 TYR n 
1 134 LYS n 
1 135 LEU n 
1 136 GLY n 
1 137 SER n 
1 138 LYS n 
1 139 THR n 
1 140 GLY n 
1 141 PRO n 
1 142 GLY n 
1 143 GLN n 
1 144 LYS n 
1 145 ALA n 
1 146 ILE n 
1 147 LEU n 
1 148 PHE n 
1 149 LEU n 
1 150 PRO n 
1 151 MET n 
1 152 SER n 
1 153 ALA n 
1 154 LYS n 
1 155 SER n 
# 
_entity_src_gen.entity_id                          1 
_entity_src_gen.pdbx_src_id                        1 
_entity_src_gen.pdbx_alt_source_flag               sample 
_entity_src_gen.pdbx_seq_type                      ? 
_entity_src_gen.pdbx_beg_seq_num                   ? 
_entity_src_gen.pdbx_end_seq_num                   ? 
_entity_src_gen.gene_src_common_name               human 
_entity_src_gen.gene_src_genus                     ? 
_entity_src_gen.pdbx_gene_src_gene                 'FGF2, FGFB' 
_entity_src_gen.gene_src_species                   ? 
_entity_src_gen.gene_src_strain                    ? 
_entity_src_gen.gene_src_tissue                    ? 
_entity_src_gen.gene_src_tissue_fraction           ? 
_entity_src_gen.gene_src_details                   ? 
_entity_src_gen.pdbx_gene_src_fragment             ? 
_entity_src_gen.pdbx_gene_src_scientific_name      'Homo sapiens' 
_entity_src_gen.pdbx_gene_src_ncbi_taxonomy_id     9606 
_entity_src_gen.pdbx_gene_src_variant              ? 
_entity_src_gen.pdbx_gene_src_cell_line            ? 
_entity_src_gen.pdbx_gene_src_atcc                 ? 
_entity_src_gen.pdbx_gene_src_organ                ? 
_entity_src_gen.pdbx_gene_src_organelle            ? 
_entity_src_gen.pdbx_gene_src_cell                 ? 
_entity_src_gen.pdbx_gene_src_cellular_location    ? 
_entity_src_gen.host_org_common_name               ? 
_entity_src_gen.pdbx_host_org_scientific_name      'Escherichia coli' 
_entity_src_gen.pdbx_host_org_ncbi_taxonomy_id     511693 
_entity_src_gen.host_org_genus                     ? 
_entity_src_gen.pdbx_host_org_gene                 ? 
_entity_src_gen.pdbx_host_org_organ                ? 
_entity_src_gen.host_org_species                   ? 
_entity_src_gen.pdbx_host_org_tissue               ? 
_entity_src_gen.pdbx_host_org_tissue_fraction      ? 
_entity_src_gen.pdbx_host_org_strain               'BL21(RIPL)' 
_entity_src_gen.pdbx_host_org_variant              ? 
_entity_src_gen.pdbx_host_org_cell_line            ? 
_entity_src_gen.pdbx_host_org_atcc                 ? 
_entity_src_gen.pdbx_host_org_culture_collection   ? 
_entity_src_gen.pdbx_host_org_cell                 ? 
_entity_src_gen.pdbx_host_org_organelle            ? 
_entity_src_gen.pdbx_host_org_cellular_location    ? 
_entity_src_gen.pdbx_host_org_vector_type          plasmid 
_entity_src_gen.pdbx_host_org_vector               ? 
_entity_src_gen.host_org_details                   ? 
_entity_src_gen.expression_system_id               ? 
_entity_src_gen.plasmid_name                       pET32a 
_entity_src_gen.plasmid_details                    ? 
_entity_src_gen.pdbx_description                   ? 
# 
_struct_ref.id                         1 
_struct_ref.db_name                    UNP 
_struct_ref.db_code                    FGF2_HUMAN 
_struct_ref.pdbx_db_accession          P09038 
_struct_ref.entity_id                  1 
_struct_ref.pdbx_seq_one_letter_code   
;MAAGSITTLPALPEDGGSGAFPPGHFKDPKRLYCKNGGFFLRIHPDGRVDGVREKSDPHIKLQLQAEERGVVSIKGVCAN
RYLAMKEDGRLLASKCVTDECFFFERLESNNYNTYRSRKYTSWYVALKRTGQYKLGSKTGPGQKAILFLPMSAKS
;
_struct_ref.pdbx_align_begin           134 
_struct_ref.pdbx_db_isoform            ? 
# 
_struct_ref_seq.align_id                      1 
_struct_ref_seq.ref_id                        1 
_struct_ref_seq.pdbx_PDB_id_code              4OEF 
_struct_ref_seq.pdbx_strand_id                A 
_struct_ref_seq.seq_align_beg                 1 
_struct_ref_seq.pdbx_seq_align_beg_ins_code   ? 
_struct_ref_seq.seq_align_end                 155 
_struct_ref_seq.pdbx_seq_align_end_ins_code   ? 
_struct_ref_seq.pdbx_db_accession             P09038 
_struct_ref_seq.db_align_beg                  134 
_struct_ref_seq.pdbx_db_align_beg_ins_code    ? 
_struct_ref_seq.db_align_end                  288 
_struct_ref_seq.pdbx_db_align_end_ins_code    ? 
_struct_ref_seq.pdbx_auth_seq_align_beg       -8 
_struct_ref_seq.pdbx_auth_seq_align_end       146 
# 
loop_
_struct_ref_seq_dif.align_id 
_struct_ref_seq_dif.pdbx_pdb_id_code 
_struct_ref_seq_dif.mon_id 
_struct_ref_seq_dif.pdbx_pdb_strand_id 
_struct_ref_seq_dif.seq_num 
_struct_ref_seq_dif.pdbx_pdb_ins_code 
_struct_ref_seq_dif.pdbx_seq_db_name 
_struct_ref_seq_dif.pdbx_seq_db_accession_code 
_struct_ref_seq_dif.db_mon_id 
_struct_ref_seq_dif.pdbx_seq_db_seq_num 
_struct_ref_seq_dif.details 
_struct_ref_seq_dif.pdbx_auth_seq_num 
_struct_ref_seq_dif.pdbx_ordinal 
1 4OEF SER A 78 ? UNP P09038 CYS 211 'engineered mutation' 69 1 
1 4OEF SER A 96 ? UNP P09038 CYS 229 'engineered mutation' 87 2 
# 
loop_
_chem_comp.id 
_chem_comp.type 
_chem_comp.mon_nstd_flag 
_chem_comp.name 
_chem_comp.pdbx_synonyms 
_chem_comp.formula 
_chem_comp.formula_weight 
ALA 'L-peptide linking'           y ALANINE                                                  ? 'C3 H7 N O2'      89.093  
ARG 'L-peptide linking'           y ARGININE                                                 ? 'C6 H15 N4 O2 1'  175.209 
ASN 'L-peptide linking'           y ASPARAGINE                                               ? 'C4 H8 N2 O3'     132.118 
ASP 'L-peptide linking'           y 'ASPARTIC ACID'                                          ? 'C4 H7 N O4'      133.103 
CYS 'L-peptide linking'           y CYSTEINE                                                 ? 'C3 H7 N O2 S'    121.158 
GLN 'L-peptide linking'           y GLUTAMINE                                                ? 'C5 H10 N2 O3'    146.144 
GLU 'L-peptide linking'           y 'GLUTAMIC ACID'                                          ? 'C5 H9 N O4'      147.129 
GLY 'peptide linking'             y GLYCINE                                                  ? 'C2 H5 N O2'      75.067  
HIS 'L-peptide linking'           y HISTIDINE                                                ? 'C6 H10 N3 O2 1'  156.162 
HOH non-polymer                   . WATER                                                    ? 'H2 O'            18.015  
IDY 'L-saccharide, alpha linking' n '1-O-methyl-2-O-sulfo-alpha-L-idopyranuronic acid'       
;methyl 2-O-sulfo-alpha-L-idopyranosiduronic acid; 1-O-methyl-2-O-sulfo-alpha-L-iduronic acid; 1-O-methyl-2-O-sulfo-L-iduronic acid; 1-O-methyl-2-O-sulfo-iduronic acid
;
'C7 H12 O10 S'    288.229 
ILE 'L-peptide linking'           y ISOLEUCINE                                               ? 'C6 H13 N O2'     131.173 
LEU 'L-peptide linking'           y LEUCINE                                                  ? 'C6 H13 N O2'     131.173 
LYS 'L-peptide linking'           y LYSINE                                                   ? 'C6 H15 N2 O2 1'  147.195 
MET 'L-peptide linking'           y METHIONINE                                               ? 'C5 H11 N O2 S'   149.211 
PHE 'L-peptide linking'           y PHENYLALANINE                                            ? 'C9 H11 N O2'     165.189 
PRO 'L-peptide linking'           y PROLINE                                                  ? 'C5 H9 N O2'      115.130 
SER 'L-peptide linking'           y SERINE                                                   ? 'C3 H7 N O3'      105.093 
SGN 'D-saccharide, alpha linking' n '2-deoxy-6-O-sulfo-2-(sulfoamino)-alpha-D-glucopyranose' 
;N,O6-DISULFO-GLUCOSAMINE; 6-O-sulfo-N-sulfo-alpha-D-glucosamine; 2-deoxy-6-O-sulfo-2-(sulfoamino)-alpha-D-glucose; 2-deoxy-6-O-sulfo-2-(sulfoamino)-D-glucose; 2-deoxy-6-O-sulfo-2-(sulfoamino)-glucose
;
'C6 H13 N O11 S2' 339.298 
THR 'L-peptide linking'           y THREONINE                                                ? 'C4 H9 N O3'      119.119 
TRP 'L-peptide linking'           y TRYPTOPHAN                                               ? 'C11 H12 N2 O2'   204.225 
TYR 'L-peptide linking'           y TYROSINE                                                 ? 'C9 H11 N O3'     181.189 
VAL 'L-peptide linking'           y VALINE                                                   ? 'C5 H11 N O2'     117.146 
# 
_exptl.entry_id          4OEF 
_exptl.method            'X-RAY DIFFRACTION' 
_exptl.crystals_number   1 
# 
_exptl_crystal.id                    1 
_exptl_crystal.density_meas          ? 
_exptl_crystal.density_Matthews      1.79 
_exptl_crystal.density_percent_sol   31.41 
_exptl_crystal.description           ? 
_exptl_crystal.F_000                 ? 
_exptl_crystal.preparation           ? 
# 
_exptl_crystal_grow.crystal_id      1 
_exptl_crystal_grow.method          'VAPOR DIFFUSION, HANGING DROP' 
_exptl_crystal_grow.temp            299 
_exptl_crystal_grow.temp_details    ? 
_exptl_crystal_grow.pH              4.2 
_exptl_crystal_grow.pdbx_details    
'40% polyethylene glycol 600 and 100 mM Na2HPO4/citric acid, pH 4.2, VAPOR DIFFUSION, HANGING DROP, temperature 299K' 
_exptl_crystal_grow.pdbx_pH_range   ? 
# 
_diffrn.id                     1 
_diffrn.ambient_temp           100 
_diffrn.ambient_temp_details   ? 
_diffrn.crystal_id             1 
# 
_diffrn_detector.diffrn_id              1 
_diffrn_detector.detector               'IMAGE PLATE' 
_diffrn_detector.type                   'RIGAKU RAXIS HTC' 
_diffrn_detector.pdbx_collection_date   2012-05-22 
_diffrn_detector.details                ? 
# 
_diffrn_radiation.diffrn_id                        1 
_diffrn_radiation.wavelength_id                    1 
_diffrn_radiation.pdbx_monochromatic_or_laue_m_l   M 
_diffrn_radiation.monochromator                    'Si 111 CHANNEL' 
_diffrn_radiation.pdbx_diffrn_protocol             'SINGLE WAVELENGTH' 
_diffrn_radiation.pdbx_scattering_type             x-ray 
# 
_diffrn_radiation_wavelength.id           1 
_diffrn_radiation_wavelength.wavelength   1.54178 
_diffrn_radiation_wavelength.wt           1.0 
# 
_diffrn_source.diffrn_id                   1 
_diffrn_source.source                      'ROTATING ANODE' 
_diffrn_source.type                        'RIGAKU FR-E+ SUPERBRIGHT' 
_diffrn_source.pdbx_synchrotron_site       ? 
_diffrn_source.pdbx_synchrotron_beamline   ? 
_diffrn_source.pdbx_wavelength             ? 
_diffrn_source.pdbx_wavelength_list        1.54178 
# 
_reflns.entry_id                     4OEF 
_reflns.observed_criterion_sigma_I   5 
_reflns.observed_criterion_sigma_F   0 
_reflns.d_resolution_low             25 
_reflns.d_resolution_high            1.8 
_reflns.number_obs                   10466 
_reflns.number_all                   10466 
_reflns.percent_possible_obs         94.2 
_reflns.pdbx_Rmerge_I_obs            0.046 
_reflns.pdbx_Rsym_value              0.046 
_reflns.pdbx_netI_over_sigmaI        36.2 
_reflns.B_iso_Wilson_estimate        ? 
_reflns.pdbx_redundancy              3.9 
_reflns.R_free_details               ? 
_reflns.limit_h_max                  ? 
_reflns.limit_h_min                  ? 
_reflns.limit_k_max                  ? 
_reflns.limit_k_min                  ? 
_reflns.limit_l_max                  ? 
_reflns.limit_l_min                  ? 
_reflns.observed_criterion_F_max     ? 
_reflns.observed_criterion_F_min     ? 
_reflns.pdbx_chi_squared             ? 
_reflns.pdbx_scaling_rejects         ? 
_reflns.pdbx_ordinal                 1 
_reflns.pdbx_diffrn_id               1 
# 
_reflns_shell.d_res_high             1.8 
_reflns_shell.d_res_low              1.86 
_reflns_shell.percent_possible_all   91.0 
_reflns_shell.Rmerge_I_obs           0.274 
_reflns_shell.pdbx_Rsym_value        0.274 
_reflns_shell.meanI_over_sigI_obs    6.7 
_reflns_shell.pdbx_redundancy        3.9 
_reflns_shell.percent_possible_obs   ? 
_reflns_shell.number_unique_all      ? 
_reflns_shell.number_measured_all    ? 
_reflns_shell.number_measured_obs    ? 
_reflns_shell.number_unique_obs      ? 
_reflns_shell.pdbx_chi_squared       ? 
_reflns_shell.pdbx_ordinal           1 
_reflns_shell.pdbx_diffrn_id         1 
# 
_refine.entry_id                                 4OEF 
_refine.ls_number_reflns_obs                     10464 
_refine.ls_number_reflns_all                     10466 
_refine.pdbx_ls_sigma_I                          ? 
_refine.pdbx_ls_sigma_F                          1.97 
_refine.pdbx_data_cutoff_high_absF               ? 
_refine.pdbx_data_cutoff_low_absF                ? 
_refine.pdbx_data_cutoff_high_rms_absF           ? 
_refine.ls_d_res_low                             24.304 
_refine.ls_d_res_high                            1.8 
_refine.ls_percent_reflns_obs                    93.91 
_refine.ls_R_factor_obs                          0.1744 
_refine.ls_R_factor_all                          ? 
_refine.ls_R_factor_R_work                       0.1691 
_refine.ls_R_factor_R_free                       0.2201 
_refine.ls_R_factor_R_free_error                 ? 
_refine.ls_R_factor_R_free_error_details         ? 
_refine.ls_percent_reflns_R_free                 10.01 
_refine.ls_number_reflns_R_free                  1047 
_refine.ls_number_parameters                     ? 
_refine.ls_number_restraints                     ? 
_refine.occupancy_min                            ? 
_refine.occupancy_max                            ? 
_refine.correlation_coeff_Fo_to_Fc               ? 
_refine.correlation_coeff_Fo_to_Fc_free          ? 
_refine.B_iso_mean                               ? 
_refine.aniso_B[1][1]                            ? 
_refine.aniso_B[2][2]                            ? 
_refine.aniso_B[3][3]                            ? 
_refine.aniso_B[1][2]                            ? 
_refine.aniso_B[1][3]                            ? 
_refine.aniso_B[2][3]                            ? 
_refine.solvent_model_details                    'FLAT BULK SOLVENT MODEL' 
_refine.solvent_model_param_ksol                 ? 
_refine.solvent_model_param_bsol                 ? 
_refine.pdbx_solvent_vdw_probe_radii             1.11 
_refine.pdbx_solvent_ion_probe_radii             ? 
_refine.pdbx_solvent_shrinkage_radii             0.90 
_refine.pdbx_ls_cross_valid_method               ? 
_refine.details                                  ? 
_refine.pdbx_starting_model                      'PDB ENTRY 1BFC' 
_refine.pdbx_method_to_determine_struct          'MOLECULAR REPLACEMENT' 
_refine.pdbx_isotropic_thermal_model             ? 
_refine.pdbx_stereochemistry_target_values       ML 
_refine.pdbx_stereochem_target_val_spec_case     ? 
_refine.pdbx_R_Free_selection_details            RANDOM 
_refine.pdbx_overall_ESU_R                       ? 
_refine.pdbx_overall_ESU_R_Free                  ? 
_refine.overall_SU_ML                            0.17 
_refine.pdbx_overall_phase_error                 25.12 
_refine.overall_SU_B                             ? 
_refine.overall_SU_R_Cruickshank_DPI             ? 
_refine.ls_redundancy_reflns_obs                 ? 
_refine.B_iso_min                                ? 
_refine.B_iso_max                                ? 
_refine.overall_SU_R_free                        ? 
_refine.ls_wR_factor_R_free                      ? 
_refine.ls_wR_factor_R_work                      ? 
_refine.overall_FOM_free_R_set                   ? 
_refine.overall_FOM_work_R_set                   ? 
_refine.pdbx_diffrn_id                           1 
_refine.pdbx_refine_id                           'X-RAY DIFFRACTION' 
_refine.pdbx_TLS_residual_ADP_flag               ? 
_refine.pdbx_overall_SU_R_free_Cruickshank_DPI   ? 
_refine.pdbx_overall_SU_R_Blow_DPI               ? 
_refine.pdbx_overall_SU_R_free_Blow_DPI          ? 
# 
_refine_hist.pdbx_refine_id                   'X-RAY DIFFRACTION' 
_refine_hist.cycle_id                         LAST 
_refine_hist.pdbx_number_atoms_protein        1009 
_refine_hist.pdbx_number_atoms_nucleic_acid   0 
_refine_hist.pdbx_number_atoms_ligand         37 
_refine_hist.number_atoms_solvent             95 
_refine_hist.number_atoms_total               1141 
_refine_hist.d_res_high                       1.8 
_refine_hist.d_res_low                        24.304 
# 
loop_
_refine_ls_restr.type 
_refine_ls_restr.dev_ideal 
_refine_ls_restr.dev_ideal_target 
_refine_ls_restr.weight 
_refine_ls_restr.number 
_refine_ls_restr.pdbx_restraint_function 
_refine_ls_restr.pdbx_refine_id 
f_bond_d           0.006  ? ? 1068 ? 'X-RAY DIFFRACTION' 
f_angle_d          1.197  ? ? 1436 ? 'X-RAY DIFFRACTION' 
f_dihedral_angle_d 15.090 ? ? 418  ? 'X-RAY DIFFRACTION' 
f_chiral_restr     0.083  ? ? 152  ? 'X-RAY DIFFRACTION' 
f_plane_restr      0.004  ? ? 179  ? 'X-RAY DIFFRACTION' 
# 
loop_
_refine_ls_shell.pdbx_total_number_of_bins_used 
_refine_ls_shell.d_res_high 
_refine_ls_shell.d_res_low 
_refine_ls_shell.number_reflns_R_work 
_refine_ls_shell.R_factor_R_work 
_refine_ls_shell.percent_reflns_obs 
_refine_ls_shell.R_factor_R_free 
_refine_ls_shell.R_factor_R_free_error 
_refine_ls_shell.percent_reflns_R_free 
_refine_ls_shell.number_reflns_R_free 
_refine_ls_shell.number_reflns_all 
_refine_ls_shell.R_factor_all 
_refine_ls_shell.number_reflns_obs 
_refine_ls_shell.redundancy_reflns_obs 
_refine_ls_shell.pdbx_refine_id 
. 1.7973 1.8920  1269 0.2006 89.00 0.2660 . . 140 . . . . 'X-RAY DIFFRACTION' 
. 1.8920 2.0105  1301 0.1797 92.00 0.2395 . . 145 . . . . 'X-RAY DIFFRACTION' 
. 2.0105 2.1656  1354 0.1617 93.00 0.2512 . . 151 . . . . 'X-RAY DIFFRACTION' 
. 2.1656 2.3834  1334 0.1708 94.00 0.2247 . . 148 . . . . 'X-RAY DIFFRACTION' 
. 2.3834 2.7279  1365 0.1903 95.00 0.2272 . . 152 . . . . 'X-RAY DIFFRACTION' 
. 2.7279 3.4353  1378 0.1787 97.00 0.2281 . . 153 . . . . 'X-RAY DIFFRACTION' 
. 3.4353 24.3061 1416 0.1492 98.00 0.1907 . . 158 . . . . 'X-RAY DIFFRACTION' 
# 
_struct.entry_id                  4OEF 
_struct.title                     'Crystal Structure Analysis of FGF2-Disaccharide (S6I2) complex' 
_struct.pdbx_model_details        ? 
_struct.pdbx_CASP_flag            ? 
_struct.pdbx_model_type_details   ? 
# 
_struct_keywords.entry_id        4OEF 
_struct_keywords.pdbx_keywords   'PROTEIN BINDING' 
_struct_keywords.text            'Heparin/Heparin Sulfate Binding, PROTEIN BINDING' 
# 
loop_
_struct_asym.id 
_struct_asym.pdbx_blank_PDB_chainid_flag 
_struct_asym.pdbx_modified 
_struct_asym.entity_id 
_struct_asym.details 
A N N 1 ? 
B N N 2 ? 
C N N 3 ? 
# 
_struct_biol.id        1 
_struct_biol.details   ? 
# 
loop_
_struct_conf.conf_type_id 
_struct_conf.id 
_struct_conf.pdbx_PDB_helix_id 
_struct_conf.beg_label_comp_id 
_struct_conf.beg_label_asym_id 
_struct_conf.beg_label_seq_id 
_struct_conf.pdbx_beg_PDB_ins_code 
_struct_conf.end_label_comp_id 
_struct_conf.end_label_asym_id 
_struct_conf.end_label_seq_id 
_struct_conf.pdbx_end_PDB_ins_code 
_struct_conf.beg_auth_comp_id 
_struct_conf.beg_auth_asym_id 
_struct_conf.beg_auth_seq_id 
_struct_conf.end_auth_comp_id 
_struct_conf.end_auth_asym_id 
_struct_conf.end_auth_seq_id 
_struct_conf.pdbx_PDB_helix_class 
_struct_conf.details 
_struct_conf.pdbx_PDB_helix_length 
HELX_P HELX_P1 1 THR A 98  ? CYS A 101 ? THR A 89  CYS A 92  5 ? 4 
HELX_P HELX_P2 2 LEU A 135 ? THR A 139 ? LEU A 126 THR A 130 5 ? 5 
HELX_P HELX_P3 3 GLN A 143 ? ILE A 146 ? GLN A 134 ILE A 137 5 ? 4 
# 
_struct_conf_type.id          HELX_P 
_struct_conf_type.criteria    ? 
_struct_conf_type.reference   ? 
# 
_struct_conn.id                            covale1 
_struct_conn.conn_type_id                  covale 
_struct_conn.pdbx_leaving_atom_flag        both 
_struct_conn.pdbx_PDB_id                   ? 
_struct_conn.ptnr1_label_asym_id           B 
_struct_conn.ptnr1_label_comp_id           IDY 
_struct_conn.ptnr1_label_seq_id            . 
_struct_conn.ptnr1_label_atom_id           O4 
_struct_conn.pdbx_ptnr1_label_alt_id       ? 
_struct_conn.pdbx_ptnr1_PDB_ins_code       ? 
_struct_conn.pdbx_ptnr1_standard_comp_id   ? 
_struct_conn.ptnr1_symmetry                1_555 
_struct_conn.ptnr2_label_asym_id           B 
_struct_conn.ptnr2_label_comp_id           SGN 
_struct_conn.ptnr2_label_seq_id            . 
_struct_conn.ptnr2_label_atom_id           C1 
_struct_conn.pdbx_ptnr2_label_alt_id       ? 
_struct_conn.pdbx_ptnr2_PDB_ins_code       ? 
_struct_conn.ptnr1_auth_asym_id            B 
_struct_conn.ptnr1_auth_comp_id            IDY 
_struct_conn.ptnr1_auth_seq_id             1 
_struct_conn.ptnr2_auth_asym_id            B 
_struct_conn.ptnr2_auth_comp_id            SGN 
_struct_conn.ptnr2_auth_seq_id             2 
_struct_conn.ptnr2_symmetry                1_555 
_struct_conn.pdbx_ptnr3_label_atom_id      ? 
_struct_conn.pdbx_ptnr3_label_seq_id       ? 
_struct_conn.pdbx_ptnr3_label_comp_id      ? 
_struct_conn.pdbx_ptnr3_label_asym_id      ? 
_struct_conn.pdbx_ptnr3_label_alt_id       ? 
_struct_conn.pdbx_ptnr3_PDB_ins_code       ? 
_struct_conn.details                       ? 
_struct_conn.pdbx_dist_value               1.436 
_struct_conn.pdbx_value_order              ? 
_struct_conn.pdbx_role                     ? 
# 
_struct_conn_type.id          covale 
_struct_conn_type.criteria    ? 
_struct_conn_type.reference   ? 
# 
loop_
_struct_sheet.id 
_struct_sheet.type 
_struct_sheet.number_strands 
_struct_sheet.details 
A ? 4 ? 
B ? 4 ? 
C ? 4 ? 
# 
loop_
_struct_sheet_order.sheet_id 
_struct_sheet_order.range_id_1 
_struct_sheet_order.range_id_2 
_struct_sheet_order.offset 
_struct_sheet_order.sense 
A 1 2 ? anti-parallel 
A 2 3 ? anti-parallel 
A 3 4 ? anti-parallel 
B 1 2 ? anti-parallel 
B 2 3 ? anti-parallel 
B 3 4 ? anti-parallel 
C 1 2 ? anti-parallel 
C 2 3 ? anti-parallel 
C 3 4 ? anti-parallel 
# 
loop_
_struct_sheet_range.sheet_id 
_struct_sheet_range.id 
_struct_sheet_range.beg_label_comp_id 
_struct_sheet_range.beg_label_asym_id 
_struct_sheet_range.beg_label_seq_id 
_struct_sheet_range.pdbx_beg_PDB_ins_code 
_struct_sheet_range.end_label_comp_id 
_struct_sheet_range.end_label_asym_id 
_struct_sheet_range.end_label_seq_id 
_struct_sheet_range.pdbx_end_PDB_ins_code 
_struct_sheet_range.beg_auth_comp_id 
_struct_sheet_range.beg_auth_asym_id 
_struct_sheet_range.beg_auth_seq_id 
_struct_sheet_range.end_auth_comp_id 
_struct_sheet_range.end_auth_asym_id 
_struct_sheet_range.end_auth_seq_id 
A 1 VAL A 49  ? VAL A 52  ? VAL A 40  VAL A 43  
A 2 PHE A 39  ? ILE A 43  ? PHE A 30  ILE A 34  
A 3 ARG A 31  ? CYS A 34  ? ARG A 22  CYS A 25  
A 4 PHE A 148 ? MET A 151 ? PHE A 139 MET A 142 
B 1 LEU A 62  ? GLU A 68  ? LEU A 53  GLU A 59  
B 2 VAL A 71  ? GLY A 76  ? VAL A 62  GLY A 67  
B 3 ARG A 81  ? MET A 85  ? ARG A 72  MET A 76  
B 4 LEU A 91  ? SER A 94  ? LEU A 82  SER A 85  
C 1 LEU A 62  ? GLU A 68  ? LEU A 53  GLU A 59  
C 2 VAL A 71  ? GLY A 76  ? VAL A 62  GLY A 67  
C 3 PHE A 103 ? LEU A 107 ? PHE A 94  LEU A 98  
C 4 ASN A 113 ? SER A 117 ? ASN A 104 SER A 108 
# 
loop_
_pdbx_struct_sheet_hbond.sheet_id 
_pdbx_struct_sheet_hbond.range_id_1 
_pdbx_struct_sheet_hbond.range_id_2 
_pdbx_struct_sheet_hbond.range_1_label_atom_id 
_pdbx_struct_sheet_hbond.range_1_label_comp_id 
_pdbx_struct_sheet_hbond.range_1_label_asym_id 
_pdbx_struct_sheet_hbond.range_1_label_seq_id 
_pdbx_struct_sheet_hbond.range_1_PDB_ins_code 
_pdbx_struct_sheet_hbond.range_1_auth_atom_id 
_pdbx_struct_sheet_hbond.range_1_auth_comp_id 
_pdbx_struct_sheet_hbond.range_1_auth_asym_id 
_pdbx_struct_sheet_hbond.range_1_auth_seq_id 
_pdbx_struct_sheet_hbond.range_2_label_atom_id 
_pdbx_struct_sheet_hbond.range_2_label_comp_id 
_pdbx_struct_sheet_hbond.range_2_label_asym_id 
_pdbx_struct_sheet_hbond.range_2_label_seq_id 
_pdbx_struct_sheet_hbond.range_2_PDB_ins_code 
_pdbx_struct_sheet_hbond.range_2_auth_atom_id 
_pdbx_struct_sheet_hbond.range_2_auth_comp_id 
_pdbx_struct_sheet_hbond.range_2_auth_asym_id 
_pdbx_struct_sheet_hbond.range_2_auth_seq_id 
A 1 2 O VAL A 52  ? O VAL A 43 N PHE A 40  ? N PHE A 31  
A 2 3 O PHE A 39  ? O PHE A 30 N CYS A 34  ? N CYS A 25  
A 3 4 N ARG A 31  ? N ARG A 22 O MET A 151 ? O MET A 142 
B 1 2 N GLN A 63  ? N GLN A 54 O LYS A 75  ? O LYS A 66  
B 2 3 N ILE A 74  ? N ILE A 65 O LEU A 83  ? O LEU A 74  
B 3 4 N TYR A 82  ? N TYR A 73 O SER A 94  ? O SER A 85  
C 1 2 N GLN A 63  ? N GLN A 54 O LYS A 75  ? O LYS A 66  
C 2 3 N VAL A 72  ? N VAL A 63 O PHE A 103 ? O PHE A 94  
C 3 4 N PHE A 104 ? N PHE A 95 O ARG A 116 ? O ARG A 107 
# 
_atom_sites.entry_id                    4OEF 
_atom_sites.fract_transf_matrix[1][1]   0.00097488 
_atom_sites.fract_transf_matrix[1][2]   0.02276674 
_atom_sites.fract_transf_matrix[1][3]   0.02611591 
_atom_sites.fract_transf_matrix[2][1]   -0.01754854 
_atom_sites.fract_transf_matrix[2][2]   -0.02338073 
_atom_sites.fract_transf_matrix[2][3]   0.01618453 
_atom_sites.fract_transf_matrix[3][1]   0.03039298 
_atom_sites.fract_transf_matrix[3][2]   -0.00837695 
_atom_sites.fract_transf_matrix[3][3]   -0.00371149 
_atom_sites.fract_transf_vector[1]      0.364208 
_atom_sites.fract_transf_vector[2]      -0.281340 
_atom_sites.fract_transf_vector[3]      0.344717 
# 
loop_
_atom_type.symbol 
C 
N 
O 
S 
# 
loop_
_atom_site.group_PDB 
_atom_site.id 
_atom_site.type_symbol 
_atom_site.label_atom_id 
_atom_site.label_alt_id 
_atom_site.label_comp_id 
_atom_site.label_asym_id 
_atom_site.label_entity_id 
_atom_site.label_seq_id 
_atom_site.pdbx_PDB_ins_code 
_atom_site.Cartn_x 
_atom_site.Cartn_y 
_atom_site.Cartn_z 
_atom_site.occupancy 
_atom_site.B_iso_or_equiv 
_atom_site.pdbx_formal_charge 
_atom_site.auth_seq_id 
_atom_site.auth_comp_id 
_atom_site.auth_asym_id 
_atom_site.auth_atom_id 
_atom_site.pdbx_PDB_model_num 
ATOM   1    N N   . ASP A 1 28  ? -4.986  -16.049 0.276   1.00 47.80 ? 19  ASP A N   1 
ATOM   2    C CA  . ASP A 1 28  ? -3.556  -16.239 0.486   1.00 46.14 ? 19  ASP A CA  1 
ATOM   3    C C   . ASP A 1 28  ? -2.845  -14.898 0.613   1.00 39.70 ? 19  ASP A C   1 
ATOM   4    O O   . ASP A 1 28  ? -3.195  -13.937 -0.075  1.00 41.45 ? 19  ASP A O   1 
ATOM   5    C CB  . ASP A 1 28  ? -2.944  -17.058 -0.651  1.00 43.82 ? 19  ASP A CB  1 
ATOM   6    C CG  . ASP A 1 28  ? -3.960  -17.430 -1.718  1.00 52.59 ? 19  ASP A CG  1 
ATOM   7    O OD1 . ASP A 1 28  ? -4.868  -16.612 -1.994  1.00 53.58 ? 19  ASP A OD1 1 
ATOM   8    O OD2 . ASP A 1 28  ? -3.850  -18.541 -2.280  1.00 53.57 ? 19  ASP A OD2 1 
ATOM   9    N N   . PRO A 1 29  ? -1.847  -14.828 1.505   1.00 38.75 ? 20  PRO A N   1 
ATOM   10   C CA  . PRO A 1 29  ? -1.054  -13.616 1.735   1.00 33.97 ? 20  PRO A CA  1 
ATOM   11   C C   . PRO A 1 29  ? -0.313  -13.146 0.482   1.00 36.39 ? 20  PRO A C   1 
ATOM   12   O O   . PRO A 1 29  ? -0.049  -13.942 -0.423  1.00 39.74 ? 20  PRO A O   1 
ATOM   13   C CB  . PRO A 1 29  ? -0.048  -14.062 2.794   1.00 35.34 ? 20  PRO A CB  1 
ATOM   14   C CG  . PRO A 1 29  ? -0.710  -15.207 3.491   1.00 34.56 ? 20  PRO A CG  1 
ATOM   15   C CD  . PRO A 1 29  ? -1.453  -15.919 2.412   1.00 36.12 ? 20  PRO A CD  1 
ATOM   16   N N   . LYS A 1 30  ? 0.015   -11.859 0.435   1.00 25.06 ? 21  LYS A N   1 
ATOM   17   C CA  . LYS A 1 30  ? 0.734   -11.298 -0.702  1.00 23.75 ? 21  LYS A CA  1 
ATOM   18   C C   . LYS A 1 30  ? 1.859   -10.375 -0.239  1.00 19.77 ? 21  LYS A C   1 
ATOM   19   O O   . LYS A 1 30  ? 1.771   -9.754  0.817   1.00 22.41 ? 21  LYS A O   1 
ATOM   20   C CB  . LYS A 1 30  ? -0.226  -10.501 -1.592  1.00 23.05 ? 21  LYS A CB  1 
ATOM   21   C CG  . LYS A 1 30  ? -1.370  -11.306 -2.191  1.00 30.58 ? 21  LYS A CG  1 
ATOM   22   C CD  . LYS A 1 30  ? -0.963  -11.972 -3.496  1.00 31.22 ? 21  LYS A CD  1 
ATOM   23   C CE  . LYS A 1 30  ? -2.120  -12.769 -4.098  1.00 39.00 ? 21  LYS A CE  1 
ATOM   24   N NZ  . LYS A 1 30  ? -2.398  -14.020 -3.331  1.00 41.29 ? 21  LYS A NZ  1 
ATOM   25   N N   . ARG A 1 31  ? 2.915   -10.283 -1.033  1.00 19.52 ? 22  ARG A N   1 
ATOM   26   C CA  . ARG A 1 31  ? 3.916   -9.243  -0.831  1.00 21.96 ? 22  ARG A CA  1 
ATOM   27   C C   . ARG A 1 31  ? 3.704   -8.213  -1.932  1.00 20.83 ? 22  ARG A C   1 
ATOM   28   O O   . ARG A 1 31  ? 3.539   -8.584  -3.091  1.00 22.67 ? 22  ARG A O   1 
ATOM   29   C CB  . ARG A 1 31  ? 5.328   -9.819  -0.938  1.00 25.00 ? 22  ARG A CB  1 
ATOM   30   C CG  . ARG A 1 31  ? 5.564   -11.046 -0.085  1.00 26.86 ? 22  ARG A CG  1 
ATOM   31   C CD  . ARG A 1 31  ? 6.999   -11.544 -0.221  1.00 33.17 ? 22  ARG A CD  1 
ATOM   32   N NE  . ARG A 1 31  ? 7.075   -13.004 -0.232  1.00 40.10 ? 22  ARG A NE  1 
ATOM   33   C CZ  . ARG A 1 31  ? 7.035   -13.769 0.856   1.00 46.85 ? 22  ARG A CZ  1 
ATOM   34   N NH1 . ARG A 1 31  ? 6.908   -13.222 2.058   1.00 38.91 ? 22  ARG A NH1 1 
ATOM   35   N NH2 . ARG A 1 31  ? 7.110   -15.087 0.740   1.00 50.64 ? 22  ARG A NH2 1 
ATOM   36   N N   . LEU A 1 32  ? 3.690   -6.930  -1.580  1.00 17.93 ? 23  LEU A N   1 
ATOM   37   C CA  . LEU A 1 32  ? 3.544   -5.885  -2.598  1.00 15.80 ? 23  LEU A CA  1 
ATOM   38   C C   . LEU A 1 32  ? 4.885   -5.262  -3.010  1.00 16.53 ? 23  LEU A C   1 
ATOM   39   O O   . LEU A 1 32  ? 5.437   -4.407  -2.317  1.00 15.43 ? 23  LEU A O   1 
ATOM   40   C CB  . LEU A 1 32  ? 2.564   -4.805  -2.139  1.00 15.14 ? 23  LEU A CB  1 
ATOM   41   C CG  . LEU A 1 32  ? 1.076   -5.163  -2.168  1.00 18.60 ? 23  LEU A CG  1 
ATOM   42   C CD1 . LEU A 1 32  ? 0.234   -3.976  -1.718  1.00 20.39 ? 23  LEU A CD1 1 
ATOM   43   C CD2 . LEU A 1 32  ? 0.647   -5.611  -3.544  1.00 25.31 ? 23  LEU A CD2 1 
ATOM   44   N N   . TYR A 1 33  ? 5.390   -5.689  -4.163  1.00 16.52 ? 24  TYR A N   1 
ATOM   45   C CA  . TYR A 1 33  ? 6.672   -5.220  -4.693  1.00 15.94 ? 24  TYR A CA  1 
ATOM   46   C C   . TYR A 1 33  ? 6.535   -3.907  -5.458  1.00 19.72 ? 24  TYR A C   1 
ATOM   47   O O   . TYR A 1 33  ? 5.877   -3.867  -6.497  1.00 17.40 ? 24  TYR A O   1 
ATOM   48   C CB  . TYR A 1 33  ? 7.233   -6.282  -5.633  1.00 16.15 ? 24  TYR A CB  1 
ATOM   49   C CG  . TYR A 1 33  ? 8.544   -5.923  -6.303  1.00 17.00 ? 24  TYR A CG  1 
ATOM   50   C CD1 . TYR A 1 33  ? 9.757   -6.197  -5.692  1.00 21.17 ? 24  TYR A CD1 1 
ATOM   51   C CD2 . TYR A 1 33  ? 8.561   -5.339  -7.563  1.00 21.16 ? 24  TYR A CD2 1 
ATOM   52   C CE1 . TYR A 1 33  ? 10.956  -5.884  -6.308  1.00 22.47 ? 24  TYR A CE1 1 
ATOM   53   C CE2 . TYR A 1 33  ? 9.740   -5.027  -8.189  1.00 23.27 ? 24  TYR A CE2 1 
ATOM   54   C CZ  . TYR A 1 33  ? 10.935  -5.296  -7.561  1.00 23.85 ? 24  TYR A CZ  1 
ATOM   55   O OH  . TYR A 1 33  ? 12.104  -4.978  -8.202  1.00 27.70 ? 24  TYR A OH  1 
ATOM   56   N N   . CYS A 1 34  ? 7.173   -2.844  -4.971  1.00 16.36 ? 25  CYS A N   1 
ATOM   57   C CA  . CYS A 1 34  ? 7.109   -1.539  -5.646  1.00 14.95 ? 25  CYS A CA  1 
ATOM   58   C C   . CYS A 1 34  ? 8.142   -1.397  -6.756  1.00 15.89 ? 25  CYS A C   1 
ATOM   59   O O   . CYS A 1 34  ? 9.335   -1.588  -6.515  1.00 15.70 ? 25  CYS A O   1 
ATOM   60   C CB  . CYS A 1 34  ? 7.293   -0.413  -4.630  1.00 12.96 ? 25  CYS A CB  1 
ATOM   61   S SG  . CYS A 1 34  ? 6.987   1.231   -5.276  1.00 14.58 ? 25  CYS A SG  1 
ATOM   62   N N   . LYS A 1 35  ? 7.687   -1.041  -7.961  1.00 15.61 ? 26  LYS A N   1 
ATOM   63   C CA  . LYS A 1 35  ? 8.589   -0.794  -9.086  1.00 15.20 ? 26  LYS A CA  1 
ATOM   64   C C   . LYS A 1 35  ? 9.639   0.269   -8.758  1.00 17.56 ? 26  LYS A C   1 
ATOM   65   O O   . LYS A 1 35  ? 10.751  0.265   -9.290  1.00 17.34 ? 26  LYS A O   1 
ATOM   66   C CB  . LYS A 1 35  ? 7.792   -0.360  -10.321 1.00 16.02 ? 26  LYS A CB  1 
ATOM   67   C CG  . LYS A 1 35  ? 8.513   -0.569  -11.642 1.00 18.88 ? 26  LYS A CG  1 
ATOM   68   C CD  . LYS A 1 35  ? 7.584   -0.167  -12.803 1.00 22.89 ? 26  LYS A CD  1 
ATOM   69   C CE  . LYS A 1 35  ? 8.154   -0.583  -14.143 1.00 30.19 ? 26  LYS A CE  1 
ATOM   70   N NZ  . LYS A 1 35  ? 9.471   0.045   -14.393 1.00 29.99 ? 26  LYS A NZ  1 
ATOM   71   N N   . ASN A 1 36  ? 9.281   1.193   -7.881  1.00 17.32 ? 27  ASN A N   1 
ATOM   72   C CA  . ASN A 1 36  ? 10.186  2.264   -7.532  1.00 16.20 ? 27  ASN A CA  1 
ATOM   73   C C   . ASN A 1 36  ? 11.233  1.772   -6.547  1.00 18.21 ? 27  ASN A C   1 
ATOM   74   O O   . ASN A 1 36  ? 11.057  1.918   -5.343  1.00 22.18 ? 27  ASN A O   1 
ATOM   75   C CB  . ASN A 1 36  ? 9.413   3.424   -6.927  1.00 16.28 ? 27  ASN A CB  1 
ATOM   76   C CG  . ASN A 1 36  ? 10.138  4.734   -7.067  1.00 21.66 ? 27  ASN A CG  1 
ATOM   77   O OD1 . ASN A 1 36  ? 10.974  4.906   -7.964  1.00 21.46 ? 27  ASN A OD1 1 
ATOM   78   N ND2 . ASN A 1 36  ? 9.816   5.680   -6.194  1.00 16.88 ? 27  ASN A ND2 1 
ATOM   79   N N   . GLY A 1 37  ? 12.302  1.179   -7.065  1.00 18.27 ? 28  GLY A N   1 
ATOM   80   C CA  . GLY A 1 37  ? 13.412  0.742   -6.241  1.00 20.80 ? 28  GLY A CA  1 
ATOM   81   C C   . GLY A 1 37  ? 13.340  -0.696  -5.773  1.00 18.76 ? 28  GLY A C   1 
ATOM   82   O O   . GLY A 1 37  ? 14.288  -1.202  -5.185  1.00 20.37 ? 28  GLY A O   1 
ATOM   83   N N   . GLY A 1 38  ? 12.220  -1.360  -6.031  1.00 18.02 ? 29  GLY A N   1 
ATOM   84   C CA  . GLY A 1 38  ? 12.057  -2.743  -5.622  1.00 17.45 ? 29  GLY A CA  1 
ATOM   85   C C   . GLY A 1 38  ? 11.905  -2.926  -4.128  1.00 20.94 ? 29  GLY A C   1 
ATOM   86   O O   . GLY A 1 38  ? 12.424  -3.889  -3.564  1.00 21.88 ? 29  GLY A O   1 
ATOM   87   N N   . PHE A 1 39  ? 11.196  -2.010  -3.476  1.00 18.46 ? 30  PHE A N   1 
ATOM   88   C CA  . PHE A 1 39  ? 10.902  -2.164  -2.054  1.00 16.15 ? 30  PHE A CA  1 
ATOM   89   C C   . PHE A 1 39  ? 9.562   -2.873  -1.873  1.00 17.57 ? 30  PHE A C   1 
ATOM   90   O O   . PHE A 1 39  ? 8.605   -2.585  -2.588  1.00 17.19 ? 30  PHE A O   1 
ATOM   91   C CB  . PHE A 1 39  ? 10.824  -0.805  -1.368  1.00 17.68 ? 30  PHE A CB  1 
ATOM   92   C CG  . PHE A 1 39  ? 12.120  -0.051  -1.369  1.00 18.44 ? 30  PHE A CG  1 
ATOM   93   C CD1 . PHE A 1 39  ? 12.350  0.955   -2.288  1.00 19.28 ? 30  PHE A CD1 1 
ATOM   94   C CD2 . PHE A 1 39  ? 13.113  -0.362  -0.454  1.00 19.66 ? 30  PHE A CD2 1 
ATOM   95   C CE1 . PHE A 1 39  ? 13.555  1.644   -2.297  1.00 17.83 ? 30  PHE A CE1 1 
ATOM   96   C CE2 . PHE A 1 39  ? 14.314  0.321   -0.447  1.00 21.26 ? 30  PHE A CE2 1 
ATOM   97   C CZ  . PHE A 1 39  ? 14.535  1.325   -1.373  1.00 21.76 ? 30  PHE A CZ  1 
ATOM   98   N N   . PHE A 1 40  ? 9.493   -3.795  -0.917  1.00 15.83 ? 31  PHE A N   1 
ATOM   99   C CA  . PHE A 1 40  ? 8.219   -4.382  -0.528  1.00 17.75 ? 31  PHE A CA  1 
ATOM   100  C C   . PHE A 1 40  ? 7.540   -3.466  0.475   1.00 17.69 ? 31  PHE A C   1 
ATOM   101  O O   . PHE A 1 40  ? 8.185   -2.961  1.385   1.00 17.84 ? 31  PHE A O   1 
ATOM   102  C CB  . PHE A 1 40  ? 8.421   -5.757  0.111   1.00 17.82 ? 31  PHE A CB  1 
ATOM   103  C CG  . PHE A 1 40  ? 8.928   -6.798  -0.840  1.00 19.20 ? 31  PHE A CG  1 
ATOM   104  C CD1 . PHE A 1 40  ? 8.069   -7.404  -1.742  1.00 19.68 ? 31  PHE A CD1 1 
ATOM   105  C CD2 . PHE A 1 40  ? 10.257  -7.167  -0.834  1.00 16.75 ? 31  PHE A CD2 1 
ATOM   106  C CE1 . PHE A 1 40  ? 8.530   -8.366  -2.615  1.00 22.32 ? 31  PHE A CE1 1 
ATOM   107  C CE2 . PHE A 1 40  ? 10.728  -8.127  -1.704  1.00 19.41 ? 31  PHE A CE2 1 
ATOM   108  C CZ  . PHE A 1 40  ? 9.863   -8.725  -2.601  1.00 21.78 ? 31  PHE A CZ  1 
ATOM   109  N N   . LEU A 1 41  ? 6.236   -3.261  0.313   1.00 15.11 ? 32  LEU A N   1 
ATOM   110  C CA  . LEU A 1 41  ? 5.471   -2.479  1.272   1.00 14.52 ? 32  LEU A CA  1 
ATOM   111  C C   . LEU A 1 41  ? 5.483   -3.170  2.637   1.00 14.78 ? 32  LEU A C   1 
ATOM   112  O O   . LEU A 1 41  ? 5.178   -4.357  2.748   1.00 17.16 ? 32  LEU A O   1 
ATOM   113  C CB  . LEU A 1 41  ? 4.035   -2.313  0.777   1.00 16.29 ? 32  LEU A CB  1 
ATOM   114  C CG  . LEU A 1 41  ? 3.144   -1.348  1.557   1.00 17.29 ? 32  LEU A CG  1 
ATOM   115  C CD1 . LEU A 1 41  ? 3.732   0.058   1.565   1.00 17.13 ? 32  LEU A CD1 1 
ATOM   116  C CD2 . LEU A 1 41  ? 1.756   -1.345  0.943   1.00 18.67 ? 32  LEU A CD2 1 
ATOM   117  N N   . ARG A 1 42  ? 5.835   -2.423  3.674   1.00 14.40 ? 33  ARG A N   1 
ATOM   118  C CA  . ARG A 1 42  ? 5.991   -3.007  5.005   1.00 13.91 ? 33  ARG A CA  1 
ATOM   119  C C   . ARG A 1 42  ? 5.111   -2.292  6.009   1.00 15.38 ? 33  ARG A C   1 
ATOM   120  O O   . ARG A 1 42  ? 5.064   -1.060  6.036   1.00 15.46 ? 33  ARG A O   1 
ATOM   121  C CB  . ARG A 1 42  ? 7.461   -2.921  5.453   1.00 17.19 ? 33  ARG A CB  1 
ATOM   122  C CG  . ARG A 1 42  ? 7.717   -3.483  6.864   1.00 15.06 ? 33  ARG A CG  1 
ATOM   123  C CD  . ARG A 1 42  ? 9.205   -3.728  7.127   1.00 17.19 ? 33  ARG A CD  1 
ATOM   124  N NE  . ARG A 1 42  ? 9.972   -2.491  7.183   1.00 21.96 ? 33  ARG A NE  1 
ATOM   125  C CZ  . ARG A 1 42  ? 11.252  -2.416  7.538   1.00 23.26 ? 33  ARG A CZ  1 
ATOM   126  N NH1 . ARG A 1 42  ? 11.916  -3.516  7.880   1.00 22.57 ? 33  ARG A NH1 1 
ATOM   127  N NH2 . ARG A 1 42  ? 11.866  -1.238  7.561   1.00 22.38 ? 33  ARG A NH2 1 
ATOM   128  N N   . ILE A 1 43  ? 4.413   -3.066  6.840   1.00 15.30 ? 34  ILE A N   1 
ATOM   129  C CA  . ILE A 1 43  ? 3.578   -2.498  7.880   1.00 13.53 ? 34  ILE A CA  1 
ATOM   130  C C   . ILE A 1 43  ? 4.105   -2.975  9.233   1.00 16.23 ? 34  ILE A C   1 
ATOM   131  O O   . ILE A 1 43  ? 4.053   -4.166  9.538   1.00 17.87 ? 34  ILE A O   1 
ATOM   132  C CB  . ILE A 1 43  ? 2.112   -2.919  7.724   1.00 15.83 ? 34  ILE A CB  1 
ATOM   133  C CG1 . ILE A 1 43  ? 1.536   -2.417  6.388   1.00 16.62 ? 34  ILE A CG1 1 
ATOM   134  C CG2 . ILE A 1 43  ? 1.293   -2.423  8.905   1.00 14.76 ? 34  ILE A CG2 1 
ATOM   135  C CD1 . ILE A 1 43  ? 0.121   -2.929  6.102   1.00 20.46 ? 34  ILE A CD1 1 
ATOM   136  N N   . HIS A 1 44  ? 4.636   -2.046  10.020  1.00 18.51 ? 35  HIS A N   1 
ATOM   137  C CA  . HIS A 1 44  ? 5.235   -2.388  11.309  1.00 19.67 ? 35  HIS A CA  1 
ATOM   138  C C   . HIS A 1 44  ? 4.142   -2.653  12.339  1.00 15.77 ? 35  HIS A C   1 
ATOM   139  O O   . HIS A 1 44  ? 3.043   -2.115  12.234  1.00 17.04 ? 35  HIS A O   1 
ATOM   140  C CB  . HIS A 1 44  ? 6.123   -1.253  11.828  1.00 17.31 ? 35  HIS A CB  1 
ATOM   141  C CG  . HIS A 1 44  ? 7.359   -1.010  11.019  1.00 19.31 ? 35  HIS A CG  1 
ATOM   142  N ND1 . HIS A 1 44  ? 8.595   -1.507  11.377  1.00 21.80 ? 35  HIS A ND1 1 
ATOM   143  C CD2 . HIS A 1 44  ? 7.560   -0.292  9.888   1.00 20.99 ? 35  HIS A CD2 1 
ATOM   144  C CE1 . HIS A 1 44  ? 9.498   -1.118  10.496  1.00 23.82 ? 35  HIS A CE1 1 
ATOM   145  N NE2 . HIS A 1 44  ? 8.897   -0.378  9.580   1.00 21.48 ? 35  HIS A NE2 1 
ATOM   146  N N   . PRO A 1 45  ? 4.457   -3.462  13.362  1.00 18.91 ? 36  PRO A N   1 
ATOM   147  C CA  . PRO A 1 45  ? 3.504   -3.701  14.451  1.00 19.51 ? 36  PRO A CA  1 
ATOM   148  C C   . PRO A 1 45  ? 2.958   -2.411  15.067  1.00 19.53 ? 36  PRO A C   1 
ATOM   149  O O   . PRO A 1 45  ? 1.803   -2.397  15.488  1.00 20.90 ? 36  PRO A O   1 
ATOM   150  C CB  . PRO A 1 45  ? 4.338   -4.465  15.475  1.00 23.41 ? 36  PRO A CB  1 
ATOM   151  C CG  . PRO A 1 45  ? 5.329   -5.209  14.649  1.00 23.90 ? 36  PRO A CG  1 
ATOM   152  C CD  . PRO A 1 45  ? 5.644   -4.325  13.463  1.00 20.46 ? 36  PRO A CD  1 
ATOM   153  N N   . ASP A 1 46  ? 3.756   -1.344  15.083  1.00 18.57 ? 37  ASP A N   1 
ATOM   154  C CA  . ASP A 1 46  ? 3.337   -0.087  15.719  1.00 21.18 ? 37  ASP A CA  1 
ATOM   155  C C   . ASP A 1 46  ? 2.511   0.842   14.821  1.00 21.57 ? 37  ASP A C   1 
ATOM   156  O O   . ASP A 1 46  ? 2.055   1.894   15.266  1.00 20.73 ? 37  ASP A O   1 
ATOM   157  C CB  . ASP A 1 46  ? 4.534   0.664   16.327  1.00 23.83 ? 37  ASP A CB  1 
ATOM   158  C CG  . ASP A 1 46  ? 5.519   1.177   15.278  1.00 22.93 ? 37  ASP A CG  1 
ATOM   159  O OD1 . ASP A 1 46  ? 5.253   1.042   14.072  1.00 20.80 ? 37  ASP A OD1 1 
ATOM   160  O OD2 . ASP A 1 46  ? 6.568   1.734   15.658  1.00 21.36 ? 37  ASP A OD2 1 
ATOM   161  N N   . GLY A 1 47  ? 2.333   0.460   13.560  1.00 20.07 ? 38  GLY A N   1 
ATOM   162  C CA  . GLY A 1 47  ? 1.548   1.254   12.635  1.00 20.35 ? 38  GLY A CA  1 
ATOM   163  C C   . GLY A 1 47  ? 2.353   1.963   11.559  1.00 20.58 ? 38  GLY A C   1 
ATOM   164  O O   . GLY A 1 47  ? 1.791   2.455   10.577  1.00 16.60 ? 38  GLY A O   1 
ATOM   165  N N   . ARG A 1 48  ? 3.668   2.027   11.737  1.00 19.65 ? 39  ARG A N   1 
ATOM   166  C CA  . ARG A 1 48  ? 4.503   2.713   10.762  1.00 20.10 ? 39  ARG A CA  1 
ATOM   167  C C   . ARG A 1 48  ? 4.526   1.944   9.454   1.00 18.72 ? 39  ARG A C   1 
ATOM   168  O O   . ARG A 1 48  ? 4.565   0.714   9.444   1.00 16.83 ? 39  ARG A O   1 
ATOM   169  C CB  . ARG A 1 48  ? 5.929   2.891   11.263  1.00 20.00 ? 39  ARG A CB  1 
ATOM   170  C CG  . ARG A 1 48  ? 6.113   3.982   12.299  1.00 20.67 ? 39  ARG A CG  1 
ATOM   171  C CD  . ARG A 1 48  ? 7.554   3.961   12.797  1.00 22.28 ? 39  ARG A CD  1 
ATOM   172  N NE  . ARG A 1 48  ? 7.837   2.714   13.502  1.00 29.37 ? 39  ARG A NE  1 
ATOM   173  C CZ  . ARG A 1 48  ? 8.922   1.964   13.325  1.00 28.85 ? 39  ARG A CZ  1 
ATOM   174  N NH1 . ARG A 1 48  ? 9.856   2.327   12.458  1.00 27.66 ? 39  ARG A NH1 1 
ATOM   175  N NH2 . ARG A 1 48  ? 9.069   0.839   14.024  1.00 27.51 ? 39  ARG A NH2 1 
ATOM   176  N N   . VAL A 1 49  ? 4.513   2.692   8.358   1.00 17.97 ? 40  VAL A N   1 
ATOM   177  C CA  . VAL A 1 49  ? 4.550   2.114   7.026   1.00 17.80 ? 40  VAL A CA  1 
ATOM   178  C C   . VAL A 1 49  ? 5.820   2.593   6.303   1.00 15.11 ? 40  VAL A C   1 
ATOM   179  O O   . VAL A 1 49  ? 6.189   3.762   6.377   1.00 16.67 ? 40  VAL A O   1 
ATOM   180  C CB  . VAL A 1 49  ? 3.261   2.472   6.252   1.00 17.58 ? 40  VAL A CB  1 
ATOM   181  C CG1 . VAL A 1 49  ? 3.350   2.040   4.785   1.00 15.52 ? 40  VAL A CG1 1 
ATOM   182  C CG2 . VAL A 1 49  ? 2.029   1.842   6.951   1.00 14.34 ? 40  VAL A CG2 1 
ATOM   183  N N   . ASP A 1 50  ? 6.507   1.667   5.645   1.00 16.50 ? 41  ASP A N   1 
ATOM   184  C CA  . ASP A 1 50  ? 7.682   1.994   4.854   1.00 15.56 ? 41  ASP A CA  1 
ATOM   185  C C   . ASP A 1 50  ? 7.933   0.899   3.822   1.00 16.77 ? 41  ASP A C   1 
ATOM   186  O O   . ASP A 1 50  ? 7.041   0.107   3.525   1.00 15.96 ? 41  ASP A O   1 
ATOM   187  C CB  . ASP A 1 50  ? 8.924   2.226   5.740   1.00 18.67 ? 41  ASP A CB  1 
ATOM   188  C CG  . ASP A 1 50  ? 9.272   1.025   6.614   1.00 20.89 ? 41  ASP A CG  1 
ATOM   189  O OD1 . ASP A 1 50  ? 8.796   -0.092  6.324   1.00 15.75 ? 41  ASP A OD1 1 
ATOM   190  O OD2 . ASP A 1 50  ? 10.044  1.198   7.594   1.00 22.04 ? 41  ASP A OD2 1 
ATOM   191  N N   . GLY A 1 51  ? 9.145   0.860   3.278   1.00 16.15 ? 42  GLY A N   1 
ATOM   192  C CA  . GLY A 1 51  ? 9.515   -0.168  2.317   1.00 18.23 ? 42  GLY A CA  1 
ATOM   193  C C   . GLY A 1 51  ? 10.830  -0.838  2.671   1.00 20.66 ? 42  GLY A C   1 
ATOM   194  O O   . GLY A 1 51  ? 11.708  -0.227  3.291   1.00 20.40 ? 42  GLY A O   1 
ATOM   195  N N   . VAL A 1 52  ? 10.969  -2.102  2.287   1.00 17.03 ? 43  VAL A N   1 
ATOM   196  C CA  . VAL A 1 52  ? 12.192  -2.838  2.574   1.00 18.00 ? 43  VAL A CA  1 
ATOM   197  C C   . VAL A 1 52  ? 12.478  -3.804  1.425   1.00 20.37 ? 43  VAL A C   1 
ATOM   198  O O   . VAL A 1 52  ? 11.550  -4.313  0.799   1.00 17.77 ? 43  VAL A O   1 
ATOM   199  C CB  . VAL A 1 52  ? 12.100  -3.566  3.955   1.00 18.47 ? 43  VAL A CB  1 
ATOM   200  C CG1 . VAL A 1 52  ? 11.086  -4.711  3.914   1.00 21.75 ? 43  VAL A CG1 1 
ATOM   201  C CG2 . VAL A 1 52  ? 13.457  -4.066  4.397   1.00 23.65 ? 43  VAL A CG2 1 
ATOM   202  N N   . ARG A 1 53  ? 13.754  -4.025  1.109   1.00 15.59 ? 44  ARG A N   1 
ATOM   203  C CA  . ARG A 1 53  ? 14.093  -4.927  0.008   1.00 15.66 ? 44  ARG A CA  1 
ATOM   204  C C   . ARG A 1 53  ? 14.103  -6.417  0.378   1.00 21.17 ? 44  ARG A C   1 
ATOM   205  O O   . ARG A 1 53  ? 14.081  -7.286  -0.499  1.00 21.09 ? 44  ARG A O   1 
ATOM   206  C CB  . ARG A 1 53  ? 15.413  -4.512  -0.647  1.00 21.11 ? 44  ARG A CB  1 
ATOM   207  C CG  . ARG A 1 53  ? 15.268  -3.267  -1.512  1.00 25.03 ? 44  ARG A CG  1 
ATOM   208  C CD  . ARG A 1 53  ? 16.457  -3.067  -2.414  1.00 26.61 ? 44  ARG A CD  1 
ATOM   209  N NE  . ARG A 1 53  ? 16.298  -1.874  -3.234  1.00 30.13 ? 44  ARG A NE  1 
ATOM   210  C CZ  . ARG A 1 53  ? 16.846  -0.694  -2.949  1.00 32.91 ? 44  ARG A CZ  1 
ATOM   211  N NH1 . ARG A 1 53  ? 17.605  -0.553  -1.866  1.00 26.95 ? 44  ARG A NH1 1 
ATOM   212  N NH2 . ARG A 1 53  ? 16.653  0.339   -3.758  1.00 29.59 ? 44  ARG A NH2 1 
ATOM   213  N N   . GLU A 1 54  ? 14.121  -6.708  1.676   1.00 21.56 ? 45  GLU A N   1 
ATOM   214  C CA  . GLU A 1 54  ? 14.207  -8.085  2.166   1.00 22.76 ? 45  GLU A CA  1 
ATOM   215  C C   . GLU A 1 54  ? 12.914  -8.875  2.013   1.00 24.22 ? 45  GLU A C   1 
ATOM   216  O O   . GLU A 1 54  ? 11.927  -8.593  2.698   1.00 20.99 ? 45  GLU A O   1 
ATOM   217  C CB  . GLU A 1 54  ? 14.608  -8.080  3.642   1.00 23.72 ? 45  GLU A CB  1 
ATOM   218  C CG  . GLU A 1 54  ? 15.690  -7.073  3.957   1.00 22.36 ? 45  GLU A CG  1 
ATOM   219  C CD  . GLU A 1 54  ? 16.970  -7.386  3.234   1.00 26.03 ? 45  GLU A CD  1 
ATOM   220  O OE1 . GLU A 1 54  ? 17.123  -8.546  2.785   1.00 27.49 ? 45  GLU A OE1 1 
ATOM   221  O OE2 . GLU A 1 54  ? 17.827  -6.481  3.121   1.00 28.77 ? 45  GLU A OE2 1 
ATOM   222  N N   . LYS A 1 55  ? 12.929  -9.893  1.154   1.00 21.09 ? 46  LYS A N   1 
ATOM   223  C CA  . LYS A 1 55  ? 11.718  -10.672 0.903   1.00 27.71 ? 46  LYS A CA  1 
ATOM   224  C C   . LYS A 1 55  ? 11.302  -11.477 2.133   1.00 26.33 ? 46  LYS A C   1 
ATOM   225  O O   . LYS A 1 55  ? 10.138  -11.858 2.278   1.00 22.36 ? 46  LYS A O   1 
ATOM   226  C CB  . LYS A 1 55  ? 11.891  -11.590 -0.309  1.00 29.79 ? 46  LYS A CB  1 
ATOM   227  C CG  . LYS A 1 55  ? 12.785  -12.794 -0.079  1.00 34.87 ? 46  LYS A CG  1 
ATOM   228  C CD  . LYS A 1 55  ? 12.789  -13.714 -1.304  1.00 43.57 ? 46  LYS A CD  1 
ATOM   229  C CE  . LYS A 1 55  ? 13.787  -14.862 -1.155  1.00 45.99 ? 46  LYS A CE  1 
ATOM   230  N NZ  . LYS A 1 55  ? 13.467  -15.746 0.002   1.00 48.68 ? 46  LYS A NZ  1 
ATOM   231  N N   . SER A 1 56  ? 12.263  -11.704 3.021   1.00 22.46 ? 47  SER A N   1 
ATOM   232  C CA  . SER A 1 56  ? 12.062  -12.509 4.221   1.00 23.84 ? 47  SER A CA  1 
ATOM   233  C C   . SER A 1 56  ? 11.540  -11.710 5.409   1.00 21.62 ? 47  SER A C   1 
ATOM   234  O O   . SER A 1 56  ? 11.308  -12.276 6.485   1.00 22.59 ? 47  SER A O   1 
ATOM   235  C CB  . SER A 1 56  ? 13.390  -13.152 4.627   1.00 21.95 ? 47  SER A CB  1 
ATOM   236  O OG  . SER A 1 56  ? 14.320  -12.153 4.998   1.00 22.03 ? 47  SER A OG  1 
ATOM   237  N N   . ASP A 1 57  ? 11.359  -10.405 5.224   1.00 20.57 ? 48  ASP A N   1 
ATOM   238  C CA  . ASP A 1 57  ? 10.962  -9.524  6.323   1.00 21.87 ? 48  ASP A CA  1 
ATOM   239  C C   . ASP A 1 57  ? 9.605   -9.964  6.851   1.00 22.14 ? 48  ASP A C   1 
ATOM   240  O O   . ASP A 1 57  ? 8.698   -10.240 6.068   1.00 18.23 ? 48  ASP A O   1 
ATOM   241  C CB  . ASP A 1 57  ? 10.908  -8.069  5.842   1.00 21.84 ? 48  ASP A CB  1 
ATOM   242  C CG  . ASP A 1 57  ? 10.509  -7.099  6.935   1.00 19.88 ? 48  ASP A CG  1 
ATOM   243  O OD1 . ASP A 1 57  ? 9.321   -7.098  7.322   1.00 24.89 ? 48  ASP A OD1 1 
ATOM   244  O OD2 . ASP A 1 57  ? 11.368  -6.319  7.388   1.00 17.71 ? 48  ASP A OD2 1 
ATOM   245  N N   . PRO A 1 58  ? 9.464   -10.045 8.187   1.00 24.09 ? 49  PRO A N   1 
ATOM   246  C CA  . PRO A 1 58  ? 8.226   -10.589 8.747   1.00 25.95 ? 49  PRO A CA  1 
ATOM   247  C C   . PRO A 1 58  ? 7.047   -9.631  8.603   1.00 25.73 ? 49  PRO A C   1 
ATOM   248  O O   . PRO A 1 58  ? 5.897   -10.041 8.756   1.00 31.91 ? 49  PRO A O   1 
ATOM   249  C CB  . PRO A 1 58  ? 8.582   -10.796 10.227  1.00 24.51 ? 49  PRO A CB  1 
ATOM   250  C CG  . PRO A 1 58  ? 9.615   -9.790  10.507  1.00 27.80 ? 49  PRO A CG  1 
ATOM   251  C CD  . PRO A 1 58  ? 10.416  -9.635  9.239   1.00 25.13 ? 49  PRO A CD  1 
ATOM   252  N N   . HIS A 1 59  ? 7.322   -8.372  8.284   1.00 20.94 ? 50  HIS A N   1 
ATOM   253  C CA  . HIS A 1 59  ? 6.272   -7.363  8.295   1.00 17.77 ? 50  HIS A CA  1 
ATOM   254  C C   . HIS A 1 59  ? 5.785   -6.971  6.896   1.00 15.63 ? 50  HIS A C   1 
ATOM   255  O O   . HIS A 1 59  ? 5.048   -5.995  6.747   1.00 17.24 ? 50  HIS A O   1 
ATOM   256  C CB  . HIS A 1 59  ? 6.752   -6.136  9.066   1.00 19.21 ? 50  HIS A CB  1 
ATOM   257  C CG  . HIS A 1 59  ? 7.148   -6.433  10.481  1.00 21.02 ? 50  HIS A CG  1 
ATOM   258  N ND1 . HIS A 1 59  ? 8.296   -5.928  11.056  1.00 26.88 ? 50  HIS A ND1 1 
ATOM   259  C CD2 . HIS A 1 59  ? 6.549   -7.181  11.439  1.00 24.53 ? 50  HIS A CD2 1 
ATOM   260  C CE1 . HIS A 1 59  ? 8.387   -6.348  12.304  1.00 22.49 ? 50  HIS A CE1 1 
ATOM   261  N NE2 . HIS A 1 59  ? 7.341   -7.114  12.562  1.00 23.62 ? 50  HIS A NE2 1 
ATOM   262  N N   . ILE A 1 60  ? 6.173   -7.738  5.881   1.00 18.30 ? 51  ILE A N   1 
ATOM   263  C CA  . ILE A 1 60  ? 5.756   -7.422  4.511   1.00 16.02 ? 51  ILE A CA  1 
ATOM   264  C C   . ILE A 1 60  ? 4.701   -8.373  3.943   1.00 17.09 ? 51  ILE A C   1 
ATOM   265  O O   . ILE A 1 60  ? 4.272   -8.221  2.796   1.00 19.97 ? 51  ILE A O   1 
ATOM   266  C CB  . ILE A 1 60  ? 6.949   -7.356  3.530   1.00 18.83 ? 51  ILE A CB  1 
ATOM   267  C CG1 . ILE A 1 60  ? 7.624   -8.722  3.415   1.00 20.83 ? 51  ILE A CG1 1 
ATOM   268  C CG2 . ILE A 1 60  ? 7.925   -6.276  3.943   1.00 15.98 ? 51  ILE A CG2 1 
ATOM   269  C CD1 . ILE A 1 60  ? 8.424   -8.897  2.138   1.00 19.72 ? 51  ILE A CD1 1 
ATOM   270  N N   . LYS A 1 61  ? 4.294   -9.366  4.724   1.00 18.40 ? 52  LYS A N   1 
ATOM   271  C CA  . LYS A 1 61  ? 3.236   -10.255 4.285   1.00 21.45 ? 52  LYS A CA  1 
ATOM   272  C C   . LYS A 1 61  ? 1.890   -9.571  4.518   1.00 17.72 ? 52  LYS A C   1 
ATOM   273  O O   . LYS A 1 61  ? 1.561   -9.218  5.644   1.00 19.22 ? 52  LYS A O   1 
ATOM   274  C CB  . LYS A 1 61  ? 3.330   -11.583 5.039   1.00 24.53 ? 52  LYS A CB  1 
ATOM   275  C CG  . LYS A 1 61  ? 2.568   -12.704 4.381   1.00 32.81 ? 52  LYS A CG  1 
ATOM   276  C CD  . LYS A 1 61  ? 3.077   -14.065 4.832   1.00 37.23 ? 52  LYS A CD  1 
ATOM   277  C CE  . LYS A 1 61  ? 4.478   -14.312 4.286   1.00 42.23 ? 52  LYS A CE  1 
ATOM   278  N NZ  . LYS A 1 61  ? 5.376   -14.919 5.304   1.00 43.46 ? 52  LYS A NZ  1 
ATOM   279  N N   . LEU A 1 62  ? 1.123   -9.364  3.452   1.00 16.80 ? 53  LEU A N   1 
ATOM   280  C CA  . LEU A 1 62  ? -0.132  -8.615  3.547   1.00 20.00 ? 53  LEU A CA  1 
ATOM   281  C C   . LEU A 1 62  ? -1.362  -9.451  3.169   1.00 24.03 ? 53  LEU A C   1 
ATOM   282  O O   . LEU A 1 62  ? -1.276  -10.373 2.354   1.00 25.96 ? 53  LEU A O   1 
ATOM   283  C CB  . LEU A 1 62  ? -0.068  -7.369  2.648   1.00 20.58 ? 53  LEU A CB  1 
ATOM   284  C CG  . LEU A 1 62  ? 1.194   -6.504  2.727   1.00 19.32 ? 53  LEU A CG  1 
ATOM   285  C CD1 . LEU A 1 62  ? 1.165   -5.402  1.648   1.00 18.72 ? 53  LEU A CD1 1 
ATOM   286  C CD2 . LEU A 1 62  ? 1.388   -5.898  4.117   1.00 19.00 ? 53  LEU A CD2 1 
ATOM   287  N N   . GLN A 1 63  ? -2.507  -9.131  3.770   1.00 19.99 ? 54  GLN A N   1 
ATOM   288  C CA  . GLN A 1 63  ? -3.765  -9.724  3.346   1.00 23.94 ? 54  GLN A CA  1 
ATOM   289  C C   . GLN A 1 63  ? -4.588  -8.668  2.626   1.00 21.50 ? 54  GLN A C   1 
ATOM   290  O O   . GLN A 1 63  ? -4.955  -7.642  3.207   1.00 19.88 ? 54  GLN A O   1 
ATOM   291  C CB  . GLN A 1 63  ? -4.550  -10.292 4.536   1.00 23.36 ? 54  GLN A CB  1 
ATOM   292  C CG  . GLN A 1 63  ? -5.863  -10.958 4.147   1.00 30.60 ? 54  GLN A CG  1 
ATOM   293  C CD  . GLN A 1 63  ? -5.681  -12.126 3.182   1.00 37.83 ? 54  GLN A CD  1 
ATOM   294  O OE1 . GLN A 1 63  ? -4.783  -12.953 3.349   1.00 39.15 ? 54  GLN A OE1 1 
ATOM   295  N NE2 . GLN A 1 63  ? -6.534  -12.193 2.164   1.00 33.29 ? 54  GLN A NE2 1 
ATOM   296  N N   . LEU A 1 64  ? -4.858  -8.910  1.348   1.00 19.70 ? 55  LEU A N   1 
ATOM   297  C CA  . LEU A 1 64  ? -5.672  -7.993  0.576   1.00 21.64 ? 55  LEU A CA  1 
ATOM   298  C C   . LEU A 1 64  ? -7.078  -8.559  0.450   1.00 25.62 ? 55  LEU A C   1 
ATOM   299  O O   . LEU A 1 64  ? -7.278  -9.595  -0.181  1.00 27.62 ? 55  LEU A O   1 
ATOM   300  C CB  . LEU A 1 64  ? -5.071  -7.769  -0.807  1.00 22.25 ? 55  LEU A CB  1 
ATOM   301  C CG  . LEU A 1 64  ? -3.968  -6.718  -0.902  1.00 21.39 ? 55  LEU A CG  1 
ATOM   302  C CD1 . LEU A 1 64  ? -2.689  -7.188  -0.216  1.00 22.27 ? 55  LEU A CD1 1 
ATOM   303  C CD2 . LEU A 1 64  ? -3.719  -6.373  -2.357  1.00 26.95 ? 55  LEU A CD2 1 
ATOM   304  N N   . GLN A 1 65  ? -8.043  -7.885  1.061   1.00 21.48 ? 56  GLN A N   1 
ATOM   305  C CA  . GLN A 1 65  ? -9.412  -8.386  1.076   1.00 25.68 ? 56  GLN A CA  1 
ATOM   306  C C   . GLN A 1 65  ? -10.353 -7.480  0.296   1.00 25.72 ? 56  GLN A C   1 
ATOM   307  O O   . GLN A 1 65  ? -10.434 -6.281  0.558   1.00 20.08 ? 56  GLN A O   1 
ATOM   308  C CB  . GLN A 1 65  ? -9.916  -8.536  2.509   1.00 22.93 ? 56  GLN A CB  1 
ATOM   309  C CG  . GLN A 1 65  ? -11.423 -8.667  2.620   1.00 31.20 ? 56  GLN A CG  1 
ATOM   310  C CD  . GLN A 1 65  ? -11.930 -10.008 2.133   1.00 40.20 ? 56  GLN A CD  1 
ATOM   311  O OE1 . GLN A 1 65  ? -11.148 -10.939 1.937   1.00 46.68 ? 56  GLN A OE1 1 
ATOM   312  N NE2 . GLN A 1 65  ? -13.245 -10.117 1.939   1.00 36.64 ? 56  GLN A NE2 1 
ATOM   313  N N   . ALA A 1 66  ? -11.072 -8.076  -0.651  1.00 23.70 ? 57  ALA A N   1 
ATOM   314  C CA  . ALA A 1 66  ? -12.014 -7.350  -1.489  1.00 25.30 ? 57  ALA A CA  1 
ATOM   315  C C   . ALA A 1 66  ? -13.219 -6.947  -0.667  1.00 29.34 ? 57  ALA A C   1 
ATOM   316  O O   . ALA A 1 66  ? -13.859 -7.799  -0.057  1.00 30.80 ? 57  ALA A O   1 
ATOM   317  C CB  . ALA A 1 66  ? -12.463 -8.238  -2.638  1.00 28.98 ? 57  ALA A CB  1 
ATOM   318  N N   . GLU A 1 67  ? -13.545 -5.661  -0.639  1.00 26.20 ? 58  GLU A N   1 
ATOM   319  C CA  . GLU A 1 67  ? -14.777 -5.257  0.031   1.00 26.56 ? 58  GLU A CA  1 
ATOM   320  C C   . GLU A 1 67  ? -15.924 -5.089  -0.972  1.00 29.52 ? 58  GLU A C   1 
ATOM   321  O O   . GLU A 1 67  ? -17.087 -5.232  -0.616  1.00 31.59 ? 58  GLU A O   1 
ATOM   322  C CB  . GLU A 1 67  ? -14.560 -4.024  0.926   1.00 30.93 ? 58  GLU A CB  1 
ATOM   323  C CG  . GLU A 1 67  ? -14.923 -2.683  0.322   1.00 33.84 ? 58  GLU A CG  1 
ATOM   324  C CD  . GLU A 1 67  ? -16.394 -2.339  0.479   1.00 35.30 ? 58  GLU A CD  1 
ATOM   325  O OE1 . GLU A 1 67  ? -17.080 -2.217  -0.555  1.00 35.76 ? 58  GLU A OE1 1 
ATOM   326  O OE2 . GLU A 1 67  ? -16.868 -2.190  1.627   1.00 40.01 ? 58  GLU A OE2 1 
ATOM   327  N N   . GLU A 1 68  ? -15.569 -4.790  -2.219  1.00 23.87 ? 59  GLU A N   1 
ATOM   328  C CA  . GLU A 1 68  ? -16.491 -4.740  -3.343  1.00 30.57 ? 59  GLU A CA  1 
ATOM   329  C C   . GLU A 1 68  ? -15.603 -4.936  -4.562  1.00 27.12 ? 59  GLU A C   1 
ATOM   330  O O   . GLU A 1 68  ? -14.388 -4.867  -4.442  1.00 22.20 ? 59  GLU A O   1 
ATOM   331  C CB  . GLU A 1 68  ? -17.174 -3.375  -3.424  1.00 28.88 ? 59  GLU A CB  1 
ATOM   332  C CG  . GLU A 1 68  ? -18.421 -3.346  -4.288  1.00 36.93 ? 59  GLU A CG  1 
ATOM   333  C CD  . GLU A 1 68  ? -18.708 -1.962  -4.852  1.00 40.25 ? 59  GLU A CD  1 
ATOM   334  O OE1 . GLU A 1 68  ? -19.416 -1.868  -5.884  1.00 39.83 ? 59  GLU A OE1 1 
ATOM   335  O OE2 . GLU A 1 68  ? -18.224 -0.969  -4.265  1.00 37.89 ? 59  GLU A OE2 1 
ATOM   336  N N   . ARG A 1 69  ? -16.189 -5.185  -5.727  1.00 29.57 ? 60  ARG A N   1 
ATOM   337  C CA  . ARG A 1 69  ? -15.393 -5.315  -6.943  1.00 27.83 ? 60  ARG A CA  1 
ATOM   338  C C   . ARG A 1 69  ? -14.429 -4.141  -7.117  1.00 26.18 ? 60  ARG A C   1 
ATOM   339  O O   . ARG A 1 69  ? -14.858 -2.997  -7.224  1.00 27.37 ? 60  ARG A O   1 
ATOM   340  C CB  . ARG A 1 69  ? -16.299 -5.410  -8.168  1.00 35.08 ? 60  ARG A CB  1 
ATOM   341  C CG  . ARG A 1 69  ? -16.521 -6.821  -8.677  1.00 45.53 ? 60  ARG A CG  1 
ATOM   342  C CD  . ARG A 1 69  ? -16.207 -6.905  -10.163 1.00 46.07 ? 60  ARG A CD  1 
ATOM   343  N NE  . ARG A 1 69  ? -16.943 -5.914  -10.941 1.00 49.56 ? 60  ARG A NE  1 
ATOM   344  C CZ  . ARG A 1 69  ? -16.534 -5.442  -12.116 1.00 57.10 ? 60  ARG A CZ  1 
ATOM   345  N NH1 . ARG A 1 69  ? -15.392 -5.870  -12.636 1.00 57.96 ? 60  ARG A NH1 1 
ATOM   346  N NH2 . ARG A 1 69  ? -17.255 -4.539  -12.770 1.00 56.40 ? 60  ARG A NH2 1 
ATOM   347  N N   . GLY A 1 70  ? -13.131 -4.430  -7.119  1.00 24.46 ? 61  GLY A N   1 
ATOM   348  C CA  . GLY A 1 70  ? -12.132 -3.402  -7.371  1.00 23.09 ? 61  GLY A CA  1 
ATOM   349  C C   . GLY A 1 70  ? -11.741 -2.552  -6.170  1.00 20.37 ? 61  GLY A C   1 
ATOM   350  O O   . GLY A 1 70  ? -10.936 -1.623  -6.297  1.00 22.12 ? 61  GLY A O   1 
ATOM   351  N N   . VAL A 1 71  ? -12.302 -2.866  -5.006  1.00 20.11 ? 62  VAL A N   1 
ATOM   352  C CA  . VAL A 1 71  ? -12.004 -2.123  -3.784  1.00 17.52 ? 62  VAL A CA  1 
ATOM   353  C C   . VAL A 1 71  ? -11.461 -3.071  -2.718  1.00 19.13 ? 62  VAL A C   1 
ATOM   354  O O   . VAL A 1 71  ? -12.102 -4.073  -2.390  1.00 21.03 ? 62  VAL A O   1 
ATOM   355  C CB  . VAL A 1 71  ? -13.267 -1.433  -3.228  1.00 17.63 ? 62  VAL A CB  1 
ATOM   356  C CG1 . VAL A 1 71  ? -12.930 -0.626  -1.952  1.00 16.06 ? 62  VAL A CG1 1 
ATOM   357  C CG2 . VAL A 1 71  ? -13.913 -0.552  -4.287  1.00 18.21 ? 62  VAL A CG2 1 
ATOM   358  N N   . VAL A 1 72  ? -10.289 -2.760  -2.170  1.00 18.26 ? 63  VAL A N   1 
ATOM   359  C CA  . VAL A 1 72  ? -9.668  -3.642  -1.182  1.00 16.11 ? 63  VAL A CA  1 
ATOM   360  C C   . VAL A 1 72  ? -9.263  -2.922  0.100   1.00 15.77 ? 63  VAL A C   1 
ATOM   361  O O   . VAL A 1 72  ? -9.085  -1.710  0.116   1.00 17.66 ? 63  VAL A O   1 
ATOM   362  C CB  . VAL A 1 72  ? -8.405  -4.339  -1.754  1.00 18.12 ? 63  VAL A CB  1 
ATOM   363  C CG1 . VAL A 1 72  ? -8.757  -5.175  -2.987  1.00 18.75 ? 63  VAL A CG1 1 
ATOM   364  C CG2 . VAL A 1 72  ? -7.331  -3.315  -2.098  1.00 18.72 ? 63  VAL A CG2 1 
ATOM   365  N N   . SER A 1 73  ? -9.144  -3.686  1.180   1.00 18.53 ? 64  SER A N   1 
ATOM   366  C CA  . SER A 1 73  ? -8.370  -3.263  2.342   1.00 14.56 ? 64  SER A CA  1 
ATOM   367  C C   . SER A 1 73  ? -7.042  -4.012  2.290   1.00 15.36 ? 64  SER A C   1 
ATOM   368  O O   . SER A 1 73  ? -6.940  -5.059  1.650   1.00 16.95 ? 64  SER A O   1 
ATOM   369  C CB  . SER A 1 73  ? -9.116  -3.535  3.649   1.00 19.72 ? 64  SER A CB  1 
ATOM   370  O OG  . SER A 1 73  ? -9.386  -4.916  3.820   1.00 19.33 ? 64  SER A OG  1 
ATOM   371  N N   . ILE A 1 74  ? -6.023  -3.457  2.936   1.00 17.89 ? 65  ILE A N   1 
ATOM   372  C CA  . ILE A 1 74  ? -4.680  -4.040  2.944   1.00 14.68 ? 65  ILE A CA  1 
ATOM   373  C C   . ILE A 1 74  ? -4.251  -4.199  4.400   1.00 15.91 ? 65  ILE A C   1 
ATOM   374  O O   . ILE A 1 74  ? -3.991  -3.208  5.087   1.00 18.15 ? 65  ILE A O   1 
ATOM   375  C CB  . ILE A 1 74  ? -3.682  -3.146  2.157   1.00 13.60 ? 65  ILE A CB  1 
ATOM   376  C CG1 . ILE A 1 74  ? -4.146  -3.009  0.708   1.00 15.58 ? 65  ILE A CG1 1 
ATOM   377  C CG2 . ILE A 1 74  ? -2.279  -3.725  2.178   1.00 17.04 ? 65  ILE A CG2 1 
ATOM   378  C CD1 . ILE A 1 74  ? -3.324  -2.032  -0.120  1.00 15.01 ? 65  ILE A CD1 1 
ATOM   379  N N   . LYS A 1 75  ? -4.208  -5.437  4.879   1.00 15.72 ? 66  LYS A N   1 
ATOM   380  C CA  . LYS A 1 75  ? -3.869  -5.683  6.280   1.00 16.34 ? 66  LYS A CA  1 
ATOM   381  C C   . LYS A 1 75  ? -2.491  -6.326  6.450   1.00 16.82 ? 66  LYS A C   1 
ATOM   382  O O   . LYS A 1 75  ? -2.132  -7.254  5.724   1.00 15.37 ? 66  LYS A O   1 
ATOM   383  C CB  . LYS A 1 75  ? -4.928  -6.548  6.964   1.00 16.49 ? 66  LYS A CB  1 
ATOM   384  C CG  . LYS A 1 75  ? -4.760  -6.603  8.497   1.00 19.31 ? 66  LYS A CG  1 
ATOM   385  C CD  . LYS A 1 75  ? -5.566  -7.728  9.145   1.00 23.77 ? 66  LYS A CD  1 
ATOM   386  C CE  . LYS A 1 75  ? -4.779  -9.022  9.129   1.00 24.87 ? 66  LYS A CE  1 
ATOM   387  N NZ  . LYS A 1 75  ? -5.471  -10.128 9.848   1.00 27.51 ? 66  LYS A NZ  1 
ATOM   388  N N   . GLY A 1 76  ? -1.725  -5.835  7.420   1.00 17.83 ? 67  GLY A N   1 
ATOM   389  C CA  . GLY A 1 76  ? -0.439  -6.433  7.742   1.00 16.60 ? 67  GLY A CA  1 
ATOM   390  C C   . GLY A 1 76  ? -0.702  -7.707  8.520   1.00 20.06 ? 67  GLY A C   1 
ATOM   391  O O   . GLY A 1 76  ? -1.318  -7.651  9.577   1.00 19.60 ? 67  GLY A O   1 
ATOM   392  N N   . VAL A 1 77  ? -0.254  -8.846  7.992   1.00 17.17 ? 68  VAL A N   1 
ATOM   393  C CA  . VAL A 1 77  ? -0.468  -10.143 8.635   1.00 20.41 ? 68  VAL A CA  1 
ATOM   394  C C   . VAL A 1 77  ? 0.173   -10.189 10.025  1.00 19.97 ? 68  VAL A C   1 
ATOM   395  O O   . VAL A 1 77  ? -0.450  -10.600 11.001  1.00 21.35 ? 68  VAL A O   1 
ATOM   396  C CB  . VAL A 1 77  ? 0.065   -11.303 7.763   1.00 19.23 ? 68  VAL A CB  1 
ATOM   397  C CG1 . VAL A 1 77  ? 0.026   -12.627 8.548   1.00 19.38 ? 68  VAL A CG1 1 
ATOM   398  C CG2 . VAL A 1 77  ? -0.743  -11.431 6.479   1.00 20.33 ? 68  VAL A CG2 1 
ATOM   399  N N   . SER A 1 78  ? 1.418   -9.744  10.118  1.00 17.84 ? 69  SER A N   1 
ATOM   400  C CA  . SER A 1 78  ? 2.118   -9.733  11.395  1.00 18.97 ? 69  SER A CA  1 
ATOM   401  C C   . SER A 1 78  ? 1.593   -8.639  12.324  1.00 25.50 ? 69  SER A C   1 
ATOM   402  O O   . SER A 1 78  ? 1.441   -8.856  13.526  1.00 23.06 ? 69  SER A O   1 
ATOM   403  C CB  . SER A 1 78  ? 3.621   -9.574  11.171  1.00 22.82 ? 69  SER A CB  1 
ATOM   404  O OG  . SER A 1 78  ? 4.321   -9.495  12.393  1.00 29.41 ? 69  SER A OG  1 
ATOM   405  N N   . ALA A 1 79  ? 1.298   -7.474  11.760  1.00 22.25 ? 70  ALA A N   1 
ATOM   406  C CA  . ALA A 1 79  ? 0.933   -6.299  12.548  1.00 20.34 ? 70  ALA A CA  1 
ATOM   407  C C   . ALA A 1 79  ? -0.519  -6.270  13.019  1.00 21.85 ? 70  ALA A C   1 
ATOM   408  O O   . ALA A 1 79  ? -0.828  -5.609  14.015  1.00 21.43 ? 70  ALA A O   1 
ATOM   409  C CB  . ALA A 1 79  ? 1.258   -5.018  11.767  1.00 19.73 ? 70  ALA A CB  1 
ATOM   410  N N   . ASN A 1 80  ? -1.400  -6.980  12.313  1.00 21.20 ? 71  ASN A N   1 
ATOM   411  C CA  . ASN A 1 80  ? -2.844  -6.883  12.545  1.00 17.30 ? 71  ASN A CA  1 
ATOM   412  C C   . ASN A 1 80  ? -3.334  -5.452  12.481  1.00 19.34 ? 71  ASN A C   1 
ATOM   413  O O   . ASN A 1 80  ? -4.139  -5.025  13.293  1.00 19.61 ? 71  ASN A O   1 
ATOM   414  C CB  . ASN A 1 80  ? -3.251  -7.507  13.881  1.00 23.88 ? 71  ASN A CB  1 
ATOM   415  C CG  . ASN A 1 80  ? -3.739  -8.923  13.735  1.00 23.18 ? 71  ASN A CG  1 
ATOM   416  O OD1 . ASN A 1 80  ? -4.260  -9.311  12.690  1.00 23.18 ? 71  ASN A OD1 1 
ATOM   417  N ND2 . ASN A 1 80  ? -3.586  -9.709  14.797  1.00 24.42 ? 71  ASN A ND2 1 
ATOM   418  N N   . ARG A 1 81  ? -2.836  -4.705  11.502  1.00 17.73 ? 72  ARG A N   1 
ATOM   419  C CA  . ARG A 1 81  ? -3.248  -3.328  11.318  1.00 20.07 ? 72  ARG A CA  1 
ATOM   420  C C   . ARG A 1 81  ? -3.556  -3.133  9.845   1.00 15.27 ? 72  ARG A C   1 
ATOM   421  O O   . ARG A 1 81  ? -2.982  -3.816  8.998   1.00 17.21 ? 72  ARG A O   1 
ATOM   422  C CB  . ARG A 1 81  ? -2.138  -2.373  11.758  1.00 18.84 ? 72  ARG A CB  1 
ATOM   423  C CG  . ARG A 1 81  ? -1.724  -2.563  13.216  1.00 20.19 ? 72  ARG A CG  1 
ATOM   424  C CD  . ARG A 1 81  ? -0.661  -1.564  13.620  1.00 24.64 ? 72  ARG A CD  1 
ATOM   425  N NE  . ARG A 1 81  ? -1.250  -0.248  13.801  1.00 35.21 ? 72  ARG A NE  1 
ATOM   426  C CZ  . ARG A 1 81  ? -1.472  0.312   14.983  1.00 23.58 ? 72  ARG A CZ  1 
ATOM   427  N NH1 . ARG A 1 81  ? -1.121  -0.318  16.094  1.00 32.44 ? 72  ARG A NH1 1 
ATOM   428  N NH2 . ARG A 1 81  ? -2.027  1.514   15.050  1.00 23.94 ? 72  ARG A NH2 1 
ATOM   429  N N   . TYR A 1 82  ? -4.461  -2.208  9.553   1.00 14.72 ? 73  TYR A N   1 
ATOM   430  C CA  . TYR A 1 82  ? -4.917  -1.987  8.181   1.00 17.35 ? 73  TYR A CA  1 
ATOM   431  C C   . TYR A 1 82  ? -4.331  -0.716  7.637   1.00 15.45 ? 73  TYR A C   1 
ATOM   432  O O   . TYR A 1 82  ? -4.349  0.322   8.308   1.00 15.64 ? 73  TYR A O   1 
ATOM   433  C CB  . TYR A 1 82  ? -6.436  -1.887  8.132   1.00 17.00 ? 73  TYR A CB  1 
ATOM   434  C CG  . TYR A 1 82  ? -7.109  -3.141  8.622   1.00 17.77 ? 73  TYR A CG  1 
ATOM   435  C CD1 . TYR A 1 82  ? -7.347  -3.336  9.978   1.00 21.16 ? 73  TYR A CD1 1 
ATOM   436  C CD2 . TYR A 1 82  ? -7.471  -4.142  7.738   1.00 19.13 ? 73  TYR A CD2 1 
ATOM   437  C CE1 . TYR A 1 82  ? -7.937  -4.485  10.435  1.00 22.86 ? 73  TYR A CE1 1 
ATOM   438  C CE2 . TYR A 1 82  ? -8.072  -5.301  8.190   1.00 20.77 ? 73  TYR A CE2 1 
ATOM   439  C CZ  . TYR A 1 82  ? -8.296  -5.464  9.541   1.00 23.34 ? 73  TYR A CZ  1 
ATOM   440  O OH  . TYR A 1 82  ? -8.891  -6.607  10.011  1.00 27.47 ? 73  TYR A OH  1 
ATOM   441  N N   . LEU A 1 83  ? -3.827  -0.788  6.409   1.00 14.45 ? 74  LEU A N   1 
ATOM   442  C CA  . LEU A 1 83  ? -3.247  0.383   5.772   1.00 13.45 ? 74  LEU A CA  1 
ATOM   443  C C   . LEU A 1 83  ? -4.335  1.452   5.629   1.00 17.05 ? 74  LEU A C   1 
ATOM   444  O O   . LEU A 1 83  ? -5.462  1.153   5.219   1.00 16.90 ? 74  LEU A O   1 
ATOM   445  C CB  . LEU A 1 83  ? -2.659  -0.004  4.407   1.00 13.86 ? 74  LEU A CB  1 
ATOM   446  C CG  . LEU A 1 83  ? -1.849  1.050   3.652   1.00 14.10 ? 74  LEU A CG  1 
ATOM   447  C CD1 . LEU A 1 83  ? -0.537  1.362   4.370   1.00 19.04 ? 74  LEU A CD1 1 
ATOM   448  C CD2 . LEU A 1 83  ? -1.595  0.598   2.217   1.00 17.80 ? 74  LEU A CD2 1 
ATOM   449  N N   . ALA A 1 84  ? -4.000  2.684   5.995   1.00 15.81 ? 75  ALA A N   1 
ATOM   450  C CA  . ALA A 1 84  ? -4.922  3.811   5.891   1.00 16.25 ? 75  ALA A CA  1 
ATOM   451  C C   . ALA A 1 84  ? -4.210  5.026   5.331   1.00 19.17 ? 75  ALA A C   1 
ATOM   452  O O   . ALA A 1 84  ? -3.036  5.249   5.616   1.00 17.85 ? 75  ALA A O   1 
ATOM   453  C CB  . ALA A 1 84  ? -5.518  4.143   7.250   1.00 19.72 ? 75  ALA A CB  1 
ATOM   454  N N   . MET A 1 85  ? -4.915  5.815   4.531   1.00 13.51 ? 76  MET A N   1 
ATOM   455  C CA  . MET A 1 85  ? -4.369  7.095   4.120   1.00 18.53 ? 76  MET A CA  1 
ATOM   456  C C   . MET A 1 85  ? -5.146  8.218   4.779   1.00 18.88 ? 76  MET A C   1 
ATOM   457  O O   . MET A 1 85  ? -6.374  8.226   4.763   1.00 19.40 ? 76  MET A O   1 
ATOM   458  C CB  . MET A 1 85  ? -4.349  7.265   2.599   1.00 20.15 ? 76  MET A CB  1 
ATOM   459  C CG  . MET A 1 85  ? -3.539  8.489   2.205   1.00 21.94 ? 76  MET A CG  1 
ATOM   460  S SD  . MET A 1 85  ? -3.462  8.766   0.462   1.00 29.60 ? 76  MET A SD  1 
ATOM   461  C CE  . MET A 1 85  ? -2.481  7.362   -0.055  1.00 20.37 ? 76  MET A CE  1 
ATOM   462  N N   . LYS A 1 86  ? -4.416  9.151   5.378   1.00 20.00 ? 77  LYS A N   1 
ATOM   463  C CA  . LYS A 1 86  ? -5.011  10.248  6.133   1.00 20.84 ? 77  LYS A CA  1 
ATOM   464  C C   . LYS A 1 86  ? -5.330  11.447  5.246   1.00 20.73 ? 77  LYS A C   1 
ATOM   465  O O   . LYS A 1 86  ? -4.912  11.516  4.090   1.00 20.17 ? 77  LYS A O   1 
ATOM   466  C CB  . LYS A 1 86  ? -4.081  10.667  7.277   1.00 19.05 ? 77  LYS A CB  1 
ATOM   467  C CG  . LYS A 1 86  ? -3.631  9.491   8.146   1.00 18.36 ? 77  LYS A CG  1 
ATOM   468  C CD  . LYS A 1 86  ? -4.810  8.795   8.791   1.00 22.75 ? 77  LYS A CD  1 
ATOM   469  C CE  . LYS A 1 86  ? -5.418  9.642   9.900   1.00 24.19 ? 77  LYS A CE  1 
ATOM   470  N NZ  . LYS A 1 86  ? -6.598  8.963   10.506  1.00 21.94 ? 77  LYS A NZ  1 
ATOM   471  N N   . GLU A 1 87  ? -6.064  12.403  5.804   1.00 22.38 ? 78  GLU A N   1 
ATOM   472  C CA  . GLU A 1 87  ? -6.520  13.545  5.031   1.00 22.77 ? 78  GLU A CA  1 
ATOM   473  C C   . GLU A 1 87  ? -5.402  14.444  4.520   1.00 23.73 ? 78  GLU A C   1 
ATOM   474  O O   . GLU A 1 87  ? -5.612  15.200  3.574   1.00 25.43 ? 78  GLU A O   1 
ATOM   475  C CB  . GLU A 1 87  ? -7.573  14.352  5.800   1.00 29.31 ? 78  GLU A CB  1 
ATOM   476  C CG  . GLU A 1 87  ? -7.197  14.748  7.211   1.00 35.17 ? 78  GLU A CG  1 
ATOM   477  C CD  . GLU A 1 87  ? -8.424  15.029  8.068   1.00 42.81 ? 78  GLU A CD  1 
ATOM   478  O OE1 . GLU A 1 87  ? -9.220  15.921  7.697   1.00 47.50 ? 78  GLU A OE1 1 
ATOM   479  O OE2 . GLU A 1 87  ? -8.604  14.349  9.102   1.00 43.10 ? 78  GLU A OE2 1 
ATOM   480  N N   . ASP A 1 88  ? -4.220  14.362  5.129   1.00 22.44 ? 79  ASP A N   1 
ATOM   481  C CA  . ASP A 1 88  ? -3.080  15.114  4.634   1.00 22.41 ? 79  ASP A CA  1 
ATOM   482  C C   . ASP A 1 88  ? -2.113  14.272  3.804   1.00 21.55 ? 79  ASP A C   1 
ATOM   483  O O   . ASP A 1 88  ? -1.027  14.727  3.473   1.00 23.23 ? 79  ASP A O   1 
ATOM   484  C CB  . ASP A 1 88  ? -2.340  15.821  5.776   1.00 27.03 ? 79  ASP A CB  1 
ATOM   485  C CG  . ASP A 1 88  ? -1.875  14.866  6.866   1.00 25.93 ? 79  ASP A CG  1 
ATOM   486  O OD1 . ASP A 1 88  ? -1.963  13.633  6.669   1.00 21.96 ? 79  ASP A OD1 1 
ATOM   487  O OD2 . ASP A 1 88  ? -1.413  15.363  7.920   1.00 26.73 ? 79  ASP A OD2 1 
ATOM   488  N N   . GLY A 1 89  ? -2.510  13.055  3.454   1.00 19.44 ? 80  GLY A N   1 
ATOM   489  C CA  . GLY A 1 89  ? -1.689  12.212  2.598   1.00 16.22 ? 80  GLY A CA  1 
ATOM   490  C C   . GLY A 1 89  ? -0.771  11.271  3.355   1.00 17.44 ? 80  GLY A C   1 
ATOM   491  O O   . GLY A 1 89  ? -0.043  10.474  2.764   1.00 18.08 ? 80  GLY A O   1 
ATOM   492  N N   . ARG A 1 90  ? -0.794  11.354  4.677   1.00 17.12 ? 81  ARG A N   1 
ATOM   493  C CA  . ARG A 1 90  ? 0.018   10.443  5.473   1.00 18.57 ? 81  ARG A CA  1 
ATOM   494  C C   . ARG A 1 90  ? -0.464  9.011   5.321   1.00 19.11 ? 81  ARG A C   1 
ATOM   495  O O   . ARG A 1 90  ? -1.663  8.752   5.213   1.00 18.97 ? 81  ARG A O   1 
ATOM   496  C CB  . ARG A 1 90  ? -0.001  10.833  6.946   1.00 16.22 ? 81  ARG A CB  1 
ATOM   497  C CG  . ARG A 1 90  ? 0.810   12.057  7.271   1.00 20.39 ? 81  ARG A CG  1 
ATOM   498  C CD  . ARG A 1 90  ? 0.272   12.744  8.524   1.00 24.79 ? 81  ARG A CD  1 
ATOM   499  N NE  . ARG A 1 90  ? 0.093   11.818  9.621   1.00 33.53 ? 81  ARG A NE  1 
ATOM   500  C CZ  . ARG A 1 90  ? -1.045  11.629  10.281  1.00 24.65 ? 81  ARG A CZ  1 
ATOM   501  N NH1 . ARG A 1 90  ? -2.150  12.301  9.971   1.00 28.42 ? 81  ARG A NH1 1 
ATOM   502  N NH2 . ARG A 1 90  ? -1.064  10.757  11.263  1.00 23.53 ? 81  ARG A NH2 1 
ATOM   503  N N   . LEU A 1 91  ? 0.495   8.094   5.294   1.00 16.61 ? 82  LEU A N   1 
ATOM   504  C CA  . LEU A 1 91  ? 0.220   6.671   5.281   1.00 19.89 ? 82  LEU A CA  1 
ATOM   505  C C   . LEU A 1 91  ? 0.577   6.110   6.659   1.00 19.30 ? 82  LEU A C   1 
ATOM   506  O O   . LEU A 1 91  ? 1.603   6.465   7.236   1.00 22.11 ? 82  LEU A O   1 
ATOM   507  C CB  . LEU A 1 91  ? 1.078   6.017   4.194   1.00 24.03 ? 82  LEU A CB  1 
ATOM   508  C CG  . LEU A 1 91  ? 0.501   4.941   3.288   1.00 25.15 ? 82  LEU A CG  1 
ATOM   509  C CD1 . LEU A 1 91  ? -0.806  5.393   2.652   1.00 24.62 ? 82  LEU A CD1 1 
ATOM   510  C CD2 . LEU A 1 91  ? 1.533   4.564   2.233   1.00 17.06 ? 82  LEU A CD2 1 
ATOM   511  N N   . LEU A 1 92  ? -0.287  5.255   7.193   1.00 17.91 ? 83  LEU A N   1 
ATOM   512  C CA  . LEU A 1 92  ? -0.045  4.564   8.455   1.00 15.04 ? 83  LEU A CA  1 
ATOM   513  C C   . LEU A 1 92  ? -0.937  3.323   8.485   1.00 16.86 ? 83  LEU A C   1 
ATOM   514  O O   . LEU A 1 92  ? -1.724  3.101   7.555   1.00 18.09 ? 83  LEU A O   1 
ATOM   515  C CB  . LEU A 1 92  ? -0.351  5.477   9.645   1.00 17.87 ? 83  LEU A CB  1 
ATOM   516  C CG  . LEU A 1 92  ? -1.619  6.341   9.652   1.00 19.52 ? 83  LEU A CG  1 
ATOM   517  C CD1 . LEU A 1 92  ? -2.907  5.536   9.771   1.00 22.39 ? 83  LEU A CD1 1 
ATOM   518  C CD2 . LEU A 1 92  ? -1.528  7.353   10.784  1.00 22.05 ? 83  LEU A CD2 1 
ATOM   519  N N   . ALA A 1 93  ? -0.840  2.520   9.533   1.00 17.64 ? 84  ALA A N   1 
ATOM   520  C CA  . ALA A 1 93  ? -1.750  1.389   9.644   1.00 17.27 ? 84  ALA A CA  1 
ATOM   521  C C   . ALA A 1 93  ? -2.460  1.351   10.992  1.00 19.50 ? 84  ALA A C   1 
ATOM   522  O O   . ALA A 1 93  ? -1.823  1.382   12.048  1.00 21.05 ? 84  ALA A O   1 
ATOM   523  C CB  . ALA A 1 93  ? -1.027  0.089   9.364   1.00 17.59 ? 84  ALA A CB  1 
ATOM   524  N N   . SER A 1 94  ? -3.788  1.278   10.945  1.00 19.16 ? 85  SER A N   1 
ATOM   525  C CA  . SER A 1 94  ? -4.620  1.360   12.144  1.00 23.48 ? 85  SER A CA  1 
ATOM   526  C C   . SER A 1 94  ? -5.168  0.012   12.617  1.00 22.21 ? 85  SER A C   1 
ATOM   527  O O   . SER A 1 94  ? -5.359  -0.912  11.825  1.00 20.73 ? 85  SER A O   1 
ATOM   528  C CB  . SER A 1 94  ? -5.799  2.286   11.867  1.00 24.84 ? 85  SER A CB  1 
ATOM   529  O OG  . SER A 1 94  ? -6.604  1.734   10.847  1.00 27.61 ? 85  SER A OG  1 
ATOM   530  N N   . LYS A 1 95  ? -5.444  -0.095  13.916  1.00 24.16 ? 86  LYS A N   1 
ATOM   531  C CA  . LYS A 1 95  ? -6.034  -1.316  14.452  1.00 25.93 ? 86  LYS A CA  1 
ATOM   532  C C   . LYS A 1 95  ? -7.461  -1.496  13.961  1.00 25.63 ? 86  LYS A C   1 
ATOM   533  O O   . LYS A 1 95  ? -7.921  -2.620  13.750  1.00 27.98 ? 86  LYS A O   1 
ATOM   534  C CB  . LYS A 1 95  ? -6.018  -1.309  15.983  1.00 26.15 ? 86  LYS A CB  1 
ATOM   535  C CG  . LYS A 1 95  ? -4.642  -1.438  16.594  1.00 30.03 ? 86  LYS A CG  1 
ATOM   536  C CD  . LYS A 1 95  ? -4.733  -1.447  18.118  1.00 34.04 ? 86  LYS A CD  1 
ATOM   537  C CE  . LYS A 1 95  ? -5.245  -0.114  18.663  1.00 41.16 ? 86  LYS A CE  1 
ATOM   538  N NZ  . LYS A 1 95  ? -4.288  1.012   18.423  1.00 44.12 ? 86  LYS A NZ  1 
ATOM   539  N N   . SER A 1 96  ? -8.161  -0.382  13.779  1.00 26.74 ? 87  SER A N   1 
ATOM   540  C CA  . SER A 1 96  ? -9.544  -0.424  13.323  1.00 29.60 ? 87  SER A CA  1 
ATOM   541  C C   . SER A 1 96  ? -9.670  -0.139  11.830  1.00 26.13 ? 87  SER A C   1 
ATOM   542  O O   . SER A 1 96  ? -8.851  0.571   11.244  1.00 26.37 ? 87  SER A O   1 
ATOM   543  C CB  . SER A 1 96  ? -10.395 0.572   14.110  1.00 31.89 ? 87  SER A CB  1 
ATOM   544  O OG  . SER A 1 96  ? -10.226 0.389   15.506  1.00 39.26 ? 87  SER A OG  1 
ATOM   545  N N   . VAL A 1 97  ? -10.703 -0.711  11.226  1.00 26.36 ? 88  VAL A N   1 
ATOM   546  C CA  . VAL A 1 97  ? -11.023 -0.458  9.833   1.00 24.66 ? 88  VAL A CA  1 
ATOM   547  C C   . VAL A 1 97  ? -11.984 0.712   9.754   1.00 29.95 ? 88  VAL A C   1 
ATOM   548  O O   . VAL A 1 97  ? -13.082 0.655   10.306  1.00 33.20 ? 88  VAL A O   1 
ATOM   549  C CB  . VAL A 1 97  ? -11.696 -1.672  9.182   1.00 26.73 ? 88  VAL A CB  1 
ATOM   550  C CG1 . VAL A 1 97  ? -12.033 -1.373  7.728   1.00 28.01 ? 88  VAL A CG1 1 
ATOM   551  C CG2 . VAL A 1 97  ? -10.798 -2.892  9.290   1.00 28.81 ? 88  VAL A CG2 1 
ATOM   552  N N   . THR A 1 98  ? -11.559 1.774   9.079   1.00 24.08 ? 89  THR A N   1 
ATOM   553  C CA  . THR A 1 98  ? -12.378 2.957   8.883   1.00 23.10 ? 89  THR A CA  1 
ATOM   554  C C   . THR A 1 98  ? -12.475 3.225   7.390   1.00 21.37 ? 89  THR A C   1 
ATOM   555  O O   . THR A 1 98  ? -11.884 2.502   6.593   1.00 20.97 ? 89  THR A O   1 
ATOM   556  C CB  . THR A 1 98  ? -11.745 4.181   9.559   1.00 25.76 ? 89  THR A CB  1 
ATOM   557  O OG1 . THR A 1 98  ? -10.504 4.500   8.911   1.00 23.45 ? 89  THR A OG1 1 
ATOM   558  C CG2 . THR A 1 98  ? -11.494 3.909   11.037  1.00 23.68 ? 89  THR A CG2 1 
ATOM   559  N N   . ASP A 1 99  ? -13.192 4.275   7.009   1.00 20.26 ? 90  ASP A N   1 
ATOM   560  C CA  . ASP A 1 99  ? -13.322 4.616   5.598   1.00 22.71 ? 90  ASP A CA  1 
ATOM   561  C C   . ASP A 1 99  ? -11.988 5.017   4.966   1.00 21.61 ? 90  ASP A C   1 
ATOM   562  O O   . ASP A 1 99  ? -11.878 5.121   3.754   1.00 20.88 ? 90  ASP A O   1 
ATOM   563  C CB  . ASP A 1 99  ? -14.391 5.695   5.378   1.00 24.62 ? 90  ASP A CB  1 
ATOM   564  C CG  . ASP A 1 99  ? -14.068 7.011   6.073   1.00 27.77 ? 90  ASP A CG  1 
ATOM   565  O OD1 . ASP A 1 99  ? -13.034 7.106   6.764   1.00 27.97 ? 90  ASP A OD1 1 
ATOM   566  O OD2 . ASP A 1 99  ? -14.869 7.961   5.930   1.00 25.83 ? 90  ASP A OD2 1 
ATOM   567  N N   . GLU A 1 100 ? -10.973 5.233   5.793   1.00 19.21 ? 91  GLU A N   1 
ATOM   568  C CA  . GLU A 1 100 ? -9.658  5.596   5.271   1.00 21.01 ? 91  GLU A CA  1 
ATOM   569  C C   . GLU A 1 100 ? -8.836  4.365   4.870   1.00 16.73 ? 91  GLU A C   1 
ATOM   570  O O   . GLU A 1 100 ? -7.755  4.492   4.301   1.00 19.50 ? 91  GLU A O   1 
ATOM   571  C CB  . GLU A 1 100 ? -8.914  6.488   6.271   1.00 22.64 ? 91  GLU A CB  1 
ATOM   572  C CG  . GLU A 1 100 ? -9.463  7.912   6.311   1.00 22.89 ? 91  GLU A CG  1 
ATOM   573  C CD  . GLU A 1 100 ? -8.784  8.794   7.344   1.00 23.43 ? 91  GLU A CD  1 
ATOM   574  O OE1 . GLU A 1 100 ? -8.355  8.275   8.403   1.00 25.48 ? 91  GLU A OE1 1 
ATOM   575  O OE2 . GLU A 1 100 ? -8.683  10.017  7.099   1.00 28.19 ? 91  GLU A OE2 1 
ATOM   576  N N   . CYS A 1 101 ? -9.366  3.177   5.147   1.00 15.78 ? 92  CYS A N   1 
ATOM   577  C CA  . CYS A 1 101 ? -8.654  1.925   4.894   1.00 16.60 ? 92  CYS A CA  1 
ATOM   578  C C   . CYS A 1 101 ? -9.053  1.205   3.595   1.00 15.19 ? 92  CYS A C   1 
ATOM   579  O O   . CYS A 1 101 ? -8.731  0.022   3.404   1.00 16.74 ? 92  CYS A O   1 
ATOM   580  C CB  . CYS A 1 101 ? -8.881  0.972   6.056   1.00 19.35 ? 92  CYS A CB  1 
ATOM   581  S SG  . CYS A 1 101 ? -8.316  1.616   7.637   1.00 18.74 ? 92  CYS A SG  1 
ATOM   582  N N   . PHE A 1 102 ? -9.787  1.879   2.725   1.00 16.59 ? 93  PHE A N   1 
ATOM   583  C CA  . PHE A 1 102 ? -10.189 1.241   1.476   1.00 15.46 ? 93  PHE A CA  1 
ATOM   584  C C   . PHE A 1 102 ? -9.536  1.889   0.269   1.00 12.91 ? 93  PHE A C   1 
ATOM   585  O O   . PHE A 1 102 ? -9.403  3.108   0.209   1.00 15.90 ? 93  PHE A O   1 
ATOM   586  C CB  . PHE A 1 102 ? -11.709 1.202   1.340   1.00 16.94 ? 93  PHE A CB  1 
ATOM   587  C CG  . PHE A 1 102 ? -12.374 0.441   2.444   1.00 17.82 ? 93  PHE A CG  1 
ATOM   588  C CD1 . PHE A 1 102 ? -13.073 1.105   3.436   1.00 20.48 ? 93  PHE A CD1 1 
ATOM   589  C CD2 . PHE A 1 102 ? -12.257 -0.935  2.513   1.00 21.66 ? 93  PHE A CD2 1 
ATOM   590  C CE1 . PHE A 1 102 ? -13.664 0.401   4.472   1.00 24.15 ? 93  PHE A CE1 1 
ATOM   591  C CE2 . PHE A 1 102 ? -12.846 -1.643  3.550   1.00 22.70 ? 93  PHE A CE2 1 
ATOM   592  C CZ  . PHE A 1 102 ? -13.545 -0.968  4.529   1.00 20.64 ? 93  PHE A CZ  1 
ATOM   593  N N   . PHE A 1 103 ? -9.151  1.062   -0.703  1.00 14.22 ? 94  PHE A N   1 
ATOM   594  C CA  . PHE A 1 103 ? -8.408  1.536   -1.864  1.00 16.03 ? 94  PHE A CA  1 
ATOM   595  C C   . PHE A 1 103 ? -8.940  0.908   -3.135  1.00 13.77 ? 94  PHE A C   1 
ATOM   596  O O   . PHE A 1 103 ? -9.338  -0.249  -3.129  1.00 15.48 ? 94  PHE A O   1 
ATOM   597  C CB  . PHE A 1 103 ? -6.928  1.178   -1.715  1.00 17.03 ? 94  PHE A CB  1 
ATOM   598  C CG  . PHE A 1 103 ? -6.293  1.764   -0.500  1.00 14.47 ? 94  PHE A CG  1 
ATOM   599  C CD1 . PHE A 1 103 ? -6.326  1.098   0.717   1.00 17.71 ? 94  PHE A CD1 1 
ATOM   600  C CD2 . PHE A 1 103 ? -5.680  3.005   -0.563  1.00 13.29 ? 94  PHE A CD2 1 
ATOM   601  C CE1 . PHE A 1 103 ? -5.747  1.658   1.843   1.00 15.00 ? 94  PHE A CE1 1 
ATOM   602  C CE2 . PHE A 1 103 ? -5.105  3.566   0.565   1.00 18.46 ? 94  PHE A CE2 1 
ATOM   603  C CZ  . PHE A 1 103 ? -5.141  2.892   1.765   1.00 17.27 ? 94  PHE A CZ  1 
ATOM   604  N N   . PHE A 1 104 ? -8.943  1.673   -4.220  1.00 13.57 ? 95  PHE A N   1 
ATOM   605  C CA  . PHE A 1 104 ? -9.235  1.102   -5.523  1.00 15.41 ? 95  PHE A CA  1 
ATOM   606  C C   . PHE A 1 104 ? -8.012  0.313   -5.969  1.00 17.51 ? 95  PHE A C   1 
ATOM   607  O O   . PHE A 1 104 ? -6.910  0.859   -6.047  1.00 17.93 ? 95  PHE A O   1 
ATOM   608  C CB  . PHE A 1 104 ? -9.536  2.191   -6.557  1.00 14.70 ? 95  PHE A CB  1 
ATOM   609  C CG  . PHE A 1 104 ? -10.695 3.080   -6.197  1.00 16.03 ? 95  PHE A CG  1 
ATOM   610  C CD1 . PHE A 1 104 ? -11.981 2.561   -6.067  1.00 17.78 ? 95  PHE A CD1 1 
ATOM   611  C CD2 . PHE A 1 104 ? -10.504 4.441   -6.006  1.00 17.46 ? 95  PHE A CD2 1 
ATOM   612  C CE1 . PHE A 1 104 ? -13.054 3.387   -5.744  1.00 20.20 ? 95  PHE A CE1 1 
ATOM   613  C CE2 . PHE A 1 104 ? -11.568 5.269   -5.681  1.00 18.78 ? 95  PHE A CE2 1 
ATOM   614  C CZ  . PHE A 1 104 ? -12.846 4.741   -5.548  1.00 18.69 ? 95  PHE A CZ  1 
ATOM   615  N N   . GLU A 1 105 ? -8.195  -0.972  -6.250  1.00 16.03 ? 96  GLU A N   1 
ATOM   616  C CA  . GLU A 1 105 ? -7.119  -1.768  -6.823  1.00 17.72 ? 96  GLU A CA  1 
ATOM   617  C C   . GLU A 1 105 ? -7.286  -1.837  -8.337  1.00 21.30 ? 96  GLU A C   1 
ATOM   618  O O   . GLU A 1 105 ? -8.257  -2.395  -8.835  1.00 18.25 ? 96  GLU A O   1 
ATOM   619  C CB  . GLU A 1 105 ? -7.115  -3.174  -6.232  1.00 17.83 ? 96  GLU A CB  1 
ATOM   620  C CG  . GLU A 1 105 ? -6.100  -4.095  -6.887  1.00 21.03 ? 96  GLU A CG  1 
ATOM   621  C CD  . GLU A 1 105 ? -6.098  -5.476  -6.276  1.00 26.17 ? 96  GLU A CD  1 
ATOM   622  O OE1 . GLU A 1 105 ? -5.064  -5.868  -5.702  1.00 22.47 ? 96  GLU A OE1 1 
ATOM   623  O OE2 . GLU A 1 105 ? -7.129  -6.169  -6.379  1.00 24.15 ? 96  GLU A OE2 1 
ATOM   624  N N   . ARG A 1 106 ? -6.344  -1.254  -9.071  1.00 16.85 ? 97  ARG A N   1 
ATOM   625  C CA  . ARG A 1 106 ? -6.442  -1.230  -10.517 1.00 18.66 ? 97  ARG A CA  1 
ATOM   626  C C   . ARG A 1 106 ? -5.217  -1.882  -11.135 1.00 19.74 ? 97  ARG A C   1 
ATOM   627  O O   . ARG A 1 106 ? -4.096  -1.626  -10.699 1.00 15.69 ? 97  ARG A O   1 
ATOM   628  C CB  . ARG A 1 106 ? -6.568  0.220   -10.993 1.00 17.65 ? 97  ARG A CB  1 
ATOM   629  C CG  . ARG A 1 106 ? -6.678  0.413   -12.500 1.00 19.38 ? 97  ARG A CG  1 
ATOM   630  C CD  . ARG A 1 106 ? -6.659  1.900   -12.818 1.00 21.18 ? 97  ARG A CD  1 
ATOM   631  N NE  . ARG A 1 106 ? -6.206  2.163   -14.176 1.00 28.26 ? 97  ARG A NE  1 
ATOM   632  C CZ  . ARG A 1 106 ? -7.012  2.191   -15.227 1.00 28.20 ? 97  ARG A CZ  1 
ATOM   633  N NH1 . ARG A 1 106 ? -8.309  1.983   -15.065 1.00 28.24 ? 97  ARG A NH1 1 
ATOM   634  N NH2 . ARG A 1 106 ? -6.523  2.431   -16.432 1.00 29.99 ? 97  ARG A NH2 1 
ATOM   635  N N   . LEU A 1 107 ? -5.439  -2.738  -12.133 1.00 16.74 ? 98  LEU A N   1 
ATOM   636  C CA  . LEU A 1 107 ? -4.347  -3.294  -12.925 1.00 15.83 ? 98  LEU A CA  1 
ATOM   637  C C   . LEU A 1 107 ? -4.099  -2.348  -14.089 1.00 17.85 ? 98  LEU A C   1 
ATOM   638  O O   . LEU A 1 107 ? -4.933  -2.219  -14.986 1.00 19.71 ? 98  LEU A O   1 
ATOM   639  C CB  . LEU A 1 107 ? -4.696  -4.681  -13.456 1.00 16.27 ? 98  LEU A CB  1 
ATOM   640  C CG  . LEU A 1 107 ? -3.617  -5.364  -14.305 1.00 17.95 ? 98  LEU A CG  1 
ATOM   641  C CD1 . LEU A 1 107 ? -2.356  -5.581  -13.479 1.00 17.03 ? 98  LEU A CD1 1 
ATOM   642  C CD2 . LEU A 1 107 ? -4.132  -6.687  -14.868 1.00 20.86 ? 98  LEU A CD2 1 
ATOM   643  N N   . GLU A 1 108 ? -2.962  -1.671  -14.070 1.00 14.33 ? 99  GLU A N   1 
ATOM   644  C CA  . GLU A 1 108 ? -2.677  -0.678  -15.106 1.00 15.13 ? 99  GLU A CA  1 
ATOM   645  C C   . GLU A 1 108 ? -2.239  -1.345  -16.405 1.00 16.83 ? 99  GLU A C   1 
ATOM   646  O O   . GLU A 1 108 ? -1.974  -2.543  -16.438 1.00 14.90 ? 99  GLU A O   1 
ATOM   647  C CB  . GLU A 1 108 ? -1.605  0.304   -14.632 1.00 15.65 ? 99  GLU A CB  1 
ATOM   648  C CG  . GLU A 1 108 ? -1.917  0.998   -13.314 1.00 13.92 ? 99  GLU A CG  1 
ATOM   649  C CD  . GLU A 1 108 ? -3.112  1.948   -13.377 1.00 24.41 ? 99  GLU A CD  1 
ATOM   650  O OE1 . GLU A 1 108 ? -3.596  2.336   -12.292 1.00 20.69 ? 99  GLU A OE1 1 
ATOM   651  O OE2 . GLU A 1 108 ? -3.564  2.318   -14.493 1.00 21.90 ? 99  GLU A OE2 1 
ATOM   652  N N   . SER A 1 109 ? -2.131  -0.563  -17.475 1.00 18.18 ? 100 SER A N   1 
ATOM   653  C CA  . SER A 1 109 ? -1.793  -1.135  -18.771 1.00 19.42 ? 100 SER A CA  1 
ATOM   654  C C   . SER A 1 109 ? -0.395  -1.753  -18.805 1.00 20.41 ? 100 SER A C   1 
ATOM   655  O O   . SER A 1 109 ? -0.115  -2.589  -19.667 1.00 22.65 ? 100 SER A O   1 
ATOM   656  C CB  . SER A 1 109 ? -1.947  -0.087  -19.883 1.00 17.85 ? 100 SER A CB  1 
ATOM   657  O OG  . SER A 1 109 ? -0.976  0.931   -19.748 1.00 19.60 ? 100 SER A OG  1 
ATOM   658  N N   . ASN A 1 110 ? 0.481   -1.343  -17.882 1.00 17.34 ? 101 ASN A N   1 
ATOM   659  C CA  . ASN A 1 110 ? 1.817   -1.931  -17.772 1.00 17.82 ? 101 ASN A CA  1 
ATOM   660  C C   . ASN A 1 110 ? 1.863   -3.177  -16.868 1.00 20.49 ? 101 ASN A C   1 
ATOM   661  O O   . ASN A 1 110 ? 2.937   -3.700  -16.554 1.00 18.33 ? 101 ASN A O   1 
ATOM   662  C CB  . ASN A 1 110 ? 2.818   -0.876  -17.288 1.00 21.33 ? 101 ASN A CB  1 
ATOM   663  C CG  . ASN A 1 110 ? 2.446   -0.295  -15.929 1.00 22.94 ? 101 ASN A CG  1 
ATOM   664  O OD1 . ASN A 1 110 ? 1.639   -0.867  -15.191 1.00 17.64 ? 101 ASN A OD1 1 
ATOM   665  N ND2 . ASN A 1 110 ? 3.031   0.849   -15.595 1.00 25.78 ? 101 ASN A ND2 1 
ATOM   666  N N   . ASN A 1 111 ? 0.685   -3.636  -16.448 1.00 16.13 ? 102 ASN A N   1 
ATOM   667  C CA  . ASN A 1 111 ? 0.541   -4.847  -15.629 1.00 16.53 ? 102 ASN A CA  1 
ATOM   668  C C   . ASN A 1 111 ? 1.075   -4.747  -14.199 1.00 15.72 ? 102 ASN A C   1 
ATOM   669  O O   . ASN A 1 111 ? 1.300   -5.758  -13.522 1.00 16.39 ? 102 ASN A O   1 
ATOM   670  C CB  . ASN A 1 111 ? 1.061   -6.095  -16.356 1.00 17.23 ? 102 ASN A CB  1 
ATOM   671  C CG  . ASN A 1 111 ? -0.016  -6.743  -17.204 1.00 19.07 ? 102 ASN A CG  1 
ATOM   672  O OD1 . ASN A 1 111 ? -1.106  -6.198  -17.318 1.00 18.02 ? 102 ASN A OD1 1 
ATOM   673  N ND2 . ASN A 1 111 ? 0.272   -7.914  -17.773 1.00 16.13 ? 102 ASN A ND2 1 
ATOM   674  N N   . TYR A 1 112 ? 1.254   -3.522  -13.735 1.00 15.81 ? 103 TYR A N   1 
ATOM   675  C CA  . TYR A 1 112 ? 1.454   -3.292  -12.314 1.00 14.90 ? 103 TYR A CA  1 
ATOM   676  C C   . TYR A 1 112 ? 0.137   -2.808  -11.739 1.00 15.46 ? 103 TYR A C   1 
ATOM   677  O O   . TYR A 1 112 ? -0.655  -2.185  -12.439 1.00 13.63 ? 103 TYR A O   1 
ATOM   678  C CB  . TYR A 1 112 ? 2.521   -2.239  -12.066 1.00 15.39 ? 103 TYR A CB  1 
ATOM   679  C CG  . TYR A 1 112 ? 3.919   -2.725  -12.302 1.00 20.54 ? 103 TYR A CG  1 
ATOM   680  C CD1 . TYR A 1 112 ? 4.485   -2.668  -13.572 1.00 22.16 ? 103 TYR A CD1 1 
ATOM   681  C CD2 . TYR A 1 112 ? 4.685   -3.229  -11.255 1.00 19.74 ? 103 TYR A CD2 1 
ATOM   682  C CE1 . TYR A 1 112 ? 5.776   -3.110  -13.800 1.00 21.19 ? 103 TYR A CE1 1 
ATOM   683  C CE2 . TYR A 1 112 ? 5.991   -3.672  -11.471 1.00 21.16 ? 103 TYR A CE2 1 
ATOM   684  C CZ  . TYR A 1 112 ? 6.521   -3.608  -12.751 1.00 28.87 ? 103 TYR A CZ  1 
ATOM   685  O OH  . TYR A 1 112 ? 7.803   -4.043  -13.000 1.00 32.41 ? 103 TYR A OH  1 
ATOM   686  N N   . ASN A 1 113 ? -0.100  -3.106  -10.468 1.00 16.08 ? 104 ASN A N   1 
ATOM   687  C CA  . ASN A 1 113 ? -1.264  -2.580  -9.773  1.00 14.73 ? 104 ASN A CA  1 
ATOM   688  C C   . ASN A 1 113 ? -0.995  -1.208  -9.163  1.00 14.87 ? 104 ASN A C   1 
ATOM   689  O O   . ASN A 1 113 ? 0.137   -0.875  -8.815  1.00 14.87 ? 104 ASN A O   1 
ATOM   690  C CB  . ASN A 1 113 ? -1.691  -3.523  -8.642  1.00 15.73 ? 104 ASN A CB  1 
ATOM   691  C CG  . ASN A 1 113 ? -2.526  -4.694  -9.132  1.00 20.28 ? 104 ASN A CG  1 
ATOM   692  O OD1 . ASN A 1 113 ? -2.760  -4.848  -10.322 1.00 26.80 ? 104 ASN A OD1 1 
ATOM   693  N ND2 . ASN A 1 113 ? -2.974  -5.529  -8.204  1.00 27.37 ? 104 ASN A ND2 1 
ATOM   694  N N   . THR A 1 114 ? -2.053  -0.420  -9.031  1.00 15.48 ? 105 THR A N   1 
ATOM   695  C CA  . THR A 1 114 ? -2.019  0.783   -8.213  1.00 14.00 ? 105 THR A CA  1 
ATOM   696  C C   . THR A 1 114 ? -3.124  0.680   -7.166  1.00 16.16 ? 105 THR A C   1 
ATOM   697  O O   . THR A 1 114 ? -4.114  -0.028  -7.366  1.00 15.95 ? 105 THR A O   1 
ATOM   698  C CB  . THR A 1 114 ? -2.229  2.045   -9.048  1.00 13.65 ? 105 THR A CB  1 
ATOM   699  O OG1 . THR A 1 114 ? -3.479  1.955   -9.734  1.00 16.81 ? 105 THR A OG1 1 
ATOM   700  C CG2 . THR A 1 114 ? -1.107  2.207   -10.068 1.00 13.42 ? 105 THR A CG2 1 
ATOM   701  N N   . TYR A 1 115 ? -2.932  1.380   -6.051  1.00 14.84 ? 106 TYR A N   1 
ATOM   702  C CA  . TYR A 1 115 ? -3.893  1.419   -4.961  1.00 12.95 ? 106 TYR A CA  1 
ATOM   703  C C   . TYR A 1 115 ? -4.194  2.860   -4.625  1.00 15.27 ? 106 TYR A C   1 
ATOM   704  O O   . TYR A 1 115 ? -3.361  3.569   -4.040  1.00 15.01 ? 106 TYR A O   1 
ATOM   705  C CB  . TYR A 1 115 ? -3.335  0.663   -3.743  1.00 14.38 ? 106 TYR A CB  1 
ATOM   706  C CG  . TYR A 1 115 ? -3.121  -0.779  -4.100  1.00 14.57 ? 106 TYR A CG  1 
ATOM   707  C CD1 . TYR A 1 115 ? -4.154  -1.695  -3.981  1.00 15.69 ? 106 TYR A CD1 1 
ATOM   708  C CD2 . TYR A 1 115 ? -1.919  -1.207  -4.639  1.00 18.50 ? 106 TYR A CD2 1 
ATOM   709  C CE1 . TYR A 1 115 ? -3.982  -3.009  -4.355  1.00 16.24 ? 106 TYR A CE1 1 
ATOM   710  C CE2 . TYR A 1 115 ? -1.736  -2.523  -5.011  1.00 19.82 ? 106 TYR A CE2 1 
ATOM   711  C CZ  . TYR A 1 115 ? -2.777  -3.416  -4.866  1.00 17.05 ? 106 TYR A CZ  1 
ATOM   712  O OH  . TYR A 1 115 ? -2.603  -4.731  -5.234  1.00 19.46 ? 106 TYR A OH  1 
ATOM   713  N N   . ARG A 1 116 ? -5.378  3.297   -5.033  1.00 14.47 ? 107 ARG A N   1 
ATOM   714  C CA  . ARG A 1 116 ? -5.786  4.690   -4.922  1.00 14.37 ? 107 ARG A CA  1 
ATOM   715  C C   . ARG A 1 116 ? -6.806  4.828   -3.798  1.00 15.03 ? 107 ARG A C   1 
ATOM   716  O O   . ARG A 1 116 ? -7.749  4.045   -3.731  1.00 15.23 ? 107 ARG A O   1 
ATOM   717  C CB  . ARG A 1 116 ? -6.379  5.123   -6.260  1.00 18.14 ? 107 ARG A CB  1 
ATOM   718  C CG  . ARG A 1 116 ? -6.883  6.540   -6.334  1.00 16.71 ? 107 ARG A CG  1 
ATOM   719  C CD  . ARG A 1 116 ? -7.070  6.945   -7.797  1.00 18.34 ? 107 ARG A CD  1 
ATOM   720  N NE  . ARG A 1 116 ? -8.038  6.105   -8.505  1.00 18.00 ? 107 ARG A NE  1 
ATOM   721  C CZ  . ARG A 1 116 ? -9.327  6.400   -8.602  1.00 21.81 ? 107 ARG A CZ  1 
ATOM   722  N NH1 . ARG A 1 116 ? -9.783  7.511   -8.044  1.00 20.47 ? 107 ARG A NH1 1 
ATOM   723  N NH2 . ARG A 1 116 ? -10.156 5.601   -9.266  1.00 22.68 ? 107 ARG A NH2 1 
ATOM   724  N N   . SER A 1 117 ? -6.626  5.821   -2.924  1.00 14.42 ? 108 SER A N   1 
ATOM   725  C CA  . SER A 1 117 ? -7.519  5.992   -1.768  1.00 15.31 ? 108 SER A CA  1 
ATOM   726  C C   . SER A 1 117 ? -8.964  6.167   -2.205  1.00 13.22 ? 108 SER A C   1 
ATOM   727  O O   . SER A 1 117 ? -9.265  6.973   -3.093  1.00 15.38 ? 108 SER A O   1 
ATOM   728  C CB  . SER A 1 117 ? -7.107  7.189   -0.902  1.00 19.21 ? 108 SER A CB  1 
ATOM   729  O OG  . SER A 1 117 ? -8.066  7.428   0.125   1.00 17.80 ? 108 SER A OG  1 
ATOM   730  N N   . ARG A 1 118 ? -9.855  5.401   -1.588  1.00 17.29 ? 109 ARG A N   1 
ATOM   731  C CA  . ARG A 1 118 ? -11.275 5.521   -1.893  1.00 15.09 ? 109 ARG A CA  1 
ATOM   732  C C   . ARG A 1 118 ? -11.830 6.815   -1.298  1.00 20.08 ? 109 ARG A C   1 
ATOM   733  O O   . ARG A 1 118 ? -12.802 7.372   -1.806  1.00 21.45 ? 109 ARG A O   1 
ATOM   734  C CB  . ARG A 1 118 ? -12.047 4.306   -1.379  1.00 15.88 ? 109 ARG A CB  1 
ATOM   735  C CG  . ARG A 1 118 ? -13.484 4.263   -1.903  1.00 19.72 ? 109 ARG A CG  1 
ATOM   736  C CD  . ARG A 1 118 ? -14.242 3.046   -1.418  1.00 18.78 ? 109 ARG A CD  1 
ATOM   737  N NE  . ARG A 1 118 ? -15.454 2.880   -2.205  1.00 16.59 ? 109 ARG A NE  1 
ATOM   738  C CZ  . ARG A 1 118 ? -16.484 2.123   -1.850  1.00 21.31 ? 109 ARG A CZ  1 
ATOM   739  N NH1 . ARG A 1 118 ? -16.456 1.451   -0.703  1.00 18.75 ? 109 ARG A NH1 1 
ATOM   740  N NH2 . ARG A 1 118 ? -17.540 2.038   -2.646  1.00 22.71 ? 109 ARG A NH2 1 
ATOM   741  N N   . LYS A 1 119 ? -11.206 7.299   -0.226  1.00 19.27 ? 110 LYS A N   1 
ATOM   742  C CA  . LYS A 1 119 ? -11.670 8.525   0.422   1.00 21.53 ? 110 LYS A CA  1 
ATOM   743  C C   . LYS A 1 119 ? -11.044 9.778   -0.195  1.00 23.20 ? 110 LYS A C   1 
ATOM   744  O O   . LYS A 1 119 ? -11.742 10.745  -0.508  1.00 21.55 ? 110 LYS A O   1 
ATOM   745  C CB  . LYS A 1 119 ? -11.430 8.474   1.939   1.00 23.47 ? 110 LYS A CB  1 
ATOM   746  C CG  . LYS A 1 119 ? -12.138 9.600   2.693   1.00 26.78 ? 110 LYS A CG  1 
ATOM   747  C CD  . LYS A 1 119 ? -12.111 9.412   4.193   1.00 22.90 ? 110 LYS A CD  1 
ATOM   748  C CE  . LYS A 1 119 ? -12.890 10.525  4.883   1.00 25.39 ? 110 LYS A CE  1 
ATOM   749  N NZ  . LYS A 1 119 ? -12.876 10.388  6.370   1.00 41.78 ? 110 LYS A NZ  1 
ATOM   750  N N   . TYR A 1 120 ? -9.728  9.746   -0.389  1.00 18.54 ? 111 TYR A N   1 
ATOM   751  C CA  . TYR A 1 120 ? -8.996  10.854  -0.989  1.00 19.25 ? 111 TYR A CA  1 
ATOM   752  C C   . TYR A 1 120 ? -8.561  10.435  -2.383  1.00 19.46 ? 111 TYR A C   1 
ATOM   753  O O   . TYR A 1 120 ? -7.468  9.901   -2.579  1.00 19.26 ? 111 TYR A O   1 
ATOM   754  C CB  . TYR A 1 120 ? -7.804  11.217  -0.106  1.00 19.57 ? 111 TYR A CB  1 
ATOM   755  C CG  . TYR A 1 120 ? -8.237  11.344  1.328   1.00 19.19 ? 111 TYR A CG  1 
ATOM   756  C CD1 . TYR A 1 120 ? -9.017  12.417  1.737   1.00 22.76 ? 111 TYR A CD1 1 
ATOM   757  C CD2 . TYR A 1 120 ? -7.923  10.370  2.262   1.00 21.54 ? 111 TYR A CD2 1 
ATOM   758  C CE1 . TYR A 1 120 ? -9.444  12.539  3.044   1.00 23.69 ? 111 TYR A CE1 1 
ATOM   759  C CE2 . TYR A 1 120 ? -8.351  10.482  3.580   1.00 21.11 ? 111 TYR A CE2 1 
ATOM   760  C CZ  . TYR A 1 120 ? -9.116  11.570  3.960   1.00 22.64 ? 111 TYR A CZ  1 
ATOM   761  O OH  . TYR A 1 120 ? -9.546  11.701  5.261   1.00 26.22 ? 111 TYR A OH  1 
ATOM   762  N N   . THR A 1 121 ? -9.437  10.694  -3.346  1.00 18.46 ? 112 THR A N   1 
ATOM   763  C CA  . THR A 1 121 ? -9.458  9.942   -4.595  1.00 18.88 ? 112 THR A CA  1 
ATOM   764  C C   . THR A 1 121 ? -8.398  10.321  -5.635  1.00 16.73 ? 112 THR A C   1 
ATOM   765  O O   . THR A 1 121 ? -8.322  9.691   -6.683  1.00 20.93 ? 112 THR A O   1 
ATOM   766  C CB  . THR A 1 121 ? -10.873 9.940   -5.221  1.00 21.16 ? 112 THR A CB  1 
ATOM   767  O OG1 . THR A 1 121 ? -11.285 11.284  -5.485  1.00 19.25 ? 112 THR A OG1 1 
ATOM   768  C CG2 . THR A 1 121 ? -11.867 9.300   -4.260  1.00 21.81 ? 112 THR A CG2 1 
ATOM   769  N N   . SER A 1 122 ? -7.578  11.328  -5.346  1.00 18.94 ? 113 SER A N   1 
ATOM   770  C CA  . SER A 1 122 ? -6.438  11.656  -6.213  1.00 20.17 ? 113 SER A CA  1 
ATOM   771  C C   . SER A 1 122 ? -5.106  11.121  -5.678  1.00 20.65 ? 113 SER A C   1 
ATOM   772  O O   . SER A 1 122 ? -4.048  11.365  -6.264  1.00 19.28 ? 113 SER A O   1 
ATOM   773  C CB  . SER A 1 122 ? -6.297  13.174  -6.380  1.00 20.73 ? 113 SER A CB  1 
ATOM   774  O OG  . SER A 1 122 ? -7.460  13.747  -6.939  1.00 30.33 ? 113 SER A OG  1 
ATOM   775  N N   . TRP A 1 123 ? -5.148  10.403  -4.565  1.00 17.98 ? 114 TRP A N   1 
ATOM   776  C CA  . TRP A 1 123 ? -3.914  10.045  -3.874  1.00 17.38 ? 114 TRP A CA  1 
ATOM   777  C C   . TRP A 1 123 ? -3.676  8.541   -3.874  1.00 19.09 ? 114 TRP A C   1 
ATOM   778  O O   . TRP A 1 123 ? -4.614  7.756   -3.715  1.00 16.53 ? 114 TRP A O   1 
ATOM   779  C CB  . TRP A 1 123 ? -3.940  10.594  -2.453  1.00 20.31 ? 114 TRP A CB  1 
ATOM   780  C CG  . TRP A 1 123 ? -4.014  12.106  -2.398  1.00 25.34 ? 114 TRP A CG  1 
ATOM   781  C CD1 . TRP A 1 123 ? -3.811  12.976  -3.430  1.00 21.56 ? 114 TRP A CD1 1 
ATOM   782  C CD2 . TRP A 1 123 ? -4.311  12.909  -1.252  1.00 24.26 ? 114 TRP A CD2 1 
ATOM   783  N NE1 . TRP A 1 123 ? -3.965  14.272  -2.999  1.00 24.27 ? 114 TRP A NE1 1 
ATOM   784  C CE2 . TRP A 1 123 ? -4.273  14.258  -1.665  1.00 22.86 ? 114 TRP A CE2 1 
ATOM   785  C CE3 . TRP A 1 123 ? -4.603  12.620  0.085   1.00 22.79 ? 114 TRP A CE3 1 
ATOM   786  C CZ2 . TRP A 1 123 ? -4.520  15.311  -0.794  1.00 25.41 ? 114 TRP A CZ2 1 
ATOM   787  C CZ3 . TRP A 1 123 ? -4.849  13.663  0.948   1.00 24.96 ? 114 TRP A CZ3 1 
ATOM   788  C CH2 . TRP A 1 123 ? -4.807  14.995  0.506   1.00 24.60 ? 114 TRP A CH2 1 
ATOM   789  N N   . TYR A 1 124 ? -2.419  8.146   -4.049  1.00 14.20 ? 115 TYR A N   1 
ATOM   790  C CA  . TYR A 1 124 ? -2.068  6.734   -4.160  1.00 14.18 ? 115 TYR A CA  1 
ATOM   791  C C   . TYR A 1 124 ? -1.132  6.294   -3.058  1.00 13.57 ? 115 TYR A C   1 
ATOM   792  O O   . TYR A 1 124 ? -0.312  7.076   -2.592  1.00 15.09 ? 115 TYR A O   1 
ATOM   793  C CB  . TYR A 1 124 ? -1.317  6.474   -5.464  1.00 14.91 ? 115 TYR A CB  1 
ATOM   794  C CG  . TYR A 1 124 ? -2.111  6.595   -6.734  1.00 15.28 ? 115 TYR A CG  1 
ATOM   795  C CD1 . TYR A 1 124 ? -2.309  7.834   -7.332  1.00 16.04 ? 115 TYR A CD1 1 
ATOM   796  C CD2 . TYR A 1 124 ? -2.632  5.475   -7.363  1.00 15.86 ? 115 TYR A CD2 1 
ATOM   797  C CE1 . TYR A 1 124 ? -3.013  7.954   -8.498  1.00 16.28 ? 115 TYR A CE1 1 
ATOM   798  C CE2 . TYR A 1 124 ? -3.361  5.592   -8.552  1.00 15.20 ? 115 TYR A CE2 1 
ATOM   799  C CZ  . TYR A 1 124 ? -3.537  6.836   -9.108  1.00 19.32 ? 115 TYR A CZ  1 
ATOM   800  O OH  . TYR A 1 124 ? -4.249  6.976   -10.284 1.00 18.50 ? 115 TYR A OH  1 
ATOM   801  N N   . VAL A 1 125 ? -1.240  5.020   -2.684  1.00 13.12 ? 116 VAL A N   1 
ATOM   802  C CA  . VAL A 1 125 ? -0.216  4.329   -1.911  1.00 12.14 ? 116 VAL A CA  1 
ATOM   803  C C   . VAL A 1 125 ? 1.041   4.317   -2.765  1.00 14.40 ? 116 VAL A C   1 
ATOM   804  O O   . VAL A 1 125 ? 0.988   3.959   -3.950  1.00 12.84 ? 116 VAL A O   1 
ATOM   805  C CB  . VAL A 1 125 ? -0.638  2.879   -1.595  1.00 15.83 ? 116 VAL A CB  1 
ATOM   806  C CG1 . VAL A 1 125 ? 0.468   2.129   -0.815  1.00 11.55 ? 116 VAL A CG1 1 
ATOM   807  C CG2 . VAL A 1 125 ? -1.949  2.873   -0.811  1.00 15.04 ? 116 VAL A CG2 1 
ATOM   808  N N   . ALA A 1 126 ? 2.170   4.709   -2.172  1.00 11.94 ? 117 ALA A N   1 
ATOM   809  C CA  . ALA A 1 126 ? 3.386   4.898   -2.937  1.00 11.83 ? 117 ALA A CA  1 
ATOM   810  C C   . ALA A 1 126 ? 4.631   4.874   -2.053  1.00 15.08 ? 117 ALA A C   1 
ATOM   811  O O   . ALA A 1 126 ? 4.592   5.316   -0.902  1.00 13.65 ? 117 ALA A O   1 
ATOM   812  C CB  . ALA A 1 126 ? 3.316   6.208   -3.677  1.00 15.18 ? 117 ALA A CB  1 
ATOM   813  N N   . LEU A 1 127 ? 5.729   4.374   -2.606  1.00 13.14 ? 118 LEU A N   1 
ATOM   814  C CA  . LEU A 1 127 ? 7.021   4.379   -1.916  1.00 14.27 ? 118 LEU A CA  1 
ATOM   815  C C   . LEU A 1 127 ? 8.056   5.185   -2.693  1.00 14.33 ? 118 LEU A C   1 
ATOM   816  O O   . LEU A 1 127 ? 8.133   5.090   -3.919  1.00 12.73 ? 118 LEU A O   1 
ATOM   817  C CB  . LEU A 1 127 ? 7.536   2.956   -1.733  1.00 11.46 ? 118 LEU A CB  1 
ATOM   818  C CG  . LEU A 1 127 ? 6.685   2.049   -0.845  1.00 14.38 ? 118 LEU A CG  1 
ATOM   819  C CD1 . LEU A 1 127 ? 7.295   0.665   -0.765  1.00 15.70 ? 118 LEU A CD1 1 
ATOM   820  C CD2 . LEU A 1 127 ? 6.551   2.661   0.526   1.00 14.30 ? 118 LEU A CD2 1 
ATOM   821  N N   . LYS A 1 128 ? 8.863   5.959   -1.972  1.00 16.84 ? 119 LYS A N   1 
ATOM   822  C CA  . LYS A 1 128 ? 9.965   6.700   -2.587  1.00 16.16 ? 119 LYS A CA  1 
ATOM   823  C C   . LYS A 1 128 ? 11.146  5.784   -2.846  1.00 17.47 ? 119 LYS A C   1 
ATOM   824  O O   . LYS A 1 128 ? 11.228  4.677   -2.301  1.00 15.98 ? 119 LYS A O   1 
ATOM   825  C CB  . LYS A 1 128 ? 10.443  7.823   -1.679  1.00 18.74 ? 119 LYS A CB  1 
ATOM   826  C CG  . LYS A 1 128 ? 9.380   8.777   -1.179  1.00 16.94 ? 119 LYS A CG  1 
ATOM   827  C CD  . LYS A 1 128 ? 10.090  9.879   -0.432  1.00 25.18 ? 119 LYS A CD  1 
ATOM   828  C CE  . LYS A 1 128 ? 9.171   10.666  0.456   1.00 23.12 ? 119 LYS A CE  1 
ATOM   829  N NZ  . LYS A 1 128 ? 9.917   11.787  1.094   1.00 28.57 ? 119 LYS A NZ  1 
ATOM   830  N N   . ARG A 1 129 ? 12.090  6.271   -3.647  1.00 14.73 ? 120 ARG A N   1 
ATOM   831  C CA  . ARG A 1 129 ? 13.318  5.532   -3.906  1.00 20.01 ? 120 ARG A CA  1 
ATOM   832  C C   . ARG A 1 129 ? 14.176  5.305   -2.661  1.00 19.25 ? 120 ARG A C   1 
ATOM   833  O O   . ARG A 1 129 ? 15.028  4.421   -2.649  1.00 19.34 ? 120 ARG A O   1 
ATOM   834  C CB  . ARG A 1 129 ? 14.140  6.254   -4.970  1.00 22.73 ? 120 ARG A CB  1 
ATOM   835  C CG  . ARG A 1 129 ? 13.806  5.820   -6.364  1.00 25.54 ? 120 ARG A CG  1 
ATOM   836  C CD  . ARG A 1 129 ? 14.040  4.321   -6.545  1.00 25.25 ? 120 ARG A CD  1 
ATOM   837  N NE  . ARG A 1 129 ? 14.691  4.005   -7.818  1.00 34.96 ? 120 ARG A NE  1 
ATOM   838  C CZ  . ARG A 1 129 ? 15.931  3.536   -7.931  1.00 31.77 ? 120 ARG A CZ  1 
ATOM   839  N NH1 . ARG A 1 129 ? 16.663  3.314   -6.851  1.00 40.80 ? 120 ARG A NH1 1 
ATOM   840  N NH2 . ARG A 1 129 ? 16.436  3.272   -9.126  1.00 39.94 ? 120 ARG A NH2 1 
ATOM   841  N N   . THR A 1 130 ? 13.955  6.106   -1.625  1.00 19.56 ? 121 THR A N   1 
ATOM   842  C CA  . THR A 1 130 ? 14.671  5.939   -0.354  1.00 18.55 ? 121 THR A CA  1 
ATOM   843  C C   . THR A 1 130 ? 14.114  4.800   0.499   1.00 21.92 ? 121 THR A C   1 
ATOM   844  O O   . THR A 1 130 ? 14.763  4.340   1.446   1.00 22.80 ? 121 THR A O   1 
ATOM   845  C CB  . THR A 1 130 ? 14.655  7.231   0.477   1.00 18.17 ? 121 THR A CB  1 
ATOM   846  O OG1 . THR A 1 130 ? 13.303  7.613   0.747   1.00 19.25 ? 121 THR A OG1 1 
ATOM   847  C CG2 . THR A 1 130 ? 15.364  8.364   -0.273  1.00 18.82 ? 121 THR A CG2 1 
ATOM   848  N N   . GLY A 1 131 ? 12.913  4.338   0.163   1.00 18.03 ? 122 GLY A N   1 
ATOM   849  C CA  . GLY A 1 131 ? 12.270  3.287   0.938   1.00 19.79 ? 122 GLY A CA  1 
ATOM   850  C C   . GLY A 1 131 ? 11.260  3.854   1.915   1.00 15.87 ? 122 GLY A C   1 
ATOM   851  O O   . GLY A 1 131 ? 10.501  3.124   2.537   1.00 18.22 ? 122 GLY A O   1 
ATOM   852  N N   . GLN A 1 132 ? 11.246  5.172   2.046   1.00 18.32 ? 123 GLN A N   1 
ATOM   853  C CA  . GLN A 1 132 ? 10.229  5.854   2.832   1.00 21.40 ? 123 GLN A CA  1 
ATOM   854  C C   . GLN A 1 132 ? 8.937   5.935   2.012   1.00 19.52 ? 123 GLN A C   1 
ATOM   855  O O   . GLN A 1 132 ? 8.991   6.032   0.787   1.00 18.18 ? 123 GLN A O   1 
ATOM   856  C CB  . GLN A 1 132 ? 10.719  7.258   3.173   1.00 22.79 ? 123 GLN A CB  1 
ATOM   857  C CG  . GLN A 1 132 ? 9.667   8.191   3.735   1.00 24.64 ? 123 GLN A CG  1 
ATOM   858  C CD  . GLN A 1 132 ? 10.255  9.538   4.115   1.00 30.08 ? 123 GLN A CD  1 
ATOM   859  O OE1 . GLN A 1 132 ? 10.936  10.179  3.309   1.00 38.30 ? 123 GLN A OE1 1 
ATOM   860  N NE2 . GLN A 1 132 ? 10.019  9.962   5.355   1.00 28.89 ? 123 GLN A NE2 1 
ATOM   861  N N   . TYR A 1 133 ? 7.777   5.890   2.670   1.00 14.74 ? 124 TYR A N   1 
ATOM   862  C CA  . TYR A 1 133 ? 6.536   6.081   1.925   1.00 16.53 ? 124 TYR A CA  1 
ATOM   863  C C   . TYR A 1 133 ? 6.423   7.498   1.349   1.00 16.97 ? 124 TYR A C   1 
ATOM   864  O O   . TYR A 1 133 ? 6.969   8.464   1.887   1.00 15.04 ? 124 TYR A O   1 
ATOM   865  C CB  . TYR A 1 133 ? 5.294   5.697   2.763   1.00 17.51 ? 124 TYR A CB  1 
ATOM   866  C CG  . TYR A 1 133 ? 4.760   6.787   3.666   1.00 16.05 ? 124 TYR A CG  1 
ATOM   867  C CD1 . TYR A 1 133 ? 3.943   7.795   3.167   1.00 15.86 ? 124 TYR A CD1 1 
ATOM   868  C CD2 . TYR A 1 133 ? 5.044   6.789   5.031   1.00 17.86 ? 124 TYR A CD2 1 
ATOM   869  C CE1 . TYR A 1 133 ? 3.440   8.794   3.990   1.00 16.29 ? 124 TYR A CE1 1 
ATOM   870  C CE2 . TYR A 1 133 ? 4.538   7.779   5.864   1.00 17.83 ? 124 TYR A CE2 1 
ATOM   871  C CZ  . TYR A 1 133 ? 3.737   8.770   5.341   1.00 18.04 ? 124 TYR A CZ  1 
ATOM   872  O OH  . TYR A 1 133 ? 3.238   9.758   6.159   1.00 18.19 ? 124 TYR A OH  1 
ATOM   873  N N   . LYS A 1 134 ? 5.716   7.619   0.237   1.00 13.56 ? 125 LYS A N   1 
ATOM   874  C CA  . LYS A 1 134 ? 5.526   8.913   -0.401  1.00 13.64 ? 125 LYS A CA  1 
ATOM   875  C C   . LYS A 1 134 ? 4.203   9.528   0.012   1.00 13.71 ? 125 LYS A C   1 
ATOM   876  O O   . LYS A 1 134 ? 3.163   8.864   -0.036  1.00 14.95 ? 125 LYS A O   1 
ATOM   877  C CB  . LYS A 1 134 ? 5.562   8.748   -1.921  1.00 14.15 ? 125 LYS A CB  1 
ATOM   878  C CG  . LYS A 1 134 ? 5.799   10.035  -2.686  1.00 16.24 ? 125 LYS A CG  1 
ATOM   879  C CD  . LYS A 1 134 ? 6.163   9.690   -4.121  1.00 15.72 ? 125 LYS A CD  1 
ATOM   880  C CE  . LYS A 1 134 ? 6.598   10.907  -4.920  1.00 17.55 ? 125 LYS A CE  1 
ATOM   881  N NZ  . LYS A 1 134 ? 6.876   10.512  -6.323  1.00 16.77 ? 125 LYS A NZ  1 
ATOM   882  N N   . LEU A 1 135 ? 4.235   10.788  0.438   1.00 15.24 ? 126 LEU A N   1 
ATOM   883  C CA  . LEU A 1 135 ? 3.013   11.458  0.884   1.00 15.79 ? 126 LEU A CA  1 
ATOM   884  C C   . LEU A 1 135 ? 1.971   11.446  -0.228  1.00 19.12 ? 126 LEU A C   1 
ATOM   885  O O   . LEU A 1 135 ? 2.272   11.828  -1.359  1.00 19.29 ? 126 LEU A O   1 
ATOM   886  C CB  . LEU A 1 135 ? 3.323   12.886  1.317   1.00 19.73 ? 126 LEU A CB  1 
ATOM   887  C CG  . LEU A 1 135 ? 2.283   13.619  2.167   1.00 28.54 ? 126 LEU A CG  1 
ATOM   888  C CD1 . LEU A 1 135 ? 2.249   13.067  3.599   1.00 21.52 ? 126 LEU A CD1 1 
ATOM   889  C CD2 . LEU A 1 135 ? 2.569   15.120  2.176   1.00 24.40 ? 126 LEU A CD2 1 
ATOM   890  N N   . GLY A 1 136 ? 0.750   11.008  0.091   1.00 16.07 ? 127 GLY A N   1 
ATOM   891  C CA  . GLY A 1 136 ? -0.277  10.801  -0.924  1.00 20.27 ? 127 GLY A CA  1 
ATOM   892  C C   . GLY A 1 136 ? -0.521  11.973  -1.864  1.00 22.03 ? 127 GLY A C   1 
ATOM   893  O O   . GLY A 1 136 ? -0.780  11.794  -3.058  1.00 18.45 ? 127 GLY A O   1 
ATOM   894  N N   . SER A 1 137 ? -0.397  13.179  -1.320  1.00 21.83 ? 128 SER A N   1 
ATOM   895  C CA  . SER A 1 137 ? -0.603  14.412  -2.072  1.00 20.69 ? 128 SER A CA  1 
ATOM   896  C C   . SER A 1 137 ? 0.553   14.710  -3.025  1.00 20.07 ? 128 SER A C   1 
ATOM   897  O O   . SER A 1 137 ? 0.496   15.655  -3.818  1.00 23.67 ? 128 SER A O   1 
ATOM   898  C CB  . SER A 1 137 ? -0.770  15.575  -1.102  1.00 24.26 ? 128 SER A CB  1 
ATOM   899  O OG  . SER A 1 137 ? 0.368   15.682  -0.265  1.00 27.25 ? 128 SER A OG  1 
ATOM   900  N N   . LYS A 1 138 ? 1.600   13.899  -2.958  1.00 17.79 ? 129 LYS A N   1 
ATOM   901  C CA  . LYS A 1 138 ? 2.736   14.077  -3.853  1.00 20.79 ? 129 LYS A CA  1 
ATOM   902  C C   . LYS A 1 138 ? 2.763   13.012  -4.945  1.00 18.12 ? 129 LYS A C   1 
ATOM   903  O O   . LYS A 1 138 ? 3.692   12.959  -5.744  1.00 18.58 ? 129 LYS A O   1 
ATOM   904  C CB  . LYS A 1 138 ? 4.049   14.106  -3.052  1.00 21.81 ? 129 LYS A CB  1 
ATOM   905  C CG  . LYS A 1 138 ? 4.113   15.295  -2.088  1.00 23.87 ? 129 LYS A CG  1 
ATOM   906  C CD  . LYS A 1 138 ? 5.444   15.434  -1.376  1.00 27.87 ? 129 LYS A CD  1 
ATOM   907  C CE  . LYS A 1 138 ? 5.429   16.682  -0.487  1.00 35.83 ? 129 LYS A CE  1 
ATOM   908  N NZ  . LYS A 1 138 ? 6.566   16.751  0.484   1.00 43.51 ? 129 LYS A NZ  1 
ATOM   909  N N   . THR A 1 139 ? 1.734   12.167  -4.972  1.00 16.95 ? 130 THR A N   1 
ATOM   910  C CA  . THR A 1 139 ? 1.633   11.088  -5.949  1.00 15.07 ? 130 THR A CA  1 
ATOM   911  C C   . THR A 1 139 ? 0.694   11.436  -7.101  1.00 17.57 ? 130 THR A C   1 
ATOM   912  O O   . THR A 1 139 ? -0.060  12.406  -7.040  1.00 17.51 ? 130 THR A O   1 
ATOM   913  C CB  . THR A 1 139 ? 1.098   9.789   -5.304  1.00 17.23 ? 130 THR A CB  1 
ATOM   914  O OG1 . THR A 1 139 ? -0.284  9.957   -4.963  1.00 17.22 ? 130 THR A OG1 1 
ATOM   915  C CG2 . THR A 1 139 ? 1.889   9.449   -4.045  1.00 16.44 ? 130 THR A CG2 1 
ATOM   916  N N   . GLY A 1 140 ? 0.735   10.615  -8.144  1.00 15.58 ? 131 GLY A N   1 
ATOM   917  C CA  . GLY A 1 140 ? -0.104  10.815  -9.308  1.00 17.74 ? 131 GLY A CA  1 
ATOM   918  C C   . GLY A 1 140 ? 0.171   9.777   -10.376 1.00 18.14 ? 131 GLY A C   1 
ATOM   919  O O   . GLY A 1 140 ? 1.197   9.097   -10.344 1.00 19.88 ? 131 GLY A O   1 
ATOM   920  N N   . PRO A 1 141 ? -0.740  9.665   -11.349 1.00 17.16 ? 132 PRO A N   1 
ATOM   921  C CA  . PRO A 1 141 ? -0.781  8.608   -12.363 1.00 20.64 ? 132 PRO A CA  1 
ATOM   922  C C   . PRO A 1 141 ? 0.495   8.274   -13.142 1.00 20.41 ? 132 PRO A C   1 
ATOM   923  O O   . PRO A 1 141 ? 0.653   7.101   -13.483 1.00 35.78 ? 132 PRO A O   1 
ATOM   924  C CB  . PRO A 1 141 ? -1.893  9.084   -13.307 1.00 22.11 ? 132 PRO A CB  1 
ATOM   925  C CG  . PRO A 1 141 ? -2.804  9.825   -12.428 1.00 24.41 ? 132 PRO A CG  1 
ATOM   926  C CD  . PRO A 1 141 ? -1.938  10.522  -11.413 1.00 20.41 ? 132 PRO A CD  1 
ATOM   927  N N   . GLY A 1 142 ? 1.380   9.220   -13.420 1.00 24.86 ? 133 GLY A N   1 
ATOM   928  C CA  . GLY A 1 142 ? 2.563   8.881   -14.200 1.00 27.14 ? 133 GLY A CA  1 
ATOM   929  C C   . GLY A 1 142 ? 3.806   8.412   -13.455 1.00 23.18 ? 133 GLY A C   1 
ATOM   930  O O   . GLY A 1 142 ? 4.854   8.188   -14.066 1.00 27.11 ? 133 GLY A O   1 
ATOM   931  N N   . GLN A 1 143 ? 3.701   8.247   -12.143 1.00 16.70 ? 134 GLN A N   1 
ATOM   932  C CA  . GLN A 1 143 ? 4.878   8.000   -11.306 1.00 19.60 ? 134 GLN A CA  1 
ATOM   933  C C   . GLN A 1 143 ? 5.222   6.523   -11.114 1.00 18.58 ? 134 GLN A C   1 
ATOM   934  O O   . GLN A 1 143 ? 4.337   5.673   -11.064 1.00 17.07 ? 134 GLN A O   1 
ATOM   935  C CB  . GLN A 1 143 ? 4.660   8.624   -9.931  1.00 18.11 ? 134 GLN A CB  1 
ATOM   936  C CG  . GLN A 1 143 ? 4.376   10.100  -9.969  1.00 18.22 ? 134 GLN A CG  1 
ATOM   937  C CD  . GLN A 1 143 ? 4.307   10.686  -8.590  1.00 16.85 ? 134 GLN A CD  1 
ATOM   938  O OE1 . GLN A 1 143 ? 4.406   9.965   -7.592  1.00 16.18 ? 134 GLN A OE1 1 
ATOM   939  N NE2 . GLN A 1 143 ? 4.116   11.995  -8.514  1.00 14.85 ? 134 GLN A NE2 1 
ATOM   940  N N   . LYS A 1 144 ? 6.514   6.230   -10.978 1.00 17.95 ? 135 LYS A N   1 
ATOM   941  C CA  . LYS A 1 144 ? 6.965   4.872   -10.701 1.00 15.39 ? 135 LYS A CA  1 
ATOM   942  C C   . LYS A 1 144 ? 6.571   4.479   -9.290  1.00 13.19 ? 135 LYS A C   1 
ATOM   943  O O   . LYS A 1 144 ? 6.344   3.312   -9.004  1.00 14.52 ? 135 LYS A O   1 
ATOM   944  C CB  . LYS A 1 144 ? 8.484   4.757   -10.868 1.00 18.21 ? 135 LYS A CB  1 
ATOM   945  C CG  . LYS A 1 144 ? 8.987   3.324   -10.992 1.00 19.46 ? 135 LYS A CG  1 
ATOM   946  C CD  . LYS A 1 144 ? 10.507  3.265   -11.129 1.00 23.55 ? 135 LYS A CD  1 
ATOM   947  C CE  . LYS A 1 144 ? 10.947  3.694   -12.505 1.00 27.55 ? 135 LYS A CE  1 
ATOM   948  N NZ  . LYS A 1 144 ? 12.423  3.509   -12.652 1.00 26.25 ? 135 LYS A NZ  1 
ATOM   949  N N   . ALA A 1 145 ? 6.446   5.479   -8.425  1.00 14.56 ? 136 ALA A N   1 
ATOM   950  C CA  . ALA A 1 145 ? 6.245   5.259   -6.987  1.00 16.00 ? 136 ALA A CA  1 
ATOM   951  C C   . ALA A 1 145 ? 4.922   4.576   -6.641  1.00 13.39 ? 136 ALA A C   1 
ATOM   952  O O   . ALA A 1 145 ? 4.797   3.976   -5.583  1.00 12.16 ? 136 ALA A O   1 
ATOM   953  C CB  . ALA A 1 145 ? 6.365   6.587   -6.228  1.00 12.86 ? 136 ALA A CB  1 
ATOM   954  N N   . ILE A 1 146 ? 3.933   4.686   -7.519  1.00 11.10 ? 137 ILE A N   1 
ATOM   955  C CA  . ILE A 1 146 ? 2.612   4.153   -7.226  1.00 14.03 ? 137 ILE A CA  1 
ATOM   956  C C   . ILE A 1 146 ? 2.416   2.740   -7.769  1.00 14.68 ? 137 ILE A C   1 
ATOM   957  O O   . ILE A 1 146 ? 1.344   2.160   -7.627  1.00 13.17 ? 137 ILE A O   1 
ATOM   958  C CB  . ILE A 1 146 ? 1.510   5.067   -7.812  1.00 14.47 ? 137 ILE A CB  1 
ATOM   959  C CG1 . ILE A 1 146 ? 1.510   5.000   -9.345  1.00 13.57 ? 137 ILE A CG1 1 
ATOM   960  C CG2 . ILE A 1 146 ? 1.687   6.492   -7.306  1.00 13.25 ? 137 ILE A CG2 1 
ATOM   961  C CD1 . ILE A 1 146 ? 0.318   5.701   -9.983  1.00 14.78 ? 137 ILE A CD1 1 
ATOM   962  N N   . LEU A 1 147 ? 3.445   2.185   -8.396  1.00 12.55 ? 138 LEU A N   1 
ATOM   963  C CA  . LEU A 1 147 ? 3.280   0.910   -9.105  1.00 13.88 ? 138 LEU A CA  1 
ATOM   964  C C   . LEU A 1 147 ? 3.754   -0.295  -8.289  1.00 15.00 ? 138 LEU A C   1 
ATOM   965  O O   . LEU A 1 147 ? 4.907   -0.351  -7.880  1.00 11.86 ? 138 LEU A O   1 
ATOM   966  C CB  . LEU A 1 147 ? 4.043   0.957   -10.423 1.00 14.66 ? 138 LEU A CB  1 
ATOM   967  C CG  . LEU A 1 147 ? 3.618   2.054   -11.398 1.00 14.65 ? 138 LEU A CG  1 
ATOM   968  C CD1 . LEU A 1 147 ? 4.620   2.101   -12.547 1.00 15.67 ? 138 LEU A CD1 1 
ATOM   969  C CD2 . LEU A 1 147 ? 2.204   1.820   -11.914 1.00 14.98 ? 138 LEU A CD2 1 
ATOM   970  N N   . PHE A 1 148 ? 2.860   -1.254  -8.062  1.00 13.87 ? 139 PHE A N   1 
ATOM   971  C CA  . PHE A 1 148 ? 3.179   -2.426  -7.245  1.00 12.56 ? 139 PHE A CA  1 
ATOM   972  C C   . PHE A 1 148 ? 2.823   -3.719  -7.975  1.00 19.25 ? 139 PHE A C   1 
ATOM   973  O O   . PHE A 1 148 ? 1.871   -3.766  -8.753  1.00 20.28 ? 139 PHE A O   1 
ATOM   974  C CB  . PHE A 1 148 ? 2.404   -2.405  -5.922  1.00 15.48 ? 139 PHE A CB  1 
ATOM   975  C CG  . PHE A 1 148 ? 2.770   -1.272  -5.010  1.00 11.46 ? 139 PHE A CG  1 
ATOM   976  C CD1 . PHE A 1 148 ? 2.185   -0.023  -5.166  1.00 12.93 ? 139 PHE A CD1 1 
ATOM   977  C CD2 . PHE A 1 148 ? 3.671   -1.462  -3.982  1.00 13.91 ? 139 PHE A CD2 1 
ATOM   978  C CE1 . PHE A 1 148 ? 2.507   1.021   -4.332  1.00 13.33 ? 139 PHE A CE1 1 
ATOM   979  C CE2 . PHE A 1 148 ? 4.009   -0.416  -3.135  1.00 13.74 ? 139 PHE A CE2 1 
ATOM   980  C CZ  . PHE A 1 148 ? 3.430   0.826   -3.307  1.00 14.16 ? 139 PHE A CZ  1 
ATOM   981  N N   . LEU A 1 149 ? 3.580   -4.774  -7.709  1.00 19.06 ? 140 LEU A N   1 
ATOM   982  C CA  . LEU A 1 149 ? 3.241   -6.089  -8.227  1.00 19.75 ? 140 LEU A CA  1 
ATOM   983  C C   . LEU A 1 149 ? 3.005   -7.021  -7.045  1.00 21.39 ? 140 LEU A C   1 
ATOM   984  O O   . LEU A 1 149 ? 3.916   -7.253  -6.255  1.00 18.31 ? 140 LEU A O   1 
ATOM   985  C CB  . LEU A 1 149 ? 4.369   -6.620  -9.100  1.00 22.88 ? 140 LEU A CB  1 
ATOM   986  C CG  . LEU A 1 149 ? 4.203   -8.057  -9.598  1.00 28.51 ? 140 LEU A CG  1 
ATOM   987  C CD1 . LEU A 1 149 ? 2.977   -8.186  -10.509 1.00 21.85 ? 140 LEU A CD1 1 
ATOM   988  C CD2 . LEU A 1 149 ? 5.467   -8.499  -10.319 1.00 31.56 ? 140 LEU A CD2 1 
ATOM   989  N N   . PRO A 1 150 ? 1.773   -7.536  -6.903  1.00 19.93 ? 141 PRO A N   1 
ATOM   990  C CA  . PRO A 1 150 ? 1.513   -8.459  -5.793  1.00 20.02 ? 141 PRO A CA  1 
ATOM   991  C C   . PRO A 1 150 ? 2.198   -9.786  -6.062  1.00 20.88 ? 141 PRO A C   1 
ATOM   992  O O   . PRO A 1 150 ? 2.143   -10.285 -7.181  1.00 24.45 ? 141 PRO A O   1 
ATOM   993  C CB  . PRO A 1 150 ? -0.010  -8.635  -5.816  1.00 19.29 ? 141 PRO A CB  1 
ATOM   994  C CG  . PRO A 1 150 ? -0.533  -7.561  -6.748  1.00 27.16 ? 141 PRO A CG  1 
ATOM   995  C CD  . PRO A 1 150 ? 0.572   -7.309  -7.721  1.00 23.36 ? 141 PRO A CD  1 
ATOM   996  N N   . MET A 1 151 ? 2.855   -10.348 -5.053  1.00 22.59 ? 142 MET A N   1 
ATOM   997  C CA  . MET A 1 151 ? 3.508   -11.639 -5.212  1.00 24.15 ? 142 MET A CA  1 
ATOM   998  C C   . MET A 1 151 ? 3.138   -12.535 -4.041  1.00 27.40 ? 142 MET A C   1 
ATOM   999  O O   . MET A 1 151 ? 2.980   -12.057 -2.917  1.00 25.33 ? 142 MET A O   1 
ATOM   1000 C CB  . MET A 1 151 ? 5.024   -11.477 -5.235  1.00 24.47 ? 142 MET A CB  1 
ATOM   1001 C CG  . MET A 1 151 ? 5.549   -10.447 -6.207  1.00 25.55 ? 142 MET A CG  1 
ATOM   1002 S SD  . MET A 1 151 ? 7.317   -10.212 -5.961  1.00 32.08 ? 142 MET A SD  1 
ATOM   1003 C CE  . MET A 1 151 ? 7.710   -9.278  -7.424  1.00 24.58 ? 142 MET A CE  1 
ATOM   1004 N N   . SER A 1 152 ? 3.003   -13.833 -4.286  1.00 34.42 ? 143 SER A N   1 
ATOM   1005 C CA  . SER A 1 152 ? 2.893   -14.754 -3.159  1.00 39.24 ? 143 SER A CA  1 
ATOM   1006 C C   . SER A 1 152 ? 4.247   -15.395 -2.887  1.00 44.25 ? 143 SER A C   1 
ATOM   1007 O O   . SER A 1 152 ? 5.227   -14.694 -2.618  1.00 46.14 ? 143 SER A O   1 
ATOM   1008 C CB  . SER A 1 152 ? 1.823   -15.815 -3.385  1.00 40.54 ? 143 SER A CB  1 
ATOM   1009 O OG  . SER A 1 152 ? 1.347   -16.299 -2.138  1.00 42.77 ? 143 SER A OG  1 
HETATM 1010 S S   . IDY B 2 .   ? 8.555   8.957   -9.518  1.00 17.69 ? 1   IDY B S   1 
HETATM 1011 C C1  . IDY B 2 .   ? 11.347  8.534   -11.276 1.00 20.70 ? 1   IDY B C1  1 
HETATM 1012 O O1  . IDY B 2 .   ? 11.326  7.428   -12.202 1.00 26.69 ? 1   IDY B O1  1 
HETATM 1013 C C2  . IDY B 2 .   ? 10.922  8.117   -9.860  1.00 18.06 ? 1   IDY B C2  1 
HETATM 1014 O O2  . IDY B 2 .   ? 10.077  9.153   -9.386  1.00 18.64 ? 1   IDY B O2  1 
HETATM 1015 C C3  . IDY B 2 .   ? 12.054  7.888   -8.868  1.00 21.59 ? 1   IDY B C3  1 
HETATM 1016 O O3  . IDY B 2 .   ? 12.566  6.579   -9.127  1.00 20.71 ? 1   IDY B O3  1 
HETATM 1017 C C4  . IDY B 2 .   ? 13.178  8.921   -8.981  1.00 16.88 ? 1   IDY B C4  1 
HETATM 1018 O O4  . IDY B 2 .   ? 12.724  10.211  -8.524  1.00 15.11 ? 1   IDY B O4  1 
HETATM 1019 C C5  . IDY B 2 .   ? 13.611  8.965   -10.432 1.00 22.31 ? 1   IDY B C5  1 
HETATM 1020 O O5  . IDY B 2 .   ? 12.524  9.356   -11.272 1.00 17.92 ? 1   IDY B O5  1 
HETATM 1021 C C6  . IDY B 2 .   ? 14.694  9.973   -10.664 1.00 21.15 ? 1   IDY B C6  1 
HETATM 1022 C C7  . IDY B 2 .   ? 12.534  6.835   -12.677 1.00 31.85 ? 1   IDY B C7  1 
HETATM 1023 O O6A . IDY B 2 .   ? 15.727  9.899   -9.990  1.00 20.92 ? 1   IDY B O6A 1 
HETATM 1024 O O6B . IDY B 2 .   ? 14.493  10.835  -11.544 1.00 20.97 ? 1   IDY B O6B 1 
HETATM 1025 O OS1 . IDY B 2 .   ? 7.907   10.172  -9.000  1.00 16.18 ? 1   IDY B OS1 1 
HETATM 1026 O OS2 . IDY B 2 .   ? 8.198   7.764   -8.733  1.00 20.75 ? 1   IDY B OS2 1 
HETATM 1027 O OS3 . IDY B 2 .   ? 8.196   8.762   -10.943 1.00 17.43 ? 1   IDY B OS3 1 
HETATM 1028 C C1  . SGN B 2 .   ? 13.125  10.366  -7.154  1.00 18.00 ? 2   SGN B C1  1 
HETATM 1029 C C2  . SGN B 2 .   ? 11.987  11.184  -6.539  1.00 18.74 ? 2   SGN B C2  1 
HETATM 1030 C C3  . SGN B 2 .   ? 11.865  12.533  -7.241  1.00 19.88 ? 2   SGN B C3  1 
HETATM 1031 C C4  . SGN B 2 .   ? 13.211  13.239  -7.198  1.00 19.43 ? 2   SGN B C4  1 
HETATM 1032 C C5  . SGN B 2 .   ? 14.266  12.326  -7.810  1.00 16.79 ? 2   SGN B C5  1 
HETATM 1033 C C6  . SGN B 2 .   ? 15.627  12.999  -7.731  1.00 22.03 ? 2   SGN B C6  1 
HETATM 1034 N N2  . SGN B 2 .   ? 10.734  10.446  -6.622  1.00 17.02 ? 2   SGN B N2  1 
HETATM 1035 O O3  . SGN B 2 .   ? 10.887  13.303  -6.585  1.00 23.83 ? 2   SGN B O3  1 
HETATM 1036 O O4  . SGN B 2 .   ? 13.151  14.472  -7.900  1.00 22.09 ? 2   SGN B O4  1 
HETATM 1037 O O5  . SGN B 2 .   ? 14.335  11.106  -7.097  1.00 17.94 ? 2   SGN B O5  1 
HETATM 1038 O O6  . SGN B 2 .   ? 15.851  13.222  -6.358  1.00 29.74 ? 2   SGN B O6  1 
HETATM 1039 S S1  . SGN B 2 .   ? 10.382  9.414   -5.445  1.00 16.87 ? 2   SGN B S1  1 
HETATM 1040 O O1S . SGN B 2 .   ? 9.067   8.893   -5.698  1.00 19.56 ? 2   SGN B O1S 1 
HETATM 1041 O O2S . SGN B 2 .   ? 10.443  10.197  -4.215  1.00 20.24 ? 2   SGN B O2S 1 
HETATM 1042 O O3S . SGN B 2 .   ? 11.394  8.372   -5.467  1.00 16.71 ? 2   SGN B O3S 1 
HETATM 1043 S S2  . SGN B 2 .   ? 17.214  13.805  -5.899  1.00 42.13 ? 2   SGN B S2  1 
HETATM 1044 O O4S . SGN B 2 .   ? 17.282  13.672  -4.450  1.00 37.14 ? 2   SGN B O4S 1 
HETATM 1045 O O5S . SGN B 2 .   ? 17.137  15.214  -6.271  1.00 32.80 ? 2   SGN B O5S 1 
HETATM 1046 O O6S . SGN B 2 .   ? 18.237  13.023  -6.591  1.00 29.65 ? 2   SGN B O6S 1 
HETATM 1047 O O   . HOH C 3 .   ? -0.598  2.763   -5.870  1.00 13.53 ? 301 HOH A O   1 
HETATM 1048 O O   . HOH C 3 .   ? 4.636   -6.296  0.906   1.00 15.38 ? 302 HOH A O   1 
HETATM 1049 O O   . HOH C 3 .   ? 1.222   6.937   -0.325  1.00 15.05 ? 303 HOH A O   1 
HETATM 1050 O O   . HOH C 3 .   ? 8.149   5.531   5.461   1.00 13.63 ? 304 HOH A O   1 
HETATM 1051 O O   . HOH C 3 .   ? -11.442 -6.423  -4.873  1.00 31.47 ? 305 HOH A O   1 
HETATM 1052 O O   . HOH C 3 .   ? -8.159  -3.297  -12.773 1.00 21.49 ? 306 HOH A O   1 
HETATM 1053 O O   . HOH C 3 .   ? 3.093   -8.892  7.989   1.00 18.57 ? 307 HOH A O   1 
HETATM 1054 O O   . HOH C 3 .   ? 6.591   -1.740  15.303  1.00 24.71 ? 308 HOH A O   1 
HETATM 1055 O O   . HOH C 3 .   ? 17.162  0.199   -7.533  1.00 34.42 ? 309 HOH A O   1 
HETATM 1056 O O   . HOH C 3 .   ? -4.040  -11.187 0.241   1.00 35.69 ? 310 HOH A O   1 
HETATM 1057 O O   . HOH C 3 .   ? -7.429  -6.792  4.479   1.00 21.51 ? 311 HOH A O   1 
HETATM 1058 O O   . HOH C 3 .   ? -15.576 -1.093  9.585   1.00 36.08 ? 312 HOH A O   1 
HETATM 1059 O O   . HOH C 3 .   ? 14.033  -10.425 7.277   1.00 23.28 ? 313 HOH A O   1 
HETATM 1060 O O   . HOH C 3 .   ? -5.509  9.588   -10.511 1.00 28.48 ? 314 HOH A O   1 
HETATM 1061 O O   . HOH C 3 .   ? -5.823  2.417   -8.339  1.00 15.82 ? 315 HOH A O   1 
HETATM 1062 O O   . HOH C 3 .   ? 2.360   5.382   -13.100 1.00 20.55 ? 316 HOH A O   1 
HETATM 1063 O O   . HOH C 3 .   ? 6.308   14.021  -6.268  1.00 21.93 ? 317 HOH A O   1 
HETATM 1064 O O   . HOH C 3 .   ? 16.310  3.148   -4.661  1.00 33.02 ? 318 HOH A O   1 
HETATM 1065 O O   . HOH C 3 .   ? -0.084  3.841   -15.291 1.00 36.65 ? 319 HOH A O   1 
HETATM 1066 O O   . HOH C 3 .   ? -3.185  2.104   -17.211 1.00 22.71 ? 320 HOH A O   1 
HETATM 1067 O O   . HOH C 3 .   ? -6.588  -1.155  4.533   1.00 14.76 ? 321 HOH A O   1 
HETATM 1068 O O   . HOH C 3 .   ? -7.477  13.125  -2.956  1.00 22.34 ? 322 HOH A O   1 
HETATM 1069 O O   . HOH C 3 .   ? -15.766 8.186   -2.049  1.00 40.28 ? 323 HOH A O   1 
HETATM 1070 O O   . HOH C 3 .   ? -2.896  -11.387 10.973  1.00 24.59 ? 324 HOH A O   1 
HETATM 1071 O O   . HOH C 3 .   ? -9.789  4.833   1.984   1.00 26.60 ? 325 HOH A O   1 
HETATM 1072 O O   . HOH C 3 .   ? 8.140   -12.001 4.159   1.00 28.09 ? 326 HOH A O   1 
HETATM 1073 O O   . HOH C 3 .   ? -11.021 -0.297  -9.015  1.00 30.43 ? 327 HOH A O   1 
HETATM 1074 O O   . HOH C 3 .   ? -5.193  4.836   -11.378 1.00 27.81 ? 328 HOH A O   1 
HETATM 1075 O O   . HOH C 3 .   ? -7.419  11.899  8.381   1.00 31.77 ? 329 HOH A O   1 
HETATM 1076 O O   . HOH C 3 .   ? 2.762   -9.378  -17.425 1.00 26.90 ? 330 HOH A O   1 
HETATM 1077 O O   . HOH C 3 .   ? -7.493  3.675   -9.835  1.00 22.89 ? 331 HOH A O   1 
HETATM 1078 O O   . HOH C 3 .   ? -10.603 -1.906  -13.621 1.00 35.56 ? 332 HOH A O   1 
HETATM 1079 O O   . HOH C 3 .   ? 5.072   1.794   -17.924 1.00 35.79 ? 333 HOH A O   1 
HETATM 1080 O O   . HOH C 3 .   ? -9.778  2.971   -10.536 1.00 32.69 ? 334 HOH A O   1 
HETATM 1081 O O   . HOH C 3 .   ? -13.508 4.717   1.886   1.00 22.73 ? 335 HOH A O   1 
HETATM 1082 O O   . HOH C 3 .   ? 6.598   12.465  0.303   1.00 20.26 ? 336 HOH A O   1 
HETATM 1083 O O   . HOH C 3 .   ? 17.125  -7.922  -0.710  1.00 35.31 ? 337 HOH A O   1 
HETATM 1084 O O   . HOH C 3 .   ? 1.531   -4.856  -19.618 1.00 23.35 ? 338 HOH A O   1 
HETATM 1085 O O   . HOH C 3 .   ? 13.232  9.679   1.944   1.00 28.22 ? 339 HOH A O   1 
HETATM 1086 O O   . HOH C 3 .   ? 3.674   -4.360  -19.054 1.00 36.29 ? 340 HOH A O   1 
HETATM 1087 O O   . HOH C 3 .   ? -7.539  6.878   2.667   1.00 29.16 ? 341 HOH A O   1 
HETATM 1088 O O   . HOH C 3 .   ? 0.222   -4.649  16.223  1.00 28.73 ? 342 HOH A O   1 
HETATM 1089 O O   . HOH C 3 .   ? 3.731   1.513   -19.818 1.00 39.09 ? 343 HOH A O   1 
HETATM 1090 O O   . HOH C 3 .   ? 8.154   12.844  -7.225  1.00 24.11 ? 344 HOH A O   1 
HETATM 1091 O O   . HOH C 3 .   ? 14.396  0.458   3.872   1.00 32.55 ? 345 HOH A O   1 
HETATM 1092 O O   . HOH C 3 .   ? 13.644  -6.254  -3.443  1.00 32.15 ? 346 HOH A O   1 
HETATM 1093 O O   . HOH C 3 .   ? -6.820  -5.182  13.959  1.00 30.76 ? 347 HOH A O   1 
HETATM 1094 O O   . HOH C 3 .   ? 0.154   2.248   -17.600 1.00 30.93 ? 348 HOH A O   1 
HETATM 1095 O O   . HOH C 3 .   ? -10.780 -10.715 -1.473  1.00 37.65 ? 349 HOH A O   1 
HETATM 1096 O O   . HOH C 3 .   ? 13.359  9.839   -3.004  1.00 23.35 ? 350 HOH A O   1 
HETATM 1097 O O   . HOH C 3 .   ? -12.356 -2.371  13.083  1.00 37.13 ? 351 HOH A O   1 
HETATM 1098 O O   . HOH C 3 .   ? 17.329  2.441   1.306   1.00 36.69 ? 352 HOH A O   1 
HETATM 1099 O O   . HOH C 3 .   ? -8.106  3.991   10.391  1.00 34.06 ? 353 HOH A O   1 
HETATM 1100 O O   . HOH C 3 .   ? 12.146  -3.247  11.654  1.00 40.34 ? 354 HOH A O   1 
HETATM 1101 O O   . HOH C 3 .   ? 15.748  -10.960 -0.049  1.00 32.77 ? 355 HOH A O   1 
HETATM 1102 O O   . HOH C 3 .   ? -0.035  -6.525  -11.064 1.00 21.17 ? 356 HOH A O   1 
HETATM 1103 O O   . HOH C 3 .   ? -17.513 6.210   7.518   1.00 35.92 ? 357 HOH A O   1 
HETATM 1104 O O   . HOH C 3 .   ? 0.125   -11.706 -8.166  1.00 31.98 ? 358 HOH A O   1 
HETATM 1105 O O   . HOH C 3 .   ? 6.329   -8.689  14.903  1.00 29.30 ? 359 HOH A O   1 
HETATM 1106 O O   . HOH C 3 .   ? 11.034  -5.870  9.844   1.00 27.92 ? 360 HOH A O   1 
HETATM 1107 O O   . HOH C 3 .   ? -15.183 4.975   9.153   1.00 31.32 ? 361 HOH A O   1 
HETATM 1108 O O   . HOH C 3 .   ? 10.067  12.884  -3.831  1.00 31.73 ? 362 HOH A O   1 
HETATM 1109 O O   . HOH C 3 .   ? 15.789  -2.128  2.266   1.00 28.69 ? 363 HOH A O   1 
HETATM 1110 O O   . HOH C 3 .   ? -2.423  13.260  -7.157  1.00 28.22 ? 364 HOH A O   1 
HETATM 1111 O O   . HOH C 3 .   ? -11.778 12.288  -2.120  1.00 31.03 ? 365 HOH A O   1 
HETATM 1112 O O   . HOH C 3 .   ? -8.505  -8.831  5.791   1.00 30.90 ? 366 HOH A O   1 
HETATM 1113 O O   . HOH C 3 .   ? 15.448  9.997   -4.439  1.00 29.10 ? 367 HOH A O   1 
HETATM 1114 O O   . HOH C 3 .   ? -3.236  15.543  -6.558  1.00 32.33 ? 368 HOH A O   1 
HETATM 1115 O O   . HOH C 3 .   ? 12.427  1.346   4.809   1.00 31.27 ? 369 HOH A O   1 
HETATM 1116 O O   . HOH C 3 .   ? -3.169  -4.312  16.304  1.00 34.98 ? 370 HOH A O   1 
HETATM 1117 O O   . HOH C 3 .   ? -9.522  4.917   -13.227 1.00 34.15 ? 371 HOH A O   1 
HETATM 1118 O O   . HOH C 3 .   ? 3.011   9.026   8.726   1.00 18.36 ? 372 HOH A O   1 
HETATM 1119 O O   . HOH C 3 .   ? -3.120  -7.797  -18.061 1.00 19.37 ? 373 HOH A O   1 
HETATM 1120 O O   . HOH C 3 .   ? -4.968  17.932  2.704   1.00 43.03 ? 374 HOH A O   1 
HETATM 1121 O O   . HOH C 3 .   ? 7.815   9.739   -13.507 1.00 32.46 ? 375 HOH A O   1 
HETATM 1122 O O   . HOH C 3 .   ? -9.000  -4.837  -8.747  1.00 32.09 ? 376 HOH A O   1 
HETATM 1123 O O   . HOH C 3 .   ? -7.549  2.063   15.246  1.00 32.00 ? 377 HOH A O   1 
HETATM 1124 O O   . HOH C 3 .   ? 9.189   -16.795 -0.375  1.00 56.27 ? 378 HOH A O   1 
HETATM 1125 O O   . HOH C 3 .   ? 0.841   18.328  1.080   1.00 41.89 ? 379 HOH A O   1 
HETATM 1126 O O   . HOH C 3 .   ? -9.792  19.021  7.321   1.00 38.58 ? 380 HOH A O   1 
HETATM 1127 O O   . HOH C 3 .   ? -15.965 2.098   8.317   1.00 41.15 ? 381 HOH A O   1 
HETATM 1128 O O   . HOH C 3 .   ? -9.130  -8.400  8.619   1.00 28.71 ? 382 HOH A O   1 
HETATM 1129 O O   . HOH C 3 .   ? -12.317 -6.662  -7.071  1.00 38.60 ? 383 HOH A O   1 
HETATM 1130 O O   . HOH C 3 .   ? -14.659 6.871   -3.781  1.00 31.05 ? 384 HOH A O   1 
HETATM 1131 O O   . HOH C 3 .   ? -0.473  -8.118  15.893  1.00 32.50 ? 385 HOH A O   1 
HETATM 1132 O O   . HOH C 3 .   ? -0.514  16.872  2.205   1.00 38.60 ? 386 HOH A O   1 
HETATM 1133 O O   . HOH C 3 .   ? 16.149  -4.113  -5.369  1.00 38.72 ? 387 HOH A O   1 
HETATM 1134 O O   . HOH C 3 .   ? -7.096  16.133  -3.861  1.00 36.57 ? 388 HOH A O   1 
HETATM 1135 O O   . HOH C 3 .   ? -2.422  17.926  1.357   1.00 37.55 ? 389 HOH A O   1 
HETATM 1136 O O   . HOH C 3 .   ? -15.141 7.136   1.141   1.00 35.91 ? 390 HOH A O   1 
HETATM 1137 O O   . HOH C 3 .   ? 2.452   -6.590  9.291   1.00 16.35 ? 391 HOH A O   1 
HETATM 1138 O O   . HOH C 3 .   ? -13.176 8.422   9.924   1.00 39.29 ? 392 HOH A O   1 
HETATM 1139 O O   . HOH C 3 .   ? 13.693  10.563  -14.122 1.00 25.22 ? 393 HOH A O   1 
HETATM 1140 O O   . HOH C 3 .   ? 16.079  -3.724  -7.810  1.00 41.26 ? 394 HOH A O   1 
HETATM 1141 O O   . HOH C 3 .   ? -3.569  18.778  -0.445  1.00 45.63 ? 395 HOH A O   1 
# 
loop_
_pdbx_poly_seq_scheme.asym_id 
_pdbx_poly_seq_scheme.entity_id 
_pdbx_poly_seq_scheme.seq_id 
_pdbx_poly_seq_scheme.mon_id 
_pdbx_poly_seq_scheme.ndb_seq_num 
_pdbx_poly_seq_scheme.pdb_seq_num 
_pdbx_poly_seq_scheme.auth_seq_num 
_pdbx_poly_seq_scheme.pdb_mon_id 
_pdbx_poly_seq_scheme.auth_mon_id 
_pdbx_poly_seq_scheme.pdb_strand_id 
_pdbx_poly_seq_scheme.pdb_ins_code 
_pdbx_poly_seq_scheme.hetero 
A 1 1   MET 1   -8  ?   ?   ?   A . n 
A 1 2   ALA 2   -7  ?   ?   ?   A . n 
A 1 3   ALA 3   -6  ?   ?   ?   A . n 
A 1 4   GLY 4   -5  ?   ?   ?   A . n 
A 1 5   SER 5   -4  ?   ?   ?   A . n 
A 1 6   ILE 6   -3  ?   ?   ?   A . n 
A 1 7   THR 7   -2  ?   ?   ?   A . n 
A 1 8   THR 8   -1  ?   ?   ?   A . n 
A 1 9   LEU 9   0   ?   ?   ?   A . n 
A 1 10  PRO 10  1   ?   ?   ?   A . n 
A 1 11  ALA 11  2   ?   ?   ?   A . n 
A 1 12  LEU 12  3   ?   ?   ?   A . n 
A 1 13  PRO 13  4   ?   ?   ?   A . n 
A 1 14  GLU 14  5   ?   ?   ?   A . n 
A 1 15  ASP 15  6   ?   ?   ?   A . n 
A 1 16  GLY 16  7   ?   ?   ?   A . n 
A 1 17  GLY 17  8   ?   ?   ?   A . n 
A 1 18  SER 18  9   ?   ?   ?   A . n 
A 1 19  GLY 19  10  ?   ?   ?   A . n 
A 1 20  ALA 20  11  ?   ?   ?   A . n 
A 1 21  PHE 21  12  ?   ?   ?   A . n 
A 1 22  PRO 22  13  ?   ?   ?   A . n 
A 1 23  PRO 23  14  ?   ?   ?   A . n 
A 1 24  GLY 24  15  ?   ?   ?   A . n 
A 1 25  HIS 25  16  ?   ?   ?   A . n 
A 1 26  PHE 26  17  ?   ?   ?   A . n 
A 1 27  LYS 27  18  ?   ?   ?   A . n 
A 1 28  ASP 28  19  19  ASP ASP A . n 
A 1 29  PRO 29  20  20  PRO PRO A . n 
A 1 30  LYS 30  21  21  LYS LYS A . n 
A 1 31  ARG 31  22  22  ARG ARG A . n 
A 1 32  LEU 32  23  23  LEU LEU A . n 
A 1 33  TYR 33  24  24  TYR TYR A . n 
A 1 34  CYS 34  25  25  CYS CYS A . n 
A 1 35  LYS 35  26  26  LYS LYS A . n 
A 1 36  ASN 36  27  27  ASN ASN A . n 
A 1 37  GLY 37  28  28  GLY GLY A . n 
A 1 38  GLY 38  29  29  GLY GLY A . n 
A 1 39  PHE 39  30  30  PHE PHE A . n 
A 1 40  PHE 40  31  31  PHE PHE A . n 
A 1 41  LEU 41  32  32  LEU LEU A . n 
A 1 42  ARG 42  33  33  ARG ARG A . n 
A 1 43  ILE 43  34  34  ILE ILE A . n 
A 1 44  HIS 44  35  35  HIS HIS A . n 
A 1 45  PRO 45  36  36  PRO PRO A . n 
A 1 46  ASP 46  37  37  ASP ASP A . n 
A 1 47  GLY 47  38  38  GLY GLY A . n 
A 1 48  ARG 48  39  39  ARG ARG A . n 
A 1 49  VAL 49  40  40  VAL VAL A . n 
A 1 50  ASP 50  41  41  ASP ASP A . n 
A 1 51  GLY 51  42  42  GLY GLY A . n 
A 1 52  VAL 52  43  43  VAL VAL A . n 
A 1 53  ARG 53  44  44  ARG ARG A . n 
A 1 54  GLU 54  45  45  GLU GLU A . n 
A 1 55  LYS 55  46  46  LYS LYS A . n 
A 1 56  SER 56  47  47  SER SER A . n 
A 1 57  ASP 57  48  48  ASP ASP A . n 
A 1 58  PRO 58  49  49  PRO PRO A . n 
A 1 59  HIS 59  50  50  HIS HIS A . n 
A 1 60  ILE 60  51  51  ILE ILE A . n 
A 1 61  LYS 61  52  52  LYS LYS A . n 
A 1 62  LEU 62  53  53  LEU LEU A . n 
A 1 63  GLN 63  54  54  GLN GLN A . n 
A 1 64  LEU 64  55  55  LEU LEU A . n 
A 1 65  GLN 65  56  56  GLN GLN A . n 
A 1 66  ALA 66  57  57  ALA ALA A . n 
A 1 67  GLU 67  58  58  GLU GLU A . n 
A 1 68  GLU 68  59  59  GLU GLU A . n 
A 1 69  ARG 69  60  60  ARG ARG A . n 
A 1 70  GLY 70  61  61  GLY GLY A . n 
A 1 71  VAL 71  62  62  VAL VAL A . n 
A 1 72  VAL 72  63  63  VAL VAL A . n 
A 1 73  SER 73  64  64  SER SER A . n 
A 1 74  ILE 74  65  65  ILE ILE A . n 
A 1 75  LYS 75  66  66  LYS LYS A . n 
A 1 76  GLY 76  67  67  GLY GLY A . n 
A 1 77  VAL 77  68  68  VAL VAL A . n 
A 1 78  SER 78  69  69  SER SER A . n 
A 1 79  ALA 79  70  70  ALA ALA A . n 
A 1 80  ASN 80  71  71  ASN ASN A . n 
A 1 81  ARG 81  72  72  ARG ARG A . n 
A 1 82  TYR 82  73  73  TYR TYR A . n 
A 1 83  LEU 83  74  74  LEU LEU A . n 
A 1 84  ALA 84  75  75  ALA ALA A . n 
A 1 85  MET 85  76  76  MET MET A . n 
A 1 86  LYS 86  77  77  LYS LYS A . n 
A 1 87  GLU 87  78  78  GLU GLU A . n 
A 1 88  ASP 88  79  79  ASP ASP A . n 
A 1 89  GLY 89  80  80  GLY GLY A . n 
A 1 90  ARG 90  81  81  ARG ARG A . n 
A 1 91  LEU 91  82  82  LEU LEU A . n 
A 1 92  LEU 92  83  83  LEU LEU A . n 
A 1 93  ALA 93  84  84  ALA ALA A . n 
A 1 94  SER 94  85  85  SER SER A . n 
A 1 95  LYS 95  86  86  LYS LYS A . n 
A 1 96  SER 96  87  87  SER SER A . n 
A 1 97  VAL 97  88  88  VAL VAL A . n 
A 1 98  THR 98  89  89  THR THR A . n 
A 1 99  ASP 99  90  90  ASP ASP A . n 
A 1 100 GLU 100 91  91  GLU GLU A . n 
A 1 101 CYS 101 92  92  CYS CYS A . n 
A 1 102 PHE 102 93  93  PHE PHE A . n 
A 1 103 PHE 103 94  94  PHE PHE A . n 
A 1 104 PHE 104 95  95  PHE PHE A . n 
A 1 105 GLU 105 96  96  GLU GLU A . n 
A 1 106 ARG 106 97  97  ARG ARG A . n 
A 1 107 LEU 107 98  98  LEU LEU A . n 
A 1 108 GLU 108 99  99  GLU GLU A . n 
A 1 109 SER 109 100 100 SER SER A . n 
A 1 110 ASN 110 101 101 ASN ASN A . n 
A 1 111 ASN 111 102 102 ASN ASN A . n 
A 1 112 TYR 112 103 103 TYR TYR A . n 
A 1 113 ASN 113 104 104 ASN ASN A . n 
A 1 114 THR 114 105 105 THR THR A . n 
A 1 115 TYR 115 106 106 TYR TYR A . n 
A 1 116 ARG 116 107 107 ARG ARG A . n 
A 1 117 SER 117 108 108 SER SER A . n 
A 1 118 ARG 118 109 109 ARG ARG A . n 
A 1 119 LYS 119 110 110 LYS LYS A . n 
A 1 120 TYR 120 111 111 TYR TYR A . n 
A 1 121 THR 121 112 112 THR THR A . n 
A 1 122 SER 122 113 113 SER SER A . n 
A 1 123 TRP 123 114 114 TRP TRP A . n 
A 1 124 TYR 124 115 115 TYR TYR A . n 
A 1 125 VAL 125 116 116 VAL VAL A . n 
A 1 126 ALA 126 117 117 ALA ALA A . n 
A 1 127 LEU 127 118 118 LEU LEU A . n 
A 1 128 LYS 128 119 119 LYS LYS A . n 
A 1 129 ARG 129 120 120 ARG ARG A . n 
A 1 130 THR 130 121 121 THR THR A . n 
A 1 131 GLY 131 122 122 GLY GLY A . n 
A 1 132 GLN 132 123 123 GLN GLN A . n 
A 1 133 TYR 133 124 124 TYR TYR A . n 
A 1 134 LYS 134 125 125 LYS LYS A . n 
A 1 135 LEU 135 126 126 LEU LEU A . n 
A 1 136 GLY 136 127 127 GLY GLY A . n 
A 1 137 SER 137 128 128 SER SER A . n 
A 1 138 LYS 138 129 129 LYS LYS A . n 
A 1 139 THR 139 130 130 THR THR A . n 
A 1 140 GLY 140 131 131 GLY GLY A . n 
A 1 141 PRO 141 132 132 PRO PRO A . n 
A 1 142 GLY 142 133 133 GLY GLY A . n 
A 1 143 GLN 143 134 134 GLN GLN A . n 
A 1 144 LYS 144 135 135 LYS LYS A . n 
A 1 145 ALA 145 136 136 ALA ALA A . n 
A 1 146 ILE 146 137 137 ILE ILE A . n 
A 1 147 LEU 147 138 138 LEU LEU A . n 
A 1 148 PHE 148 139 139 PHE PHE A . n 
A 1 149 LEU 149 140 140 LEU LEU A . n 
A 1 150 PRO 150 141 141 PRO PRO A . n 
A 1 151 MET 151 142 142 MET MET A . n 
A 1 152 SER 152 143 143 SER SER A . n 
A 1 153 ALA 153 144 ?   ?   ?   A . n 
A 1 154 LYS 154 145 ?   ?   ?   A . n 
A 1 155 SER 155 146 ?   ?   ?   A . n 
# 
loop_
_pdbx_nonpoly_scheme.asym_id 
_pdbx_nonpoly_scheme.entity_id 
_pdbx_nonpoly_scheme.mon_id 
_pdbx_nonpoly_scheme.ndb_seq_num 
_pdbx_nonpoly_scheme.pdb_seq_num 
_pdbx_nonpoly_scheme.auth_seq_num 
_pdbx_nonpoly_scheme.pdb_mon_id 
_pdbx_nonpoly_scheme.auth_mon_id 
_pdbx_nonpoly_scheme.pdb_strand_id 
_pdbx_nonpoly_scheme.pdb_ins_code 
C 3 HOH 1  301 1  HOH HOH A . 
C 3 HOH 2  302 2  HOH HOH A . 
C 3 HOH 3  303 3  HOH HOH A . 
C 3 HOH 4  304 4  HOH HOH A . 
C 3 HOH 5  305 5  HOH HOH A . 
C 3 HOH 6  306 6  HOH HOH A . 
C 3 HOH 7  307 7  HOH HOH A . 
C 3 HOH 8  308 8  HOH HOH A . 
C 3 HOH 9  309 9  HOH HOH A . 
C 3 HOH 10 310 10 HOH HOH A . 
C 3 HOH 11 311 11 HOH HOH A . 
C 3 HOH 12 312 12 HOH HOH A . 
C 3 HOH 13 313 13 HOH HOH A . 
C 3 HOH 14 314 14 HOH HOH A . 
C 3 HOH 15 315 15 HOH HOH A . 
C 3 HOH 16 316 16 HOH HOH A . 
C 3 HOH 17 317 17 HOH HOH A . 
C 3 HOH 18 318 18 HOH HOH A . 
C 3 HOH 19 319 19 HOH HOH A . 
C 3 HOH 20 320 20 HOH HOH A . 
C 3 HOH 21 321 21 HOH HOH A . 
C 3 HOH 22 322 22 HOH HOH A . 
C 3 HOH 23 323 23 HOH HOH A . 
C 3 HOH 24 324 24 HOH HOH A . 
C 3 HOH 25 325 25 HOH HOH A . 
C 3 HOH 26 326 26 HOH HOH A . 
C 3 HOH 27 327 27 HOH HOH A . 
C 3 HOH 28 328 28 HOH HOH A . 
C 3 HOH 29 329 29 HOH HOH A . 
C 3 HOH 30 330 30 HOH HOH A . 
C 3 HOH 31 331 31 HOH HOH A . 
C 3 HOH 32 332 32 HOH HOH A . 
C 3 HOH 33 333 33 HOH HOH A . 
C 3 HOH 34 334 34 HOH HOH A . 
C 3 HOH 35 335 35 HOH HOH A . 
C 3 HOH 36 336 36 HOH HOH A . 
C 3 HOH 37 337 37 HOH HOH A . 
C 3 HOH 38 338 38 HOH HOH A . 
C 3 HOH 39 339 39 HOH HOH A . 
C 3 HOH 40 340 40 HOH HOH A . 
C 3 HOH 41 341 41 HOH HOH A . 
C 3 HOH 42 342 42 HOH HOH A . 
C 3 HOH 43 343 43 HOH HOH A . 
C 3 HOH 44 344 44 HOH HOH A . 
C 3 HOH 45 345 45 HOH HOH A . 
C 3 HOH 46 346 46 HOH HOH A . 
C 3 HOH 47 347 47 HOH HOH A . 
C 3 HOH 48 348 48 HOH HOH A . 
C 3 HOH 49 349 49 HOH HOH A . 
C 3 HOH 50 350 50 HOH HOH A . 
C 3 HOH 51 351 51 HOH HOH A . 
C 3 HOH 52 352 52 HOH HOH A . 
C 3 HOH 53 353 53 HOH HOH A . 
C 3 HOH 54 354 54 HOH HOH A . 
C 3 HOH 55 355 55 HOH HOH A . 
C 3 HOH 56 356 56 HOH HOH A . 
C 3 HOH 57 357 57 HOH HOH A . 
C 3 HOH 58 358 58 HOH HOH A . 
C 3 HOH 59 359 59 HOH HOH A . 
C 3 HOH 60 360 60 HOH HOH A . 
C 3 HOH 61 361 61 HOH HOH A . 
C 3 HOH 62 362 62 HOH HOH A . 
C 3 HOH 63 363 63 HOH HOH A . 
C 3 HOH 64 364 64 HOH HOH A . 
C 3 HOH 65 365 65 HOH HOH A . 
C 3 HOH 66 366 66 HOH HOH A . 
C 3 HOH 67 367 67 HOH HOH A . 
C 3 HOH 68 368 68 HOH HOH A . 
C 3 HOH 69 369 69 HOH HOH A . 
C 3 HOH 70 370 70 HOH HOH A . 
C 3 HOH 71 371 71 HOH HOH A . 
C 3 HOH 72 372 72 HOH HOH A . 
C 3 HOH 73 373 73 HOH HOH A . 
C 3 HOH 74 374 74 HOH HOH A . 
C 3 HOH 75 375 75 HOH HOH A . 
C 3 HOH 76 376 76 HOH HOH A . 
C 3 HOH 77 377 77 HOH HOH A . 
C 3 HOH 78 378 78 HOH HOH A . 
C 3 HOH 79 379 79 HOH HOH A . 
C 3 HOH 80 380 80 HOH HOH A . 
C 3 HOH 81 381 81 HOH HOH A . 
C 3 HOH 82 382 82 HOH HOH A . 
C 3 HOH 83 383 83 HOH HOH A . 
C 3 HOH 84 384 84 HOH HOH A . 
C 3 HOH 85 385 85 HOH HOH A . 
C 3 HOH 86 386 86 HOH HOH A . 
C 3 HOH 87 387 87 HOH HOH A . 
C 3 HOH 88 388 88 HOH HOH A . 
C 3 HOH 89 389 89 HOH HOH A . 
C 3 HOH 90 390 90 HOH HOH A . 
C 3 HOH 91 391 91 HOH HOH A . 
C 3 HOH 92 392 92 HOH HOH A . 
C 3 HOH 93 393 93 HOH HOH A . 
C 3 HOH 94 394 94 HOH HOH A . 
C 3 HOH 95 395 95 HOH HOH A . 
# 
_pdbx_struct_assembly.id                   1 
_pdbx_struct_assembly.details              author_and_software_defined_assembly 
_pdbx_struct_assembly.method_details       PISA 
_pdbx_struct_assembly.oligomeric_details   monomeric 
_pdbx_struct_assembly.oligomeric_count     1 
# 
_pdbx_struct_assembly_gen.assembly_id       1 
_pdbx_struct_assembly_gen.oper_expression   1 
_pdbx_struct_assembly_gen.asym_id_list      A,B,C 
# 
_pdbx_struct_oper_list.id                   1 
_pdbx_struct_oper_list.type                 'identity operation' 
_pdbx_struct_oper_list.name                 1_555 
_pdbx_struct_oper_list.symmetry_operation   x,y,z 
_pdbx_struct_oper_list.matrix[1][1]         1.0000000000 
_pdbx_struct_oper_list.matrix[1][2]         0.0000000000 
_pdbx_struct_oper_list.matrix[1][3]         0.0000000000 
_pdbx_struct_oper_list.vector[1]            0.0000000000 
_pdbx_struct_oper_list.matrix[2][1]         0.0000000000 
_pdbx_struct_oper_list.matrix[2][2]         1.0000000000 
_pdbx_struct_oper_list.matrix[2][3]         0.0000000000 
_pdbx_struct_oper_list.vector[2]            0.0000000000 
_pdbx_struct_oper_list.matrix[3][1]         0.0000000000 
_pdbx_struct_oper_list.matrix[3][2]         0.0000000000 
_pdbx_struct_oper_list.matrix[3][3]         1.0000000000 
_pdbx_struct_oper_list.vector[3]            0.0000000000 
# 
loop_
_pdbx_audit_revision_history.ordinal 
_pdbx_audit_revision_history.data_content_type 
_pdbx_audit_revision_history.major_revision 
_pdbx_audit_revision_history.minor_revision 
_pdbx_audit_revision_history.revision_date 
1 'Structure model' 1 0 2014-07-09 
2 'Structure model' 1 1 2014-09-10 
3 'Structure model' 2 0 2020-07-29 
4 'Structure model' 2 1 2023-09-20 
# 
loop_
_pdbx_audit_revision_details.ordinal 
_pdbx_audit_revision_details.revision_ordinal 
_pdbx_audit_revision_details.data_content_type 
_pdbx_audit_revision_details.provider 
_pdbx_audit_revision_details.type 
_pdbx_audit_revision_details.description 
_pdbx_audit_revision_details.details 
1 1 'Structure model' repository 'Initial release' ?                          ? 
2 3 'Structure model' repository Remediation       'Carbohydrate remediation' ? 
# 
loop_
_pdbx_audit_revision_group.ordinal 
_pdbx_audit_revision_group.revision_ordinal 
_pdbx_audit_revision_group.data_content_type 
_pdbx_audit_revision_group.group 
1  2 'Structure model' 'Database references'    
2  3 'Structure model' 'Atomic model'           
3  3 'Structure model' 'Data collection'        
4  3 'Structure model' 'Database references'    
5  3 'Structure model' 'Derived calculations'   
6  3 'Structure model' 'Structure summary'      
7  4 'Structure model' 'Data collection'        
8  4 'Structure model' 'Database references'    
9  4 'Structure model' 'Refinement description' 
10 4 'Structure model' 'Structure summary'      
# 
loop_
_pdbx_audit_revision_category.ordinal 
_pdbx_audit_revision_category.revision_ordinal 
_pdbx_audit_revision_category.data_content_type 
_pdbx_audit_revision_category.category 
1  3 'Structure model' atom_site                     
2  3 'Structure model' chem_comp                     
3  3 'Structure model' entity                        
4  3 'Structure model' pdbx_branch_scheme            
5  3 'Structure model' pdbx_chem_comp_identifier     
6  3 'Structure model' pdbx_entity_branch            
7  3 'Structure model' pdbx_entity_branch_descriptor 
8  3 'Structure model' pdbx_entity_branch_link       
9  3 'Structure model' pdbx_entity_branch_list       
10 3 'Structure model' pdbx_entity_nonpoly           
11 3 'Structure model' pdbx_nonpoly_scheme           
12 3 'Structure model' pdbx_struct_assembly_gen      
13 3 'Structure model' struct_asym                   
14 3 'Structure model' struct_conn                   
15 3 'Structure model' struct_ref_seq_dif            
16 3 'Structure model' struct_site                   
17 3 'Structure model' struct_site_gen               
18 4 'Structure model' chem_comp                     
19 4 'Structure model' chem_comp_atom                
20 4 'Structure model' chem_comp_bond                
21 4 'Structure model' database_2                    
22 4 'Structure model' pdbx_initial_refinement_model 
# 
loop_
_pdbx_audit_revision_item.ordinal 
_pdbx_audit_revision_item.revision_ordinal 
_pdbx_audit_revision_item.data_content_type 
_pdbx_audit_revision_item.item 
1  3 'Structure model' '_atom_site.B_iso_or_equiv'              
2  3 'Structure model' '_atom_site.Cartn_x'                     
3  3 'Structure model' '_atom_site.Cartn_y'                     
4  3 'Structure model' '_atom_site.Cartn_z'                     
5  3 'Structure model' '_atom_site.auth_asym_id'                
6  3 'Structure model' '_atom_site.auth_atom_id'                
7  3 'Structure model' '_atom_site.auth_comp_id'                
8  3 'Structure model' '_atom_site.auth_seq_id'                 
9  3 'Structure model' '_atom_site.label_asym_id'               
10 3 'Structure model' '_atom_site.label_atom_id'               
11 3 'Structure model' '_atom_site.label_comp_id'               
12 3 'Structure model' '_atom_site.label_entity_id'             
13 3 'Structure model' '_atom_site.type_symbol'                 
14 3 'Structure model' '_chem_comp.mon_nstd_flag'               
15 3 'Structure model' '_chem_comp.name'                        
16 3 'Structure model' '_chem_comp.type'                        
17 3 'Structure model' '_pdbx_struct_assembly_gen.asym_id_list' 
18 3 'Structure model' '_struct_conn.pdbx_leaving_atom_flag'    
19 3 'Structure model' '_struct_conn.ptnr1_auth_asym_id'        
20 3 'Structure model' '_struct_conn.ptnr1_auth_comp_id'        
21 3 'Structure model' '_struct_conn.ptnr1_auth_seq_id'         
22 3 'Structure model' '_struct_conn.ptnr1_label_atom_id'       
23 3 'Structure model' '_struct_conn.ptnr1_label_comp_id'       
24 3 'Structure model' '_struct_conn.ptnr2_auth_asym_id'        
25 3 'Structure model' '_struct_conn.ptnr2_auth_comp_id'        
26 3 'Structure model' '_struct_conn.ptnr2_auth_seq_id'         
27 3 'Structure model' '_struct_conn.ptnr2_label_asym_id'       
28 3 'Structure model' '_struct_conn.ptnr2_label_atom_id'       
29 3 'Structure model' '_struct_conn.ptnr2_label_comp_id'       
30 3 'Structure model' '_struct_ref_seq_dif.details'            
31 4 'Structure model' '_chem_comp.pdbx_synonyms'               
32 4 'Structure model' '_database_2.pdbx_DOI'                   
33 4 'Structure model' '_database_2.pdbx_database_accession'    
# 
loop_
_software.name 
_software.classification 
_software.version 
_software.citation_id 
_software.pdbx_ordinal 
HKL-2000 'data collection' .                           ? 1 
PHASER   phasing           .                           ? 2 
PHENIX   refinement        '(phenix.refine: 1.8_1069)' ? 3 
HKL-2000 'data reduction'  .                           ? 4 
HKL-2000 'data scaling'    .                           ? 5 
# 
loop_
_pdbx_unobs_or_zero_occ_residues.id 
_pdbx_unobs_or_zero_occ_residues.PDB_model_num 
_pdbx_unobs_or_zero_occ_residues.polymer_flag 
_pdbx_unobs_or_zero_occ_residues.occupancy_flag 
_pdbx_unobs_or_zero_occ_residues.auth_asym_id 
_pdbx_unobs_or_zero_occ_residues.auth_comp_id 
_pdbx_unobs_or_zero_occ_residues.auth_seq_id 
_pdbx_unobs_or_zero_occ_residues.PDB_ins_code 
_pdbx_unobs_or_zero_occ_residues.label_asym_id 
_pdbx_unobs_or_zero_occ_residues.label_comp_id 
_pdbx_unobs_or_zero_occ_residues.label_seq_id 
1  1 Y 1 A MET -8  ? A MET 1   
2  1 Y 1 A ALA -7  ? A ALA 2   
3  1 Y 1 A ALA -6  ? A ALA 3   
4  1 Y 1 A GLY -5  ? A GLY 4   
5  1 Y 1 A SER -4  ? A SER 5   
6  1 Y 1 A ILE -3  ? A ILE 6   
7  1 Y 1 A THR -2  ? A THR 7   
8  1 Y 1 A THR -1  ? A THR 8   
9  1 Y 1 A LEU 0   ? A LEU 9   
10 1 Y 1 A PRO 1   ? A PRO 10  
11 1 Y 1 A ALA 2   ? A ALA 11  
12 1 Y 1 A LEU 3   ? A LEU 12  
13 1 Y 1 A PRO 4   ? A PRO 13  
14 1 Y 1 A GLU 5   ? A GLU 14  
15 1 Y 1 A ASP 6   ? A ASP 15  
16 1 Y 1 A GLY 7   ? A GLY 16  
17 1 Y 1 A GLY 8   ? A GLY 17  
18 1 Y 1 A SER 9   ? A SER 18  
19 1 Y 1 A GLY 10  ? A GLY 19  
20 1 Y 1 A ALA 11  ? A ALA 20  
21 1 Y 1 A PHE 12  ? A PHE 21  
22 1 Y 1 A PRO 13  ? A PRO 22  
23 1 Y 1 A PRO 14  ? A PRO 23  
24 1 Y 1 A GLY 15  ? A GLY 24  
25 1 Y 1 A HIS 16  ? A HIS 25  
26 1 Y 1 A PHE 17  ? A PHE 26  
27 1 Y 1 A LYS 18  ? A LYS 27  
28 1 Y 1 A ALA 144 ? A ALA 153 
29 1 Y 1 A LYS 145 ? A LYS 154 
30 1 Y 1 A SER 146 ? A SER 155 
# 
loop_
_chem_comp_atom.comp_id 
_chem_comp_atom.atom_id 
_chem_comp_atom.type_symbol 
_chem_comp_atom.pdbx_aromatic_flag 
_chem_comp_atom.pdbx_stereo_config 
_chem_comp_atom.pdbx_ordinal 
ALA N    N N N 1   
ALA CA   C N S 2   
ALA C    C N N 3   
ALA O    O N N 4   
ALA CB   C N N 5   
ALA OXT  O N N 6   
ALA H    H N N 7   
ALA H2   H N N 8   
ALA HA   H N N 9   
ALA HB1  H N N 10  
ALA HB2  H N N 11  
ALA HB3  H N N 12  
ALA HXT  H N N 13  
ARG N    N N N 14  
ARG CA   C N S 15  
ARG C    C N N 16  
ARG O    O N N 17  
ARG CB   C N N 18  
ARG CG   C N N 19  
ARG CD   C N N 20  
ARG NE   N N N 21  
ARG CZ   C N N 22  
ARG NH1  N N N 23  
ARG NH2  N N N 24  
ARG OXT  O N N 25  
ARG H    H N N 26  
ARG H2   H N N 27  
ARG HA   H N N 28  
ARG HB2  H N N 29  
ARG HB3  H N N 30  
ARG HG2  H N N 31  
ARG HG3  H N N 32  
ARG HD2  H N N 33  
ARG HD3  H N N 34  
ARG HE   H N N 35  
ARG HH11 H N N 36  
ARG HH12 H N N 37  
ARG HH21 H N N 38  
ARG HH22 H N N 39  
ARG HXT  H N N 40  
ASN N    N N N 41  
ASN CA   C N S 42  
ASN C    C N N 43  
ASN O    O N N 44  
ASN CB   C N N 45  
ASN CG   C N N 46  
ASN OD1  O N N 47  
ASN ND2  N N N 48  
ASN OXT  O N N 49  
ASN H    H N N 50  
ASN H2   H N N 51  
ASN HA   H N N 52  
ASN HB2  H N N 53  
ASN HB3  H N N 54  
ASN HD21 H N N 55  
ASN HD22 H N N 56  
ASN HXT  H N N 57  
ASP N    N N N 58  
ASP CA   C N S 59  
ASP C    C N N 60  
ASP O    O N N 61  
ASP CB   C N N 62  
ASP CG   C N N 63  
ASP OD1  O N N 64  
ASP OD2  O N N 65  
ASP OXT  O N N 66  
ASP H    H N N 67  
ASP H2   H N N 68  
ASP HA   H N N 69  
ASP HB2  H N N 70  
ASP HB3  H N N 71  
ASP HD2  H N N 72  
ASP HXT  H N N 73  
CYS N    N N N 74  
CYS CA   C N R 75  
CYS C    C N N 76  
CYS O    O N N 77  
CYS CB   C N N 78  
CYS SG   S N N 79  
CYS OXT  O N N 80  
CYS H    H N N 81  
CYS H2   H N N 82  
CYS HA   H N N 83  
CYS HB2  H N N 84  
CYS HB3  H N N 85  
CYS HG   H N N 86  
CYS HXT  H N N 87  
GLN N    N N N 88  
GLN CA   C N S 89  
GLN C    C N N 90  
GLN O    O N N 91  
GLN CB   C N N 92  
GLN CG   C N N 93  
GLN CD   C N N 94  
GLN OE1  O N N 95  
GLN NE2  N N N 96  
GLN OXT  O N N 97  
GLN H    H N N 98  
GLN H2   H N N 99  
GLN HA   H N N 100 
GLN HB2  H N N 101 
GLN HB3  H N N 102 
GLN HG2  H N N 103 
GLN HG3  H N N 104 
GLN HE21 H N N 105 
GLN HE22 H N N 106 
GLN HXT  H N N 107 
GLU N    N N N 108 
GLU CA   C N S 109 
GLU C    C N N 110 
GLU O    O N N 111 
GLU CB   C N N 112 
GLU CG   C N N 113 
GLU CD   C N N 114 
GLU OE1  O N N 115 
GLU OE2  O N N 116 
GLU OXT  O N N 117 
GLU H    H N N 118 
GLU H2   H N N 119 
GLU HA   H N N 120 
GLU HB2  H N N 121 
GLU HB3  H N N 122 
GLU HG2  H N N 123 
GLU HG3  H N N 124 
GLU HE2  H N N 125 
GLU HXT  H N N 126 
GLY N    N N N 127 
GLY CA   C N N 128 
GLY C    C N N 129 
GLY O    O N N 130 
GLY OXT  O N N 131 
GLY H    H N N 132 
GLY H2   H N N 133 
GLY HA2  H N N 134 
GLY HA3  H N N 135 
GLY HXT  H N N 136 
HIS N    N N N 137 
HIS CA   C N S 138 
HIS C    C N N 139 
HIS O    O N N 140 
HIS CB   C N N 141 
HIS CG   C Y N 142 
HIS ND1  N Y N 143 
HIS CD2  C Y N 144 
HIS CE1  C Y N 145 
HIS NE2  N Y N 146 
HIS OXT  O N N 147 
HIS H    H N N 148 
HIS H2   H N N 149 
HIS HA   H N N 150 
HIS HB2  H N N 151 
HIS HB3  H N N 152 
HIS HD1  H N N 153 
HIS HD2  H N N 154 
HIS HE1  H N N 155 
HIS HE2  H N N 156 
HIS HXT  H N N 157 
HOH O    O N N 158 
HOH H1   H N N 159 
HOH H2   H N N 160 
IDY S    S N N 161 
IDY C1   C N R 162 
IDY O1   O N N 163 
IDY C2   C N R 164 
IDY O2   O N N 165 
IDY C3   C N S 166 
IDY O3   O N N 167 
IDY C4   C N S 168 
IDY O4   O N N 169 
IDY C5   C N R 170 
IDY O5   O N N 171 
IDY C6   C N N 172 
IDY C7   C N N 173 
IDY O6A  O N N 174 
IDY O6B  O N N 175 
IDY OS1  O N N 176 
IDY OS2  O N N 177 
IDY OS3  O N N 178 
IDY H1   H N N 179 
IDY H2   H N N 180 
IDY H3   H N N 181 
IDY HO3  H N N 182 
IDY H4   H N N 183 
IDY HO4  H N N 184 
IDY H5   H N N 185 
IDY H7   H N N 186 
IDY H7A  H N N 187 
IDY H7B  H N N 188 
IDY HO6B H N N 189 
IDY HOS3 H N N 190 
ILE N    N N N 191 
ILE CA   C N S 192 
ILE C    C N N 193 
ILE O    O N N 194 
ILE CB   C N S 195 
ILE CG1  C N N 196 
ILE CG2  C N N 197 
ILE CD1  C N N 198 
ILE OXT  O N N 199 
ILE H    H N N 200 
ILE H2   H N N 201 
ILE HA   H N N 202 
ILE HB   H N N 203 
ILE HG12 H N N 204 
ILE HG13 H N N 205 
ILE HG21 H N N 206 
ILE HG22 H N N 207 
ILE HG23 H N N 208 
ILE HD11 H N N 209 
ILE HD12 H N N 210 
ILE HD13 H N N 211 
ILE HXT  H N N 212 
LEU N    N N N 213 
LEU CA   C N S 214 
LEU C    C N N 215 
LEU O    O N N 216 
LEU CB   C N N 217 
LEU CG   C N N 218 
LEU CD1  C N N 219 
LEU CD2  C N N 220 
LEU OXT  O N N 221 
LEU H    H N N 222 
LEU H2   H N N 223 
LEU HA   H N N 224 
LEU HB2  H N N 225 
LEU HB3  H N N 226 
LEU HG   H N N 227 
LEU HD11 H N N 228 
LEU HD12 H N N 229 
LEU HD13 H N N 230 
LEU HD21 H N N 231 
LEU HD22 H N N 232 
LEU HD23 H N N 233 
LEU HXT  H N N 234 
LYS N    N N N 235 
LYS CA   C N S 236 
LYS C    C N N 237 
LYS O    O N N 238 
LYS CB   C N N 239 
LYS CG   C N N 240 
LYS CD   C N N 241 
LYS CE   C N N 242 
LYS NZ   N N N 243 
LYS OXT  O N N 244 
LYS H    H N N 245 
LYS H2   H N N 246 
LYS HA   H N N 247 
LYS HB2  H N N 248 
LYS HB3  H N N 249 
LYS HG2  H N N 250 
LYS HG3  H N N 251 
LYS HD2  H N N 252 
LYS HD3  H N N 253 
LYS HE2  H N N 254 
LYS HE3  H N N 255 
LYS HZ1  H N N 256 
LYS HZ2  H N N 257 
LYS HZ3  H N N 258 
LYS HXT  H N N 259 
MET N    N N N 260 
MET CA   C N S 261 
MET C    C N N 262 
MET O    O N N 263 
MET CB   C N N 264 
MET CG   C N N 265 
MET SD   S N N 266 
MET CE   C N N 267 
MET OXT  O N N 268 
MET H    H N N 269 
MET H2   H N N 270 
MET HA   H N N 271 
MET HB2  H N N 272 
MET HB3  H N N 273 
MET HG2  H N N 274 
MET HG3  H N N 275 
MET HE1  H N N 276 
MET HE2  H N N 277 
MET HE3  H N N 278 
MET HXT  H N N 279 
PHE N    N N N 280 
PHE CA   C N S 281 
PHE C    C N N 282 
PHE O    O N N 283 
PHE CB   C N N 284 
PHE CG   C Y N 285 
PHE CD1  C Y N 286 
PHE CD2  C Y N 287 
PHE CE1  C Y N 288 
PHE CE2  C Y N 289 
PHE CZ   C Y N 290 
PHE OXT  O N N 291 
PHE H    H N N 292 
PHE H2   H N N 293 
PHE HA   H N N 294 
PHE HB2  H N N 295 
PHE HB3  H N N 296 
PHE HD1  H N N 297 
PHE HD2  H N N 298 
PHE HE1  H N N 299 
PHE HE2  H N N 300 
PHE HZ   H N N 301 
PHE HXT  H N N 302 
PRO N    N N N 303 
PRO CA   C N S 304 
PRO C    C N N 305 
PRO O    O N N 306 
PRO CB   C N N 307 
PRO CG   C N N 308 
PRO CD   C N N 309 
PRO OXT  O N N 310 
PRO H    H N N 311 
PRO HA   H N N 312 
PRO HB2  H N N 313 
PRO HB3  H N N 314 
PRO HG2  H N N 315 
PRO HG3  H N N 316 
PRO HD2  H N N 317 
PRO HD3  H N N 318 
PRO HXT  H N N 319 
SER N    N N N 320 
SER CA   C N S 321 
SER C    C N N 322 
SER O    O N N 323 
SER CB   C N N 324 
SER OG   O N N 325 
SER OXT  O N N 326 
SER H    H N N 327 
SER H2   H N N 328 
SER HA   H N N 329 
SER HB2  H N N 330 
SER HB3  H N N 331 
SER HG   H N N 332 
SER HXT  H N N 333 
SGN C1   C N S 334 
SGN C2   C N R 335 
SGN C3   C N R 336 
SGN C4   C N S 337 
SGN C5   C N R 338 
SGN C6   C N N 339 
SGN N2   N N N 340 
SGN O1   O N N 341 
SGN O3   O N N 342 
SGN O4   O N N 343 
SGN O5   O N N 344 
SGN O6   O N N 345 
SGN S1   S N N 346 
SGN O1S  O N N 347 
SGN O2S  O N N 348 
SGN O3S  O N N 349 
SGN S2   S N N 350 
SGN O4S  O N N 351 
SGN O5S  O N N 352 
SGN O6S  O N N 353 
SGN H1   H N N 354 
SGN H2   H N N 355 
SGN H3   H N N 356 
SGN H4   H N N 357 
SGN H5   H N N 358 
SGN H61  H N N 359 
SGN H62  H N N 360 
SGN HN21 H N N 361 
SGN HO1  H N N 362 
SGN HO3  H N N 363 
SGN HO4  H N N 364 
SGN HOS3 H N N 365 
SGN HOS6 H N N 366 
THR N    N N N 367 
THR CA   C N S 368 
THR C    C N N 369 
THR O    O N N 370 
THR CB   C N R 371 
THR OG1  O N N 372 
THR CG2  C N N 373 
THR OXT  O N N 374 
THR H    H N N 375 
THR H2   H N N 376 
THR HA   H N N 377 
THR HB   H N N 378 
THR HG1  H N N 379 
THR HG21 H N N 380 
THR HG22 H N N 381 
THR HG23 H N N 382 
THR HXT  H N N 383 
TRP N    N N N 384 
TRP CA   C N S 385 
TRP C    C N N 386 
TRP O    O N N 387 
TRP CB   C N N 388 
TRP CG   C Y N 389 
TRP CD1  C Y N 390 
TRP CD2  C Y N 391 
TRP NE1  N Y N 392 
TRP CE2  C Y N 393 
TRP CE3  C Y N 394 
TRP CZ2  C Y N 395 
TRP CZ3  C Y N 396 
TRP CH2  C Y N 397 
TRP OXT  O N N 398 
TRP H    H N N 399 
TRP H2   H N N 400 
TRP HA   H N N 401 
TRP HB2  H N N 402 
TRP HB3  H N N 403 
TRP HD1  H N N 404 
TRP HE1  H N N 405 
TRP HE3  H N N 406 
TRP HZ2  H N N 407 
TRP HZ3  H N N 408 
TRP HH2  H N N 409 
TRP HXT  H N N 410 
TYR N    N N N 411 
TYR CA   C N S 412 
TYR C    C N N 413 
TYR O    O N N 414 
TYR CB   C N N 415 
TYR CG   C Y N 416 
TYR CD1  C Y N 417 
TYR CD2  C Y N 418 
TYR CE1  C Y N 419 
TYR CE2  C Y N 420 
TYR CZ   C Y N 421 
TYR OH   O N N 422 
TYR OXT  O N N 423 
TYR H    H N N 424 
TYR H2   H N N 425 
TYR HA   H N N 426 
TYR HB2  H N N 427 
TYR HB3  H N N 428 
TYR HD1  H N N 429 
TYR HD2  H N N 430 
TYR HE1  H N N 431 
TYR HE2  H N N 432 
TYR HH   H N N 433 
TYR HXT  H N N 434 
VAL N    N N N 435 
VAL CA   C N S 436 
VAL C    C N N 437 
VAL O    O N N 438 
VAL CB   C N N 439 
VAL CG1  C N N 440 
VAL CG2  C N N 441 
VAL OXT  O N N 442 
VAL H    H N N 443 
VAL H2   H N N 444 
VAL HA   H N N 445 
VAL HB   H N N 446 
VAL HG11 H N N 447 
VAL HG12 H N N 448 
VAL HG13 H N N 449 
VAL HG21 H N N 450 
VAL HG22 H N N 451 
VAL HG23 H N N 452 
VAL HXT  H N N 453 
# 
loop_
_chem_comp_bond.comp_id 
_chem_comp_bond.atom_id_1 
_chem_comp_bond.atom_id_2 
_chem_comp_bond.value_order 
_chem_comp_bond.pdbx_aromatic_flag 
_chem_comp_bond.pdbx_stereo_config 
_chem_comp_bond.pdbx_ordinal 
ALA N   CA   sing N N 1   
ALA N   H    sing N N 2   
ALA N   H2   sing N N 3   
ALA CA  C    sing N N 4   
ALA CA  CB   sing N N 5   
ALA CA  HA   sing N N 6   
ALA C   O    doub N N 7   
ALA C   OXT  sing N N 8   
ALA CB  HB1  sing N N 9   
ALA CB  HB2  sing N N 10  
ALA CB  HB3  sing N N 11  
ALA OXT HXT  sing N N 12  
ARG N   CA   sing N N 13  
ARG N   H    sing N N 14  
ARG N   H2   sing N N 15  
ARG CA  C    sing N N 16  
ARG CA  CB   sing N N 17  
ARG CA  HA   sing N N 18  
ARG C   O    doub N N 19  
ARG C   OXT  sing N N 20  
ARG CB  CG   sing N N 21  
ARG CB  HB2  sing N N 22  
ARG CB  HB3  sing N N 23  
ARG CG  CD   sing N N 24  
ARG CG  HG2  sing N N 25  
ARG CG  HG3  sing N N 26  
ARG CD  NE   sing N N 27  
ARG CD  HD2  sing N N 28  
ARG CD  HD3  sing N N 29  
ARG NE  CZ   sing N N 30  
ARG NE  HE   sing N N 31  
ARG CZ  NH1  sing N N 32  
ARG CZ  NH2  doub N N 33  
ARG NH1 HH11 sing N N 34  
ARG NH1 HH12 sing N N 35  
ARG NH2 HH21 sing N N 36  
ARG NH2 HH22 sing N N 37  
ARG OXT HXT  sing N N 38  
ASN N   CA   sing N N 39  
ASN N   H    sing N N 40  
ASN N   H2   sing N N 41  
ASN CA  C    sing N N 42  
ASN CA  CB   sing N N 43  
ASN CA  HA   sing N N 44  
ASN C   O    doub N N 45  
ASN C   OXT  sing N N 46  
ASN CB  CG   sing N N 47  
ASN CB  HB2  sing N N 48  
ASN CB  HB3  sing N N 49  
ASN CG  OD1  doub N N 50  
ASN CG  ND2  sing N N 51  
ASN ND2 HD21 sing N N 52  
ASN ND2 HD22 sing N N 53  
ASN OXT HXT  sing N N 54  
ASP N   CA   sing N N 55  
ASP N   H    sing N N 56  
ASP N   H2   sing N N 57  
ASP CA  C    sing N N 58  
ASP CA  CB   sing N N 59  
ASP CA  HA   sing N N 60  
ASP C   O    doub N N 61  
ASP C   OXT  sing N N 62  
ASP CB  CG   sing N N 63  
ASP CB  HB2  sing N N 64  
ASP CB  HB3  sing N N 65  
ASP CG  OD1  doub N N 66  
ASP CG  OD2  sing N N 67  
ASP OD2 HD2  sing N N 68  
ASP OXT HXT  sing N N 69  
CYS N   CA   sing N N 70  
CYS N   H    sing N N 71  
CYS N   H2   sing N N 72  
CYS CA  C    sing N N 73  
CYS CA  CB   sing N N 74  
CYS CA  HA   sing N N 75  
CYS C   O    doub N N 76  
CYS C   OXT  sing N N 77  
CYS CB  SG   sing N N 78  
CYS CB  HB2  sing N N 79  
CYS CB  HB3  sing N N 80  
CYS SG  HG   sing N N 81  
CYS OXT HXT  sing N N 82  
GLN N   CA   sing N N 83  
GLN N   H    sing N N 84  
GLN N   H2   sing N N 85  
GLN CA  C    sing N N 86  
GLN CA  CB   sing N N 87  
GLN CA  HA   sing N N 88  
GLN C   O    doub N N 89  
GLN C   OXT  sing N N 90  
GLN CB  CG   sing N N 91  
GLN CB  HB2  sing N N 92  
GLN CB  HB3  sing N N 93  
GLN CG  CD   sing N N 94  
GLN CG  HG2  sing N N 95  
GLN CG  HG3  sing N N 96  
GLN CD  OE1  doub N N 97  
GLN CD  NE2  sing N N 98  
GLN NE2 HE21 sing N N 99  
GLN NE2 HE22 sing N N 100 
GLN OXT HXT  sing N N 101 
GLU N   CA   sing N N 102 
GLU N   H    sing N N 103 
GLU N   H2   sing N N 104 
GLU CA  C    sing N N 105 
GLU CA  CB   sing N N 106 
GLU CA  HA   sing N N 107 
GLU C   O    doub N N 108 
GLU C   OXT  sing N N 109 
GLU CB  CG   sing N N 110 
GLU CB  HB2  sing N N 111 
GLU CB  HB3  sing N N 112 
GLU CG  CD   sing N N 113 
GLU CG  HG2  sing N N 114 
GLU CG  HG3  sing N N 115 
GLU CD  OE1  doub N N 116 
GLU CD  OE2  sing N N 117 
GLU OE2 HE2  sing N N 118 
GLU OXT HXT  sing N N 119 
GLY N   CA   sing N N 120 
GLY N   H    sing N N 121 
GLY N   H2   sing N N 122 
GLY CA  C    sing N N 123 
GLY CA  HA2  sing N N 124 
GLY CA  HA3  sing N N 125 
GLY C   O    doub N N 126 
GLY C   OXT  sing N N 127 
GLY OXT HXT  sing N N 128 
HIS N   CA   sing N N 129 
HIS N   H    sing N N 130 
HIS N   H2   sing N N 131 
HIS CA  C    sing N N 132 
HIS CA  CB   sing N N 133 
HIS CA  HA   sing N N 134 
HIS C   O    doub N N 135 
HIS C   OXT  sing N N 136 
HIS CB  CG   sing N N 137 
HIS CB  HB2  sing N N 138 
HIS CB  HB3  sing N N 139 
HIS CG  ND1  sing Y N 140 
HIS CG  CD2  doub Y N 141 
HIS ND1 CE1  doub Y N 142 
HIS ND1 HD1  sing N N 143 
HIS CD2 NE2  sing Y N 144 
HIS CD2 HD2  sing N N 145 
HIS CE1 NE2  sing Y N 146 
HIS CE1 HE1  sing N N 147 
HIS NE2 HE2  sing N N 148 
HIS OXT HXT  sing N N 149 
HOH O   H1   sing N N 150 
HOH O   H2   sing N N 151 
IDY S   O2   sing N N 152 
IDY S   OS1  doub N N 153 
IDY S   OS2  doub N N 154 
IDY S   OS3  sing N N 155 
IDY C1  O1   sing N N 156 
IDY C1  C2   sing N N 157 
IDY C1  O5   sing N N 158 
IDY O1  C7   sing N N 159 
IDY C2  O2   sing N N 160 
IDY C2  C3   sing N N 161 
IDY C3  O3   sing N N 162 
IDY C3  C4   sing N N 163 
IDY C4  O4   sing N N 164 
IDY C4  C5   sing N N 165 
IDY C5  O5   sing N N 166 
IDY C5  C6   sing N N 167 
IDY C6  O6A  doub N N 168 
IDY C6  O6B  sing N N 169 
IDY C1  H1   sing N N 170 
IDY C2  H2   sing N N 171 
IDY C3  H3   sing N N 172 
IDY O3  HO3  sing N N 173 
IDY C4  H4   sing N N 174 
IDY O4  HO4  sing N N 175 
IDY C5  H5   sing N N 176 
IDY C7  H7   sing N N 177 
IDY C7  H7A  sing N N 178 
IDY C7  H7B  sing N N 179 
IDY O6B HO6B sing N N 180 
IDY OS3 HOS3 sing N N 181 
ILE N   CA   sing N N 182 
ILE N   H    sing N N 183 
ILE N   H2   sing N N 184 
ILE CA  C    sing N N 185 
ILE CA  CB   sing N N 186 
ILE CA  HA   sing N N 187 
ILE C   O    doub N N 188 
ILE C   OXT  sing N N 189 
ILE CB  CG1  sing N N 190 
ILE CB  CG2  sing N N 191 
ILE CB  HB   sing N N 192 
ILE CG1 CD1  sing N N 193 
ILE CG1 HG12 sing N N 194 
ILE CG1 HG13 sing N N 195 
ILE CG2 HG21 sing N N 196 
ILE CG2 HG22 sing N N 197 
ILE CG2 HG23 sing N N 198 
ILE CD1 HD11 sing N N 199 
ILE CD1 HD12 sing N N 200 
ILE CD1 HD13 sing N N 201 
ILE OXT HXT  sing N N 202 
LEU N   CA   sing N N 203 
LEU N   H    sing N N 204 
LEU N   H2   sing N N 205 
LEU CA  C    sing N N 206 
LEU CA  CB   sing N N 207 
LEU CA  HA   sing N N 208 
LEU C   O    doub N N 209 
LEU C   OXT  sing N N 210 
LEU CB  CG   sing N N 211 
LEU CB  HB2  sing N N 212 
LEU CB  HB3  sing N N 213 
LEU CG  CD1  sing N N 214 
LEU CG  CD2  sing N N 215 
LEU CG  HG   sing N N 216 
LEU CD1 HD11 sing N N 217 
LEU CD1 HD12 sing N N 218 
LEU CD1 HD13 sing N N 219 
LEU CD2 HD21 sing N N 220 
LEU CD2 HD22 sing N N 221 
LEU CD2 HD23 sing N N 222 
LEU OXT HXT  sing N N 223 
LYS N   CA   sing N N 224 
LYS N   H    sing N N 225 
LYS N   H2   sing N N 226 
LYS CA  C    sing N N 227 
LYS CA  CB   sing N N 228 
LYS CA  HA   sing N N 229 
LYS C   O    doub N N 230 
LYS C   OXT  sing N N 231 
LYS CB  CG   sing N N 232 
LYS CB  HB2  sing N N 233 
LYS CB  HB3  sing N N 234 
LYS CG  CD   sing N N 235 
LYS CG  HG2  sing N N 236 
LYS CG  HG3  sing N N 237 
LYS CD  CE   sing N N 238 
LYS CD  HD2  sing N N 239 
LYS CD  HD3  sing N N 240 
LYS CE  NZ   sing N N 241 
LYS CE  HE2  sing N N 242 
LYS CE  HE3  sing N N 243 
LYS NZ  HZ1  sing N N 244 
LYS NZ  HZ2  sing N N 245 
LYS NZ  HZ3  sing N N 246 
LYS OXT HXT  sing N N 247 
MET N   CA   sing N N 248 
MET N   H    sing N N 249 
MET N   H2   sing N N 250 
MET CA  C    sing N N 251 
MET CA  CB   sing N N 252 
MET CA  HA   sing N N 253 
MET C   O    doub N N 254 
MET C   OXT  sing N N 255 
MET CB  CG   sing N N 256 
MET CB  HB2  sing N N 257 
MET CB  HB3  sing N N 258 
MET CG  SD   sing N N 259 
MET CG  HG2  sing N N 260 
MET CG  HG3  sing N N 261 
MET SD  CE   sing N N 262 
MET CE  HE1  sing N N 263 
MET CE  HE2  sing N N 264 
MET CE  HE3  sing N N 265 
MET OXT HXT  sing N N 266 
PHE N   CA   sing N N 267 
PHE N   H    sing N N 268 
PHE N   H2   sing N N 269 
PHE CA  C    sing N N 270 
PHE CA  CB   sing N N 271 
PHE CA  HA   sing N N 272 
PHE C   O    doub N N 273 
PHE C   OXT  sing N N 274 
PHE CB  CG   sing N N 275 
PHE CB  HB2  sing N N 276 
PHE CB  HB3  sing N N 277 
PHE CG  CD1  doub Y N 278 
PHE CG  CD2  sing Y N 279 
PHE CD1 CE1  sing Y N 280 
PHE CD1 HD1  sing N N 281 
PHE CD2 CE2  doub Y N 282 
PHE CD2 HD2  sing N N 283 
PHE CE1 CZ   doub Y N 284 
PHE CE1 HE1  sing N N 285 
PHE CE2 CZ   sing Y N 286 
PHE CE2 HE2  sing N N 287 
PHE CZ  HZ   sing N N 288 
PHE OXT HXT  sing N N 289 
PRO N   CA   sing N N 290 
PRO N   CD   sing N N 291 
PRO N   H    sing N N 292 
PRO CA  C    sing N N 293 
PRO CA  CB   sing N N 294 
PRO CA  HA   sing N N 295 
PRO C   O    doub N N 296 
PRO C   OXT  sing N N 297 
PRO CB  CG   sing N N 298 
PRO CB  HB2  sing N N 299 
PRO CB  HB3  sing N N 300 
PRO CG  CD   sing N N 301 
PRO CG  HG2  sing N N 302 
PRO CG  HG3  sing N N 303 
PRO CD  HD2  sing N N 304 
PRO CD  HD3  sing N N 305 
PRO OXT HXT  sing N N 306 
SER N   CA   sing N N 307 
SER N   H    sing N N 308 
SER N   H2   sing N N 309 
SER CA  C    sing N N 310 
SER CA  CB   sing N N 311 
SER CA  HA   sing N N 312 
SER C   O    doub N N 313 
SER C   OXT  sing N N 314 
SER CB  OG   sing N N 315 
SER CB  HB2  sing N N 316 
SER CB  HB3  sing N N 317 
SER OG  HG   sing N N 318 
SER OXT HXT  sing N N 319 
SGN C1  C2   sing N N 320 
SGN C1  O1   sing N N 321 
SGN C1  O5   sing N N 322 
SGN C1  H1   sing N N 323 
SGN C2  C3   sing N N 324 
SGN C2  N2   sing N N 325 
SGN C2  H2   sing N N 326 
SGN C3  C4   sing N N 327 
SGN C3  O3   sing N N 328 
SGN C3  H3   sing N N 329 
SGN C4  C5   sing N N 330 
SGN C4  O4   sing N N 331 
SGN C4  H4   sing N N 332 
SGN C5  C6   sing N N 333 
SGN C5  O5   sing N N 334 
SGN C5  H5   sing N N 335 
SGN C6  O6   sing N N 336 
SGN C6  H61  sing N N 337 
SGN C6  H62  sing N N 338 
SGN N2  S1   sing N N 339 
SGN N2  HN21 sing N N 340 
SGN O1  HO1  sing N N 341 
SGN O3  HO3  sing N N 342 
SGN O4  HO4  sing N N 343 
SGN O6  S2   sing N N 344 
SGN S1  O1S  doub N N 345 
SGN S1  O2S  doub N N 346 
SGN S1  O3S  sing N N 347 
SGN O3S HOS3 sing N N 348 
SGN S2  O4S  doub N N 349 
SGN S2  O5S  doub N N 350 
SGN S2  O6S  sing N N 351 
SGN O6S HOS6 sing N N 352 
THR N   CA   sing N N 353 
THR N   H    sing N N 354 
THR N   H2   sing N N 355 
THR CA  C    sing N N 356 
THR CA  CB   sing N N 357 
THR CA  HA   sing N N 358 
THR C   O    doub N N 359 
THR C   OXT  sing N N 360 
THR CB  OG1  sing N N 361 
THR CB  CG2  sing N N 362 
THR CB  HB   sing N N 363 
THR OG1 HG1  sing N N 364 
THR CG2 HG21 sing N N 365 
THR CG2 HG22 sing N N 366 
THR CG2 HG23 sing N N 367 
THR OXT HXT  sing N N 368 
TRP N   CA   sing N N 369 
TRP N   H    sing N N 370 
TRP N   H2   sing N N 371 
TRP CA  C    sing N N 372 
TRP CA  CB   sing N N 373 
TRP CA  HA   sing N N 374 
TRP C   O    doub N N 375 
TRP C   OXT  sing N N 376 
TRP CB  CG   sing N N 377 
TRP CB  HB2  sing N N 378 
TRP CB  HB3  sing N N 379 
TRP CG  CD1  doub Y N 380 
TRP CG  CD2  sing Y N 381 
TRP CD1 NE1  sing Y N 382 
TRP CD1 HD1  sing N N 383 
TRP CD2 CE2  doub Y N 384 
TRP CD2 CE3  sing Y N 385 
TRP NE1 CE2  sing Y N 386 
TRP NE1 HE1  sing N N 387 
TRP CE2 CZ2  sing Y N 388 
TRP CE3 CZ3  doub Y N 389 
TRP CE3 HE3  sing N N 390 
TRP CZ2 CH2  doub Y N 391 
TRP CZ2 HZ2  sing N N 392 
TRP CZ3 CH2  sing Y N 393 
TRP CZ3 HZ3  sing N N 394 
TRP CH2 HH2  sing N N 395 
TRP OXT HXT  sing N N 396 
TYR N   CA   sing N N 397 
TYR N   H    sing N N 398 
TYR N   H2   sing N N 399 
TYR CA  C    sing N N 400 
TYR CA  CB   sing N N 401 
TYR CA  HA   sing N N 402 
TYR C   O    doub N N 403 
TYR C   OXT  sing N N 404 
TYR CB  CG   sing N N 405 
TYR CB  HB2  sing N N 406 
TYR CB  HB3  sing N N 407 
TYR CG  CD1  doub Y N 408 
TYR CG  CD2  sing Y N 409 
TYR CD1 CE1  sing Y N 410 
TYR CD1 HD1  sing N N 411 
TYR CD2 CE2  doub Y N 412 
TYR CD2 HD2  sing N N 413 
TYR CE1 CZ   doub Y N 414 
TYR CE1 HE1  sing N N 415 
TYR CE2 CZ   sing Y N 416 
TYR CE2 HE2  sing N N 417 
TYR CZ  OH   sing N N 418 
TYR OH  HH   sing N N 419 
TYR OXT HXT  sing N N 420 
VAL N   CA   sing N N 421 
VAL N   H    sing N N 422 
VAL N   H2   sing N N 423 
VAL CA  C    sing N N 424 
VAL CA  CB   sing N N 425 
VAL CA  HA   sing N N 426 
VAL C   O    doub N N 427 
VAL C   OXT  sing N N 428 
VAL CB  CG1  sing N N 429 
VAL CB  CG2  sing N N 430 
VAL CB  HB   sing N N 431 
VAL CG1 HG11 sing N N 432 
VAL CG1 HG12 sing N N 433 
VAL CG1 HG13 sing N N 434 
VAL CG2 HG21 sing N N 435 
VAL CG2 HG22 sing N N 436 
VAL CG2 HG23 sing N N 437 
VAL OXT HXT  sing N N 438 
# 
loop_
_pdbx_branch_scheme.asym_id 
_pdbx_branch_scheme.entity_id 
_pdbx_branch_scheme.mon_id 
_pdbx_branch_scheme.num 
_pdbx_branch_scheme.pdb_asym_id 
_pdbx_branch_scheme.pdb_mon_id 
_pdbx_branch_scheme.pdb_seq_num 
_pdbx_branch_scheme.auth_asym_id 
_pdbx_branch_scheme.auth_mon_id 
_pdbx_branch_scheme.auth_seq_num 
_pdbx_branch_scheme.hetero 
B 2 IDY 1 B IDY 1 D IDY 142 n 
B 2 SGN 2 B SGN 2 D SGN 141 n 
# 
loop_
_pdbx_chem_comp_identifier.comp_id 
_pdbx_chem_comp_identifier.type 
_pdbx_chem_comp_identifier.program 
_pdbx_chem_comp_identifier.program_version 
_pdbx_chem_comp_identifier.identifier 
SGN 'CONDENSED IUPAC CARBOHYDRATE SYMBOL' GMML     1.0 'DGlcpNS[6S]a'                    
SGN 'COMMON NAME'                         GMML     1.0 N-sulfo-6-sulfo-a-D-glucopyranose 
SGN 'IUPAC CARBOHYDRATE SYMBOL'           PDB-CARE 1.0 a-D-GlcpNSO36SO3                  
# 
_pdbx_entity_branch.entity_id   2 
_pdbx_entity_branch.type        oligosaccharide 
# 
loop_
_pdbx_entity_branch_descriptor.ordinal 
_pdbx_entity_branch_descriptor.entity_id 
_pdbx_entity_branch_descriptor.descriptor 
_pdbx_entity_branch_descriptor.type 
_pdbx_entity_branch_descriptor.program 
_pdbx_entity_branch_descriptor.program_version 
1 2 'WURCS=2.0/2,2,1/[a2121A-1a_1-5_1*OC_2*OSO/3=O/3=O][a2122h-1a_1-5_2*NSO/3=O/3=O_6*OSO/3=O/3=O]/1-2/a4-b1' WURCS  PDB2Glycan 
1.1.0 
2 2 '[][methyl]{[(1+1)][a-L-IdopA2SO3]{[(4+1)][a-D-GlcpNSO36SO3]{}}}'                                         LINUCS PDB-CARE   ? 
# 
_pdbx_entity_branch_link.link_id                    1 
_pdbx_entity_branch_link.entity_id                  2 
_pdbx_entity_branch_link.entity_branch_list_num_1   2 
_pdbx_entity_branch_link.comp_id_1                  SGN 
_pdbx_entity_branch_link.atom_id_1                  C1 
_pdbx_entity_branch_link.leaving_atom_id_1          O1 
_pdbx_entity_branch_link.entity_branch_list_num_2   1 
_pdbx_entity_branch_link.comp_id_2                  IDY 
_pdbx_entity_branch_link.atom_id_2                  O4 
_pdbx_entity_branch_link.leaving_atom_id_2          HO4 
_pdbx_entity_branch_link.value_order                sing 
_pdbx_entity_branch_link.details                    ? 
# 
loop_
_pdbx_entity_branch_list.entity_id 
_pdbx_entity_branch_list.comp_id 
_pdbx_entity_branch_list.num 
_pdbx_entity_branch_list.hetero 
2 IDY 1 n 
2 SGN 2 n 
# 
_pdbx_entity_nonpoly.entity_id   3 
_pdbx_entity_nonpoly.name        water 
_pdbx_entity_nonpoly.comp_id     HOH 
# 
_pdbx_initial_refinement_model.id               1 
_pdbx_initial_refinement_model.entity_id_list   ? 
_pdbx_initial_refinement_model.type             'experimental model' 
_pdbx_initial_refinement_model.source_name      PDB 
_pdbx_initial_refinement_model.accession_code   1BFC 
_pdbx_initial_refinement_model.details          'PDB ENTRY 1BFC' 
# 
